data_4CEJ
#
_entry.id   4CEJ
#
_cell.length_a   77.437
_cell.length_b   152.941
_cell.length_c   125.244
_cell.angle_alpha   90.00
_cell.angle_beta   94.30
_cell.angle_gamma   90.00
#
_symmetry.space_group_name_H-M   'P 1 21 1'
#
loop_
_entity.id
_entity.type
_entity.pdbx_description
1 polymer 'ATP-DEPENDENT HELICASE/NUCLEASE SUBUNIT A'
2 polymer 'ATP-DEPENDENT HELICASE/DEOXYRIBONUCLEASE SUBUNIT B'
3 polymer DNA
4 non-polymer 'PHOSPHOAMINOPHOSPHONIC ACID-ADENYLATE ESTER'
5 non-polymer 'MAGNESIUM ION'
6 non-polymer 'IRON/SULFUR CLUSTER'
7 water water
#
loop_
_entity_poly.entity_id
_entity_poly.type
_entity_poly.pdbx_seq_one_letter_code
_entity_poly.pdbx_strand_id
1 'polypeptide(L)'
;MNIPKPADSTWTDDQWNAIVSTGQDILVAAAAGSGKTAVLVERMIRKITAEENPIDVDRLLVVTFTNASAAEMKHRIAEA
LEKELVQRPGSLHIRRQLSLLNRASISTLHSFCLQVLKKYYYLIDLDPGFRIADQTEGELIGDEVLDELFEDEYAKGEKA
FFELVDRYTTDRHDLDLQFLVKQVYEYSRSHPNPEAWLESFVHLYDVSEKSAIEELPFYQYVKEDIAMVLNGAKEKLLRA
LELTKAPGGPAPRADNFLDDLAQIDELIQHQDDFSELYKRVPAVSFKRAKAVKGDEFDPALLDEATDLRNGAKKLLEKLK
TDYFTRSPEQHLKSLAEMKPVIETLVQLVISYGKRFEAAKQEKSIIDFSDLEHYCLAILTAENDKGEREPSEAARFYQEQ
FHEVLVDEYQDTNLVQESILQLVTSGPEETGNLFMVGDVKQSIYRFRLAEPLLFLSKYKRFTESGEGTGRKIDLNKNFRS
RADILDSTNFLFKQLMGGKIGEVDYDEQAELKLGAAYPDNDETETELLLIDNAEDTDASEEAEELETVQFEAKAIAKEIR
KLISSPFKVYDGKKKTHRNIQYRDIVILLRSMPWAPQIMEELRAQGIPVYANLTSGYFEAVEVAVALSVLKVIDNPYQDI
PLASVLRSPIVGADENELSLIRLENKKAPYYEAMKDYLAAGDRSDELYQKLNTFYGHLQKWRAFSKNHSVSELIWEVYRD
TKYMDYVGGMPGGKQRQANLRVLYDRARQYESTAFRGLFRFLRFIERMQERGDDLGTARGLSEQEDVVRLMTIHSSKGLE
FPVVFVAGLGRNFNMMDLNKSYLLDKELGFGTKYIHPQLRISYPTLPLIAMKKKMRRELLSEELRVLYVALTRAKEKLFL
IGSCKDHQKQLAKWQASASQTDWLLPEFDRYQARTYLDFIGPALARHRDLGDLAGVPAHADISGHPARFAVQMIHSYDLL
DDDLEERMEEKSERLEAIRRGEPVPGSFAFDEKAREQLSWTYPHQEVTQIRTKQSVSEIKRKREYEDEYSGRAPVKPADG
SILYRRPAFMMKKGLTAAEKGTAMHTVMQHIPLSHVPSIEEAEQTVHRLYEKELLTEEQKDAIDIEEIVQFFHTEIGGQL
IGAKWKDREIPFSLALPAKEIYPDAHEADEPLLVQGIIDCLYETEDGLYLLAYKSDRIEGKFQHGFEGAAPILKKRYETQ
IQLYTKAVEQIAKTKVKGCALYFFDGGHILTL
;
A
2 'polypeptide(L)'
;MGAEFLVGRSGSGKTKLIINSIQDELRRAPFGKPIIFLVPDQMTFLMEYELAKTPDMGGMIRAQVFSFSRLAWRVLQHTG
GMSRPFLTSTGVQMLLRKLIEEHKQEFKVYQKASDKSGFTAQVERMLTEFKRYCLEPEDIRRMAESGTASEYRGERVLSE
KLHDLSILYQQMEKSLADQYLHSEDYLTLLAEHIPLAEDIKGAHIYVDGFYQFTPQEFRVLEQLMVHAEHITFSLTADKP
SYEREPHELELFRMTGKTYYRLHQKAKELNLDITYKELSGTERHTKTPELAHLEAQYEARPAIPYAEKQEALTVMQAANR
RAELEGIAREIHALVREKGYRYKDVAILARQPEDYKDMVKEVFADYEIPYFIDGKASMLNHPLIEFIRSSLDVLKGNWRY
EAVFRCVKTELLFPLNEPKAKVREQVDQLENYCIAYGIKGDRWTKGDRFQYRRFVSLDDDFAQTDQEIEMENMLNDTRDW
IVPPLFQLQKRMKKAKTVQEKAEALYRYLEETDVPLKLDQERQRAEDDGRIIEAQQHQQAWDAVIQLLEEFVEMMGDDEI
SLDLFQQMIEAGAESLTFSLIPPALDQVFVGNMDLSRMYGTSCTFVLGANDGVLPARPDENGVLSDDDREWLKTIGVELS
SGGRERLLDEHFLIYMAFSSPSDRLYVSYPIADAEGKTLLPSMIVKRLEELFPHHKERLLTNEPEQVSDEEQLMYVVNKS
VAQSFTASQLRLWTREYDISDVWWSTYNVLMSEQDRLQSKKLFSSLFFRNEVKQLERSVSRQLYGERIQGSVSRMETFNA
CPFSHFASHGLHLKERQFFKLEAPDIGQLFHSSLKLISDRLRDEKLDWRDLTKEQCELFSYDAVERLAPKLQKEILLSSN
RHYYVKEKLQKIVTRVSGILSEHAKASGFVPIGLELGFGGKGPLPPLTFQLKNGCTMELVGRIDRVDKAESSKGLLLRIV
AYKSSDKGLDLAEVYYGLALQMLTYLDLSITHSADWLGMRATPAGVLYFHIHDPMIQSNLPLGLDEIEQEIFKKFKMKGL
LLGDQEVVRLMDTTLQEGRSNIINAGLKKDGSLRSDSAAVGEKEFDLLTKHVRRTFQEAGEQITDGRVSIEPYKMKNKTP
CTYCAFKSVCQFDESLEENEYRPLKAEKDKTILEWIKKEADGNEHS
;
B
3 'polydeoxyribonucleotide'
;(DT)(DT)(DT)(DT)(DT)(DT)(DT)(DC)(DT)(DA)(DA)(DT)(DG)(DC)(DG)(DA)(DG)(DC)(DA)(DC)
(DT)(DG)(DC)(DT)(DA)(DT)(DT)(DC)(DC)(DC)(DT)(DA)(DG)(DC)(DA)(DG)(DT)(DG)(DC)(DT)
(DC)(DG)(DC)(DA)(DT)(DT)(DA)(DG)(DA)(DT)(DT)(DT)(DT)(DG)(DT)(DT)(DT)(DT)(DT)(DT)
(DT)(DA)(DG)(DC)(DG)(DG)(DT)(DT)(DT)(DT)
;
X
#
loop_
_chem_comp.id
_chem_comp.type
_chem_comp.name
_chem_comp.formula
ANP non-polymer 'PHOSPHOAMINOPHOSPHONIC ACID-ADENYLATE ESTER' 'C10 H17 N6 O12 P3'
DA DNA linking 2'-DEOXYADENOSINE-5'-MONOPHOSPHATE 'C10 H14 N5 O6 P'
DC DNA linking 2'-DEOXYCYTIDINE-5'-MONOPHOSPHATE 'C9 H14 N3 O7 P'
DG DNA linking 2'-DEOXYGUANOSINE-5'-MONOPHOSPHATE 'C10 H14 N5 O7 P'
DT DNA linking THYMIDINE-5'-MONOPHOSPHATE 'C10 H15 N2 O8 P'
MG non-polymer 'MAGNESIUM ION' 'Mg 2'
SF4 non-polymer 'IRON/SULFUR CLUSTER' 'Fe4 S4'
#
# COMPACT_ATOMS: atom_id res chain seq x y z
N THR A 10 -44.36 6.32 10.31
CA THR A 10 -44.26 7.79 10.27
C THR A 10 -43.75 8.30 8.93
N TRP A 11 -43.78 7.44 7.91
CA TRP A 11 -43.37 7.83 6.57
C TRP A 11 -44.24 8.96 6.03
N THR A 12 -43.63 9.87 5.30
CA THR A 12 -44.37 10.89 4.55
C THR A 12 -45.03 10.20 3.36
N ASP A 13 -46.08 10.81 2.83
CA ASP A 13 -46.79 10.26 1.69
C ASP A 13 -45.86 10.04 0.49
N ASP A 14 -45.04 11.04 0.19
CA ASP A 14 -44.09 10.94 -0.90
C ASP A 14 -43.09 9.82 -0.67
N GLN A 15 -42.58 9.72 0.56
CA GLN A 15 -41.65 8.68 0.94
C GLN A 15 -42.22 7.30 0.64
N TRP A 16 -43.46 7.09 1.08
CA TRP A 16 -44.15 5.83 0.88
C TRP A 16 -44.37 5.57 -0.61
N ASN A 17 -44.66 6.64 -1.34
CA ASN A 17 -44.79 6.56 -2.79
C ASN A 17 -43.52 5.99 -3.39
N ALA A 18 -42.39 6.43 -2.89
CA ALA A 18 -41.09 5.96 -3.36
C ALA A 18 -40.82 4.52 -2.92
N ILE A 19 -41.25 4.18 -1.71
CA ILE A 19 -40.97 2.86 -1.13
C ILE A 19 -41.75 1.73 -1.83
N VAL A 20 -42.91 2.06 -2.41
CA VAL A 20 -43.80 1.05 -2.96
C VAL A 20 -43.87 1.06 -4.49
N SER A 21 -43.66 2.22 -5.10
CA SER A 21 -43.77 2.36 -6.56
C SER A 21 -42.94 1.35 -7.35
N THR A 22 -43.49 0.86 -8.46
CA THR A 22 -42.85 -0.20 -9.24
C THR A 22 -43.12 -0.03 -10.75
N GLY A 23 -42.56 -0.92 -11.56
CA GLY A 23 -42.94 -1.05 -12.96
C GLY A 23 -42.14 -0.24 -13.95
N GLN A 24 -41.40 0.74 -13.45
CA GLN A 24 -40.67 1.65 -14.31
C GLN A 24 -39.44 2.20 -13.59
N ASP A 25 -38.50 2.78 -14.33
CA ASP A 25 -37.35 3.44 -13.73
C ASP A 25 -37.85 4.57 -12.82
N ILE A 26 -37.29 4.64 -11.62
CA ILE A 26 -37.71 5.63 -10.64
C ILE A 26 -36.55 6.51 -10.18
N LEU A 27 -36.70 7.81 -10.35
CA LEU A 27 -35.74 8.76 -9.81
C LEU A 27 -36.35 9.50 -8.64
N VAL A 28 -35.69 9.47 -7.49
CA VAL A 28 -36.15 10.20 -6.33
C VAL A 28 -35.26 11.42 -6.08
N ALA A 29 -35.81 12.59 -6.34
CA ALA A 29 -35.08 13.84 -6.17
C ALA A 29 -35.60 14.61 -4.96
N ALA A 30 -34.67 15.05 -4.12
CA ALA A 30 -35.02 15.80 -2.92
C ALA A 30 -33.78 16.42 -2.30
N ALA A 31 -33.98 17.46 -1.51
CA ALA A 31 -32.87 18.13 -0.84
C ALA A 31 -32.25 17.25 0.25
N ALA A 32 -31.48 17.86 1.13
CA ALA A 32 -30.80 17.11 2.19
C ALA A 32 -31.77 16.68 3.29
N GLY A 33 -31.53 15.49 3.82
CA GLY A 33 -32.32 14.96 4.93
C GLY A 33 -33.77 14.68 4.60
N SER A 34 -34.01 14.08 3.42
CA SER A 34 -35.36 13.78 3.00
C SER A 34 -35.74 12.32 3.27
N GLY A 35 -34.75 11.52 3.67
CA GLY A 35 -34.98 10.12 3.93
C GLY A 35 -34.86 9.26 2.68
N LYS A 36 -34.17 9.79 1.66
CA LYS A 36 -33.93 9.06 0.42
C LYS A 36 -33.26 7.73 0.70
N THR A 37 -32.18 7.77 1.48
CA THR A 37 -31.45 6.57 1.86
C THR A 37 -32.31 5.65 2.70
N ALA A 38 -33.08 6.25 3.62
CA ALA A 38 -34.03 5.49 4.43
C ALA A 38 -35.12 4.85 3.59
N VAL A 39 -35.67 5.62 2.64
CA VAL A 39 -36.65 5.10 1.69
C VAL A 39 -36.10 3.89 0.95
N LEU A 40 -34.85 4.00 0.52
CA LEU A 40 -34.18 2.93 -0.22
C LEU A 40 -34.10 1.67 0.62
N VAL A 41 -33.63 1.82 1.86
CA VAL A 41 -33.50 0.71 2.78
C VAL A 41 -34.83 -0.02 2.98
N GLU A 42 -35.87 0.74 3.33
CA GLU A 42 -37.18 0.15 3.59
C GLU A 42 -37.79 -0.43 2.31
N ARG A 43 -37.44 0.12 1.15
CA ARG A 43 -37.90 -0.45 -0.11
C ARG A 43 -37.33 -1.86 -0.27
N MET A 44 -36.06 -1.99 0.05
CA MET A 44 -35.37 -3.29 0.04
C MET A 44 -36.03 -4.27 1.00
N ILE A 45 -36.12 -3.86 2.27
CA ILE A 45 -36.78 -4.65 3.31
C ILE A 45 -38.16 -5.12 2.88
N ARG A 46 -39.00 -4.17 2.50
CA ARG A 46 -40.36 -4.44 2.05
C ARG A 46 -40.39 -5.46 0.93
N LYS A 47 -39.49 -5.28 -0.03
CA LYS A 47 -39.39 -6.18 -1.19
C LYS A 47 -39.15 -7.63 -0.77
N ILE A 48 -38.28 -7.81 0.22
CA ILE A 48 -37.89 -9.13 0.68
C ILE A 48 -38.91 -9.70 1.67
N THR A 49 -39.21 -8.94 2.72
CA THR A 49 -40.14 -9.40 3.75
C THR A 49 -41.59 -9.15 3.36
N ALA A 50 -42.05 -9.82 2.31
CA ALA A 50 -43.41 -9.62 1.83
C ALA A 50 -44.18 -10.93 1.83
N GLU A 51 -45.38 -10.92 2.42
CA GLU A 51 -46.24 -12.09 2.42
C GLU A 51 -46.79 -12.37 1.03
N GLU A 52 -47.18 -11.31 0.32
CA GLU A 52 -47.82 -11.46 -0.98
C GLU A 52 -46.87 -11.97 -2.05
N ASN A 53 -45.72 -11.33 -2.20
CA ASN A 53 -44.72 -11.78 -3.16
C ASN A 53 -43.31 -11.60 -2.63
N PRO A 54 -42.61 -12.73 -2.38
CA PRO A 54 -41.28 -12.73 -1.77
C PRO A 54 -40.15 -12.83 -2.81
N ILE A 55 -39.10 -12.02 -2.63
CA ILE A 55 -37.92 -12.14 -3.46
C ILE A 55 -36.67 -12.27 -2.58
N ASP A 56 -35.73 -13.09 -3.02
CA ASP A 56 -34.50 -13.32 -2.29
C ASP A 56 -33.57 -12.11 -2.37
N VAL A 57 -32.78 -11.89 -1.33
CA VAL A 57 -31.93 -10.71 -1.26
C VAL A 57 -30.85 -10.69 -2.35
N ASP A 58 -30.46 -11.88 -2.81
CA ASP A 58 -29.45 -11.99 -3.86
C ASP A 58 -30.08 -11.81 -5.24
N ARG A 59 -31.30 -11.29 -5.27
CA ARG A 59 -31.98 -11.00 -6.53
C ARG A 59 -32.10 -9.51 -6.71
N LEU A 60 -31.32 -8.76 -5.94
CA LEU A 60 -31.27 -7.31 -6.03
C LEU A 60 -29.83 -6.81 -6.10
N LEU A 61 -29.61 -5.74 -6.86
CA LEU A 61 -28.30 -5.12 -6.93
C LEU A 61 -28.36 -3.72 -6.34
N VAL A 62 -27.70 -3.52 -5.21
CA VAL A 62 -27.67 -2.22 -4.55
C VAL A 62 -26.30 -1.62 -4.67
N VAL A 63 -26.18 -0.50 -5.35
CA VAL A 63 -24.86 0.09 -5.53
C VAL A 63 -24.76 1.37 -4.70
N THR A 64 -23.92 1.31 -3.68
CA THR A 64 -23.69 2.44 -2.79
C THR A 64 -22.42 3.17 -3.20
N PHE A 65 -22.18 4.32 -2.59
CA PHE A 65 -21.04 5.14 -2.96
C PHE A 65 -19.78 4.72 -2.23
N THR A 66 -19.96 4.28 -0.99
CA THR A 66 -18.85 3.88 -0.15
C THR A 66 -19.06 2.47 0.39
N ASN A 67 -17.97 1.78 0.71
CA ASN A 67 -18.08 0.44 1.29
C ASN A 67 -18.79 0.47 2.64
N ALA A 68 -18.58 1.54 3.40
CA ALA A 68 -19.23 1.71 4.69
C ALA A 68 -20.75 1.77 4.54
N SER A 69 -21.22 2.49 3.53
CA SER A 69 -22.64 2.61 3.26
C SER A 69 -23.26 1.24 2.96
N ALA A 70 -22.51 0.41 2.24
CA ALA A 70 -22.96 -0.93 1.90
C ALA A 70 -23.14 -1.77 3.15
N ALA A 71 -22.12 -1.77 4.01
CA ALA A 71 -22.16 -2.50 5.28
C ALA A 71 -23.32 -2.01 6.15
N GLU A 72 -23.46 -0.69 6.23
CA GLU A 72 -24.56 -0.07 6.97
C GLU A 72 -25.91 -0.57 6.48
N MET A 73 -26.07 -0.63 5.16
CA MET A 73 -27.30 -1.16 4.57
C MET A 73 -27.52 -2.60 5.02
N LYS A 74 -26.47 -3.40 4.97
CA LYS A 74 -26.53 -4.81 5.33
C LYS A 74 -27.07 -5.00 6.75
N HIS A 75 -26.64 -4.13 7.67
CA HIS A 75 -27.06 -4.23 9.06
C HIS A 75 -28.49 -3.70 9.25
N ARG A 76 -28.74 -2.49 8.79
CA ARG A 76 -30.08 -1.90 8.87
C ARG A 76 -31.13 -2.82 8.27
N ILE A 77 -30.67 -3.71 7.39
CA ILE A 77 -31.53 -4.74 6.80
C ILE A 77 -31.69 -5.93 7.74
N ALA A 78 -30.56 -6.47 8.20
CA ALA A 78 -30.53 -7.66 9.06
C ALA A 78 -31.42 -7.52 10.28
N GLU A 79 -31.41 -6.33 10.87
CA GLU A 79 -32.19 -6.04 12.06
C GLU A 79 -33.68 -6.10 11.76
N ALA A 80 -34.08 -5.48 10.66
CA ALA A 80 -35.48 -5.52 10.23
C ALA A 80 -35.92 -6.95 9.97
N LEU A 81 -35.02 -7.74 9.40
CA LEU A 81 -35.27 -9.16 9.18
C LEU A 81 -35.53 -9.88 10.49
N GLU A 82 -34.82 -9.47 11.53
CA GLU A 82 -34.94 -10.10 12.85
C GLU A 82 -36.27 -9.75 13.50
N LYS A 83 -36.68 -8.50 13.39
CA LYS A 83 -37.96 -8.07 13.93
C LYS A 83 -39.08 -8.84 13.25
N GLU A 84 -39.00 -8.94 11.93
CA GLU A 84 -39.94 -9.71 11.14
C GLU A 84 -39.95 -11.19 11.57
N LEU A 85 -38.79 -11.66 12.02
CA LEU A 85 -38.66 -13.05 12.43
C LEU A 85 -39.27 -13.28 13.81
N VAL A 86 -39.11 -12.31 14.70
CA VAL A 86 -39.74 -12.40 16.01
C VAL A 86 -41.26 -12.46 15.87
N GLN A 87 -41.79 -11.65 14.96
CA GLN A 87 -43.24 -11.60 14.72
C GLN A 87 -43.72 -12.86 14.02
N ARG A 88 -42.90 -13.39 13.11
CA ARG A 88 -43.27 -14.60 12.38
C ARG A 88 -42.18 -15.68 12.47
N PRO A 89 -42.22 -16.49 13.53
CA PRO A 89 -41.20 -17.53 13.73
C PRO A 89 -41.26 -18.64 12.68
N GLY A 90 -42.46 -19.01 12.27
CA GLY A 90 -42.65 -20.13 11.35
C GLY A 90 -42.03 -19.92 9.98
N SER A 91 -41.79 -18.66 9.62
CA SER A 91 -41.31 -18.31 8.28
C SER A 91 -39.99 -19.00 7.93
N LEU A 92 -40.05 -19.82 6.90
CA LEU A 92 -38.87 -20.46 6.33
C LEU A 92 -38.09 -19.44 5.51
N HIS A 93 -38.83 -18.60 4.80
CA HIS A 93 -38.28 -17.65 3.85
C HIS A 93 -37.41 -16.59 4.50
N ILE A 94 -38.02 -15.80 5.38
CA ILE A 94 -37.32 -14.74 6.11
C ILE A 94 -36.08 -15.29 6.79
N ARG A 95 -36.19 -16.48 7.35
CA ARG A 95 -35.05 -17.19 7.91
C ARG A 95 -33.92 -17.34 6.88
N ARG A 96 -34.28 -17.76 5.67
CA ARG A 96 -33.30 -17.99 4.62
C ARG A 96 -32.69 -16.67 4.15
N GLN A 97 -33.49 -15.62 4.17
CA GLN A 97 -33.03 -14.30 3.76
C GLN A 97 -31.93 -13.80 4.67
N LEU A 98 -32.11 -14.02 5.97
CA LEU A 98 -31.10 -13.67 6.97
C LEU A 98 -29.75 -14.30 6.66
N SER A 99 -29.79 -15.46 6.03
CA SER A 99 -28.58 -16.16 5.61
C SER A 99 -28.05 -15.61 4.29
N LEU A 100 -28.94 -15.29 3.37
CA LEU A 100 -28.56 -14.84 2.03
C LEU A 100 -27.85 -13.49 2.05
N LEU A 101 -27.95 -12.79 3.19
CA LEU A 101 -27.42 -11.44 3.31
C LEU A 101 -25.92 -11.38 3.09
N ASN A 102 -25.23 -12.51 3.31
CA ASN A 102 -23.80 -12.59 3.11
C ASN A 102 -23.47 -12.92 1.66
N ARG A 103 -24.51 -13.28 0.90
CA ARG A 103 -24.38 -13.62 -0.50
C ARG A 103 -24.95 -12.48 -1.35
N ALA A 104 -25.20 -11.36 -0.70
CA ALA A 104 -25.95 -10.26 -1.29
C ALA A 104 -25.07 -9.29 -2.05
N SER A 105 -25.62 -8.74 -3.13
CA SER A 105 -24.92 -7.77 -3.95
C SER A 105 -25.20 -6.34 -3.50
N ILE A 106 -24.73 -6.02 -2.30
CA ILE A 106 -24.84 -4.66 -1.77
C ILE A 106 -23.45 -4.07 -1.56
N SER A 107 -23.02 -3.21 -2.48
CA SER A 107 -21.66 -2.70 -2.47
C SER A 107 -21.49 -1.44 -3.30
N THR A 108 -20.23 -1.08 -3.58
CA THR A 108 -19.94 -0.04 -4.56
C THR A 108 -19.98 -0.65 -5.95
N LEU A 109 -20.01 0.21 -6.97
CA LEU A 109 -20.04 -0.28 -8.34
C LEU A 109 -18.72 -0.97 -8.68
N HIS A 110 -17.66 -0.53 -8.04
CA HIS A 110 -16.33 -1.12 -8.22
C HIS A 110 -16.32 -2.58 -7.79
N SER A 111 -16.97 -2.86 -6.66
CA SER A 111 -17.05 -4.21 -6.15
C SER A 111 -17.81 -5.12 -7.09
N PHE A 112 -18.92 -4.61 -7.64
CA PHE A 112 -19.71 -5.35 -8.61
C PHE A 112 -18.88 -5.63 -9.85
N CYS A 113 -18.16 -4.62 -10.31
CA CYS A 113 -17.25 -4.77 -11.44
C CYS A 113 -16.25 -5.88 -11.17
N LEU A 114 -15.74 -5.93 -9.95
CA LEU A 114 -14.76 -6.94 -9.56
C LEU A 114 -15.35 -8.35 -9.65
N GLN A 115 -16.60 -8.48 -9.22
CA GLN A 115 -17.28 -9.77 -9.31
C GLN A 115 -17.50 -10.16 -10.77
N VAL A 116 -17.79 -9.17 -11.60
CA VAL A 116 -18.00 -9.40 -13.04
C VAL A 116 -16.71 -9.90 -13.69
N LEU A 117 -15.61 -9.20 -13.43
CA LEU A 117 -14.32 -9.57 -14.01
C LEU A 117 -13.93 -10.98 -13.56
N LYS A 118 -14.13 -11.25 -12.27
CA LYS A 118 -13.77 -12.53 -11.69
C LYS A 118 -14.51 -13.70 -12.35
N LYS A 119 -15.77 -13.47 -12.73
CA LYS A 119 -16.59 -14.54 -13.28
C LYS A 119 -16.49 -14.64 -14.79
N TYR A 120 -16.39 -13.50 -15.47
CA TYR A 120 -16.36 -13.51 -16.93
C TYR A 120 -15.03 -13.04 -17.52
N TYR A 121 -13.93 -13.34 -16.83
CA TYR A 121 -12.58 -13.00 -17.28
C TYR A 121 -12.32 -13.49 -18.70
N TYR A 122 -12.94 -14.62 -19.04
CA TYR A 122 -12.65 -15.32 -20.29
C TYR A 122 -13.21 -14.60 -21.51
N LEU A 123 -14.12 -13.67 -21.27
CA LEU A 123 -14.73 -12.92 -22.36
C LEU A 123 -13.81 -11.84 -22.91
N ILE A 124 -12.82 -11.44 -22.12
CA ILE A 124 -11.86 -10.42 -22.54
C ILE A 124 -10.44 -10.97 -22.41
N ASP A 125 -9.44 -10.09 -22.44
CA ASP A 125 -8.04 -10.52 -22.33
C ASP A 125 -7.53 -10.32 -20.91
N LEU A 126 -8.15 -11.03 -19.96
CA LEU A 126 -7.84 -10.86 -18.55
C LEU A 126 -7.55 -12.19 -17.87
N ASP A 127 -6.50 -12.22 -17.05
CA ASP A 127 -6.17 -13.41 -16.28
C ASP A 127 -7.15 -13.57 -15.12
N PRO A 128 -7.70 -14.78 -14.95
CA PRO A 128 -8.63 -15.05 -13.86
C PRO A 128 -8.00 -14.80 -12.49
N GLY A 129 -6.68 -14.86 -12.40
CA GLY A 129 -5.98 -14.63 -11.14
C GLY A 129 -5.46 -13.21 -11.01
N PHE A 130 -6.09 -12.28 -11.74
CA PHE A 130 -5.68 -10.89 -11.74
C PHE A 130 -5.77 -10.29 -10.34
N ARG A 131 -5.17 -9.12 -10.15
CA ARG A 131 -5.30 -8.37 -8.91
C ARG A 131 -5.25 -6.87 -9.20
N ILE A 132 -5.92 -6.09 -8.36
CA ILE A 132 -5.96 -4.65 -8.52
C ILE A 132 -4.69 -4.04 -7.95
N ALA A 133 -4.04 -3.19 -8.74
CA ALA A 133 -2.76 -2.63 -8.37
C ALA A 133 -2.90 -1.48 -7.37
N ASP A 134 -1.98 -1.43 -6.42
CA ASP A 134 -1.85 -0.29 -5.52
C ASP A 134 -1.75 1.00 -6.33
N GLN A 135 -2.33 2.07 -5.81
CA GLN A 135 -2.35 3.36 -6.51
C GLN A 135 -0.97 3.71 -7.05
N THR A 136 0.02 3.78 -6.16
CA THR A 136 1.38 4.12 -6.55
C THR A 136 1.99 3.08 -7.48
N GLU A 137 1.70 1.80 -7.22
CA GLU A 137 2.22 0.71 -8.04
C GLU A 137 1.80 0.87 -9.49
N GLY A 138 0.50 1.02 -9.73
CA GLY A 138 -0.01 1.21 -11.07
C GLY A 138 0.57 2.45 -11.73
N GLU A 139 0.67 3.53 -10.94
CA GLU A 139 1.21 4.79 -11.44
C GLU A 139 2.68 4.65 -11.82
N LEU A 140 3.41 3.82 -11.08
CA LEU A 140 4.81 3.57 -11.41
C LEU A 140 4.95 2.83 -12.73
N ILE A 141 4.10 1.82 -12.91
CA ILE A 141 4.05 1.08 -14.17
C ILE A 141 3.78 2.04 -15.32
N GLY A 142 2.80 2.92 -15.12
CA GLY A 142 2.50 3.96 -16.09
C GLY A 142 3.69 4.85 -16.36
N ASP A 143 4.37 5.28 -15.30
CA ASP A 143 5.57 6.10 -15.44
C ASP A 143 6.64 5.42 -16.29
N GLU A 144 6.87 4.15 -16.03
CA GLU A 144 7.86 3.39 -16.80
C GLU A 144 7.55 3.34 -18.30
N VAL A 145 6.32 2.99 -18.65
CA VAL A 145 5.96 2.85 -20.07
C VAL A 145 5.97 4.23 -20.75
N LEU A 146 5.72 5.28 -19.97
CA LEU A 146 5.77 6.63 -20.52
C LEU A 146 7.22 6.94 -20.87
N ASP A 147 8.14 6.44 -20.04
CA ASP A 147 9.56 6.63 -20.29
C ASP A 147 10.02 5.85 -21.52
N GLU A 148 9.62 4.58 -21.60
CA GLU A 148 9.93 3.76 -22.76
C GLU A 148 9.40 4.39 -24.04
N LEU A 149 8.12 4.77 -24.01
CA LEU A 149 7.47 5.38 -25.16
C LEU A 149 8.19 6.64 -25.64
N PHE A 150 8.53 7.51 -24.71
CA PHE A 150 9.23 8.75 -25.04
C PHE A 150 10.60 8.48 -25.65
N GLU A 151 11.30 7.49 -25.12
CA GLU A 151 12.60 7.11 -25.67
C GLU A 151 12.45 6.61 -27.11
N ASP A 152 11.39 5.86 -27.37
CA ASP A 152 11.16 5.32 -28.70
C ASP A 152 10.82 6.44 -29.69
N GLU A 153 10.07 7.43 -29.24
CA GLU A 153 9.70 8.55 -30.11
C GLU A 153 10.93 9.40 -30.43
N TYR A 154 11.72 9.69 -29.42
CA TYR A 154 12.97 10.42 -29.62
C TYR A 154 13.89 9.66 -30.58
N ALA A 155 13.99 8.35 -30.37
CA ALA A 155 14.79 7.49 -31.23
C ALA A 155 14.33 7.61 -32.69
N LYS A 156 13.02 7.49 -32.90
CA LYS A 156 12.44 7.61 -34.24
C LYS A 156 12.73 8.99 -34.83
N GLY A 157 12.65 10.01 -33.98
CA GLY A 157 13.02 11.36 -34.37
C GLY A 157 12.13 12.03 -35.40
N GLU A 158 10.85 11.67 -35.41
CA GLU A 158 9.90 12.26 -36.35
C GLU A 158 9.71 13.75 -36.07
N LYS A 159 9.59 14.54 -37.14
CA LYS A 159 9.48 15.98 -37.03
C LYS A 159 8.25 16.41 -36.25
N ALA A 160 7.16 15.67 -36.44
CA ALA A 160 5.91 15.95 -35.74
C ALA A 160 6.10 15.86 -34.23
N PHE A 161 6.82 14.83 -33.79
CA PHE A 161 7.07 14.61 -32.37
C PHE A 161 7.82 15.79 -31.75
N PHE A 162 8.85 16.25 -32.45
CA PHE A 162 9.63 17.39 -31.98
C PHE A 162 8.79 18.66 -31.98
N GLU A 163 7.90 18.77 -32.96
CA GLU A 163 7.00 19.93 -33.03
C GLU A 163 6.08 19.97 -31.82
N LEU A 164 5.77 18.80 -31.28
CA LEU A 164 4.91 18.71 -30.10
C LEU A 164 5.72 19.02 -28.85
N VAL A 165 6.86 18.36 -28.70
CA VAL A 165 7.72 18.52 -27.53
C VAL A 165 8.11 19.98 -27.32
N ASP A 166 8.52 20.63 -28.39
CA ASP A 166 8.95 22.03 -28.34
C ASP A 166 7.86 22.93 -27.78
N ARG A 167 6.61 22.59 -28.05
CA ARG A 167 5.52 23.46 -27.65
C ARG A 167 5.06 23.26 -26.19
N TYR A 168 5.18 22.05 -25.66
CA TYR A 168 4.59 21.75 -24.36
C TYR A 168 5.61 21.35 -23.29
N THR A 169 6.88 21.61 -23.56
CA THR A 169 7.91 21.45 -22.55
C THR A 169 8.66 22.76 -22.30
N THR A 170 9.46 22.78 -21.24
CA THR A 170 10.25 23.97 -20.90
C THR A 170 11.56 23.97 -21.68
N ASP A 171 12.46 24.91 -21.38
CA ASP A 171 13.65 25.06 -22.21
C ASP A 171 14.79 24.10 -21.89
N ARG A 172 14.67 23.34 -20.79
CA ARG A 172 15.75 22.43 -20.42
C ARG A 172 15.34 20.96 -20.16
N HIS A 173 14.04 20.69 -19.98
CA HIS A 173 13.60 19.30 -19.83
C HIS A 173 12.21 19.06 -20.43
N ASP A 174 11.78 17.80 -20.45
CA ASP A 174 10.51 17.46 -21.10
C ASP A 174 9.47 16.83 -20.17
N LEU A 175 9.61 17.09 -18.88
CA LEU A 175 8.72 16.52 -17.88
C LEU A 175 7.27 16.96 -18.05
N ASP A 176 7.07 18.22 -18.44
CA ASP A 176 5.72 18.76 -18.58
C ASP A 176 4.90 18.01 -19.64
N LEU A 177 5.57 17.51 -20.67
CA LEU A 177 4.89 16.71 -21.69
C LEU A 177 4.44 15.38 -21.12
N GLN A 178 5.31 14.80 -20.28
CA GLN A 178 5.01 13.59 -19.54
C GLN A 178 3.70 13.76 -18.77
N PHE A 179 3.64 14.81 -17.95
CA PHE A 179 2.45 15.12 -17.18
C PHE A 179 1.23 15.32 -18.07
N LEU A 180 1.45 16.01 -19.18
CA LEU A 180 0.39 16.29 -20.14
C LEU A 180 -0.23 15.00 -20.67
N VAL A 181 0.61 14.07 -21.11
CA VAL A 181 0.12 12.80 -21.61
C VAL A 181 -0.71 12.07 -20.55
N LYS A 182 -0.14 11.95 -19.37
CA LYS A 182 -0.79 11.32 -18.20
C LYS A 182 -2.17 11.92 -17.97
N GLN A 183 -2.22 13.24 -17.90
CA GLN A 183 -3.45 13.97 -17.63
C GLN A 183 -4.52 13.74 -18.69
N VAL A 184 -4.12 13.80 -19.95
CA VAL A 184 -5.03 13.61 -21.07
C VAL A 184 -5.60 12.20 -21.11
N TYR A 185 -4.72 11.21 -20.97
CA TYR A 185 -5.14 9.81 -20.90
C TYR A 185 -6.16 9.62 -19.80
N GLU A 186 -5.82 10.08 -18.61
CA GLU A 186 -6.67 9.94 -17.43
C GLU A 186 -8.06 10.53 -17.68
N TYR A 187 -8.09 11.73 -18.24
CA TYR A 187 -9.35 12.42 -18.54
C TYR A 187 -10.15 11.61 -19.55
N SER A 188 -9.47 11.03 -20.53
CA SER A 188 -10.15 10.29 -21.58
C SER A 188 -10.80 9.03 -21.04
N ARG A 189 -10.30 8.55 -19.90
CA ARG A 189 -10.77 7.30 -19.31
C ARG A 189 -12.11 7.47 -18.60
N SER A 190 -12.62 8.70 -18.56
CA SER A 190 -13.89 8.98 -17.91
C SER A 190 -15.04 8.86 -18.90
N HIS A 191 -14.70 8.60 -20.17
CA HIS A 191 -15.70 8.33 -21.21
C HIS A 191 -15.81 6.83 -21.47
N PRO A 192 -17.01 6.36 -21.86
CA PRO A 192 -17.16 4.96 -22.24
C PRO A 192 -16.22 4.56 -23.39
N ASN A 193 -15.99 5.47 -24.33
CA ASN A 193 -15.07 5.20 -25.43
C ASN A 193 -13.95 6.23 -25.50
N PRO A 194 -12.88 6.01 -24.70
CA PRO A 194 -11.75 6.92 -24.51
C PRO A 194 -11.04 7.28 -25.81
N GLU A 195 -10.75 6.28 -26.63
CA GLU A 195 -10.10 6.50 -27.92
C GLU A 195 -10.92 7.43 -28.81
N ALA A 196 -12.20 7.11 -28.94
CA ALA A 196 -13.10 7.88 -29.78
C ALA A 196 -13.19 9.33 -29.32
N TRP A 197 -13.19 9.53 -28.00
CA TRP A 197 -13.22 10.89 -27.45
C TRP A 197 -11.92 11.61 -27.77
N LEU A 198 -10.82 10.85 -27.75
CA LEU A 198 -9.51 11.40 -28.08
C LEU A 198 -9.46 11.80 -29.54
N GLU A 199 -10.06 10.98 -30.40
CA GLU A 199 -10.01 11.22 -31.84
C GLU A 199 -10.98 12.31 -32.26
N SER A 200 -11.80 12.79 -31.33
CA SER A 200 -12.73 13.86 -31.62
C SER A 200 -12.07 15.21 -31.38
N PHE A 201 -10.86 15.18 -30.84
CA PHE A 201 -10.09 16.40 -30.57
C PHE A 201 -9.96 17.28 -31.80
N VAL A 202 -9.48 16.69 -32.89
CA VAL A 202 -9.17 17.44 -34.12
C VAL A 202 -10.30 18.32 -34.65
N HIS A 203 -11.54 17.93 -34.37
CA HIS A 203 -12.72 18.62 -34.88
C HIS A 203 -12.81 20.07 -34.40
N LEU A 204 -12.42 20.30 -33.15
CA LEU A 204 -12.37 21.64 -32.57
C LEU A 204 -11.39 22.52 -33.34
N TYR A 205 -10.40 21.89 -33.98
CA TYR A 205 -9.36 22.63 -34.67
C TYR A 205 -9.54 22.61 -36.18
N ASP A 206 -10.64 22.00 -36.62
CA ASP A 206 -10.93 21.91 -38.05
C ASP A 206 -11.70 23.14 -38.54
N VAL A 207 -11.06 24.30 -38.45
CA VAL A 207 -11.67 25.54 -38.90
C VAL A 207 -10.83 26.22 -39.98
N SER A 208 -11.35 27.33 -40.51
CA SER A 208 -10.65 28.09 -41.53
C SER A 208 -10.92 29.58 -41.35
N GLU A 209 -10.26 30.40 -42.17
CA GLU A 209 -10.48 31.85 -42.13
C GLU A 209 -11.88 32.20 -42.60
N LYS A 210 -12.48 31.31 -43.38
CA LYS A 210 -13.83 31.52 -43.89
C LYS A 210 -14.89 31.08 -42.89
N SER A 211 -14.48 30.36 -41.86
CA SER A 211 -15.41 29.81 -40.88
C SER A 211 -16.15 30.91 -40.14
N ALA A 212 -17.39 30.63 -39.75
CA ALA A 212 -18.20 31.56 -38.98
C ALA A 212 -18.11 31.25 -37.49
N ILE A 213 -17.37 32.10 -36.77
CA ILE A 213 -17.10 31.92 -35.35
C ILE A 213 -18.35 31.56 -34.54
N GLU A 214 -19.42 32.32 -34.78
CA GLU A 214 -20.65 32.20 -34.00
C GLU A 214 -21.32 30.84 -34.14
N GLU A 215 -20.99 30.12 -35.21
CA GLU A 215 -21.63 28.83 -35.48
C GLU A 215 -20.85 27.69 -34.86
N LEU A 216 -19.65 27.99 -34.38
CA LEU A 216 -18.79 26.98 -33.75
C LEU A 216 -19.21 26.71 -32.31
N PRO A 217 -19.32 25.42 -31.95
CA PRO A 217 -19.74 24.95 -30.63
C PRO A 217 -19.14 25.74 -29.45
N PHE A 218 -17.82 25.86 -29.41
CA PHE A 218 -17.15 26.51 -28.27
C PHE A 218 -17.60 27.97 -28.09
N TYR A 219 -17.99 28.62 -29.19
CA TYR A 219 -18.36 30.03 -29.13
C TYR A 219 -19.55 30.28 -28.22
N GLN A 220 -20.33 29.23 -27.96
CA GLN A 220 -21.41 29.28 -27.00
C GLN A 220 -20.92 29.92 -25.70
N TYR A 221 -19.85 29.37 -25.16
CA TYR A 221 -19.29 29.84 -23.91
C TYR A 221 -18.63 31.21 -24.02
N VAL A 222 -18.22 31.57 -25.22
CA VAL A 222 -17.76 32.93 -25.50
C VAL A 222 -18.92 33.90 -25.45
N LYS A 223 -19.99 33.57 -26.20
CA LYS A 223 -21.22 34.35 -26.26
C LYS A 223 -21.72 34.74 -24.87
N GLU A 224 -22.01 33.74 -24.06
CA GLU A 224 -22.46 33.95 -22.68
C GLU A 224 -21.54 34.87 -21.89
N ASP A 225 -20.23 34.63 -21.95
CA ASP A 225 -19.26 35.49 -21.28
C ASP A 225 -19.42 36.96 -21.67
N ILE A 226 -19.38 37.25 -22.96
CA ILE A 226 -19.63 38.60 -23.47
C ILE A 226 -20.96 39.17 -22.97
N ALA A 227 -22.05 38.42 -23.16
CA ALA A 227 -23.36 38.81 -22.66
C ALA A 227 -23.35 39.12 -21.16
N MET A 228 -22.55 38.36 -20.40
CA MET A 228 -22.47 38.56 -18.96
C MET A 228 -21.68 39.80 -18.54
N VAL A 229 -20.58 40.08 -19.24
CA VAL A 229 -19.72 41.21 -18.85
C VAL A 229 -20.29 42.56 -19.26
N LEU A 230 -20.82 42.65 -20.49
CA LEU A 230 -21.41 43.91 -20.95
C LEU A 230 -22.57 44.32 -20.07
N ASN A 231 -23.49 43.40 -19.83
CA ASN A 231 -24.58 43.63 -18.88
C ASN A 231 -24.02 43.93 -17.49
N GLY A 232 -23.00 43.16 -17.10
CA GLY A 232 -22.32 43.37 -15.83
C GLY A 232 -21.79 44.79 -15.67
N ALA A 233 -21.41 45.40 -16.79
CA ALA A 233 -20.97 46.79 -16.80
C ALA A 233 -22.16 47.74 -16.89
N LYS A 234 -23.15 47.37 -17.69
CA LYS A 234 -24.38 48.14 -17.84
C LYS A 234 -25.04 48.41 -16.48
N GLU A 235 -25.34 47.34 -15.76
CA GLU A 235 -25.88 47.41 -14.40
C GLU A 235 -24.97 48.28 -13.52
N LYS A 236 -23.67 48.06 -13.63
CA LYS A 236 -22.69 48.79 -12.84
C LYS A 236 -22.77 50.29 -13.09
N LEU A 237 -23.10 50.68 -14.32
CA LEU A 237 -23.29 52.09 -14.67
C LEU A 237 -24.67 52.61 -14.23
N LEU A 238 -25.68 51.77 -14.38
CA LEU A 238 -27.04 52.11 -13.94
C LEU A 238 -27.06 52.51 -12.47
N ARG A 239 -26.37 51.73 -11.64
CA ARG A 239 -26.20 52.06 -10.23
C ARG A 239 -25.53 53.41 -10.05
N ALA A 240 -24.48 53.66 -10.81
CA ALA A 240 -23.81 54.96 -10.83
C ALA A 240 -24.80 56.06 -11.20
N LEU A 241 -25.62 55.78 -12.21
CA LEU A 241 -26.68 56.70 -12.62
C LEU A 241 -27.67 56.94 -11.48
N GLU A 242 -28.02 55.86 -10.78
CA GLU A 242 -28.88 55.96 -9.60
C GLU A 242 -28.23 56.81 -8.52
N LEU A 243 -26.91 56.68 -8.42
CA LEU A 243 -26.13 57.46 -7.45
C LEU A 243 -26.12 58.95 -7.79
N THR A 244 -26.50 59.29 -9.02
CA THR A 244 -26.61 60.69 -9.43
C THR A 244 -27.90 61.31 -8.90
N LYS A 245 -28.91 60.47 -8.68
CA LYS A 245 -30.22 60.92 -8.23
C LYS A 245 -30.25 61.21 -6.72
N ALA A 246 -29.42 60.51 -5.97
CA ALA A 246 -29.32 60.70 -4.53
C ALA A 246 -28.96 62.15 -4.19
N PRO A 247 -29.43 62.65 -3.03
CA PRO A 247 -29.17 64.03 -2.62
C PRO A 247 -27.68 64.38 -2.58
N GLY A 248 -26.91 63.60 -1.82
CA GLY A 248 -25.47 63.82 -1.74
C GLY A 248 -24.75 63.42 -3.02
N GLY A 249 -25.43 62.60 -3.83
CA GLY A 249 -24.86 62.10 -5.06
C GLY A 249 -24.60 63.15 -6.11
N PRO A 250 -23.61 62.90 -6.99
CA PRO A 250 -23.19 63.83 -8.03
C PRO A 250 -24.12 63.85 -9.24
N ALA A 251 -24.73 65.00 -9.48
CA ALA A 251 -25.65 65.19 -10.61
C ALA A 251 -24.96 65.41 -11.96
N PRO A 252 -23.87 66.20 -12.01
CA PRO A 252 -23.28 66.46 -13.33
C PRO A 252 -22.70 65.24 -14.06
N ARG A 253 -22.36 64.19 -13.34
CA ARG A 253 -21.72 63.03 -13.97
C ARG A 253 -22.71 62.10 -14.66
N ALA A 254 -24.00 62.41 -14.53
CA ALA A 254 -25.04 61.62 -15.17
C ALA A 254 -24.83 61.56 -16.69
N ASP A 255 -24.60 62.73 -17.29
CA ASP A 255 -24.37 62.82 -18.73
C ASP A 255 -23.15 62.01 -19.17
N ASN A 256 -22.17 61.86 -18.29
CA ASN A 256 -21.06 60.94 -18.54
C ASN A 256 -21.56 59.51 -18.59
N PHE A 257 -22.21 59.09 -17.51
CA PHE A 257 -22.74 57.73 -17.39
C PHE A 257 -23.69 57.39 -18.55
N LEU A 258 -24.62 58.30 -18.83
CA LEU A 258 -25.58 58.11 -19.92
C LEU A 258 -24.89 57.96 -21.28
N ASP A 259 -23.72 58.59 -21.43
CA ASP A 259 -22.92 58.42 -22.63
C ASP A 259 -22.34 57.01 -22.65
N ASP A 260 -21.66 56.65 -21.56
CA ASP A 260 -21.08 55.32 -21.41
C ASP A 260 -22.12 54.23 -21.61
N LEU A 261 -23.26 54.37 -20.92
CA LEU A 261 -24.40 53.47 -21.10
C LEU A 261 -24.77 53.29 -22.56
N ALA A 262 -24.98 54.41 -23.26
CA ALA A 262 -25.25 54.40 -24.70
C ALA A 262 -24.22 53.57 -25.46
N GLN A 263 -22.94 53.91 -25.27
CA GLN A 263 -21.84 53.13 -25.85
C GLN A 263 -21.92 51.64 -25.51
N ILE A 264 -22.07 51.34 -24.23
CA ILE A 264 -22.20 49.95 -23.79
C ILE A 264 -23.47 49.30 -24.36
N ASP A 265 -24.59 50.04 -24.35
CA ASP A 265 -25.81 49.59 -24.99
C ASP A 265 -25.59 49.33 -26.49
N GLU A 266 -24.78 50.18 -27.12
CA GLU A 266 -24.41 50.02 -28.52
C GLU A 266 -23.70 48.68 -28.76
N LEU A 267 -22.88 48.26 -27.79
CA LEU A 267 -22.22 46.96 -27.85
C LEU A 267 -23.21 45.82 -27.64
N ILE A 268 -24.20 46.05 -26.79
CA ILE A 268 -25.19 45.04 -26.43
C ILE A 268 -26.06 44.66 -27.65
N GLN A 269 -26.29 45.62 -28.53
CA GLN A 269 -27.04 45.35 -29.75
C GLN A 269 -26.22 44.50 -30.73
N HIS A 270 -24.94 44.31 -30.43
CA HIS A 270 -24.05 43.57 -31.31
C HIS A 270 -23.36 42.40 -30.63
N GLN A 271 -23.87 41.98 -29.47
CA GLN A 271 -23.35 40.83 -28.74
C GLN A 271 -23.25 39.60 -29.64
N ASP A 272 -24.27 39.40 -30.45
CA ASP A 272 -24.37 38.23 -31.31
C ASP A 272 -23.29 38.18 -32.39
N ASP A 273 -22.87 39.35 -32.87
CA ASP A 273 -21.92 39.41 -33.97
C ASP A 273 -20.50 39.69 -33.48
N PHE A 274 -19.66 38.67 -33.54
CA PHE A 274 -18.29 38.75 -33.03
C PHE A 274 -17.43 39.72 -33.82
N SER A 275 -17.64 39.77 -35.13
CA SER A 275 -16.86 40.62 -36.01
C SER A 275 -17.10 42.09 -35.73
N GLU A 276 -18.38 42.45 -35.62
CA GLU A 276 -18.76 43.83 -35.30
C GLU A 276 -18.20 44.25 -33.94
N LEU A 277 -18.17 43.29 -33.01
CA LEU A 277 -17.61 43.54 -31.69
C LEU A 277 -16.11 43.77 -31.77
N TYR A 278 -15.43 43.05 -32.66
CA TYR A 278 -14.01 43.29 -32.87
C TYR A 278 -13.79 44.73 -33.33
N LYS A 279 -14.79 45.27 -34.03
CA LYS A 279 -14.70 46.62 -34.57
C LYS A 279 -15.02 47.67 -33.52
N ARG A 280 -15.98 47.37 -32.65
CA ARG A 280 -16.48 48.37 -31.72
C ARG A 280 -15.85 48.38 -30.34
N VAL A 281 -15.54 47.19 -29.81
CA VAL A 281 -15.06 47.07 -28.43
C VAL A 281 -13.70 47.75 -28.15
N PRO A 282 -12.72 47.59 -29.06
CA PRO A 282 -11.50 48.35 -28.79
C PRO A 282 -11.63 49.84 -29.17
N ALA A 283 -12.81 50.23 -29.65
CA ALA A 283 -13.03 51.60 -30.09
C ALA A 283 -13.83 52.40 -29.07
N VAL A 284 -14.22 51.75 -27.98
CA VAL A 284 -15.00 52.41 -26.93
C VAL A 284 -14.10 53.24 -26.02
N SER A 285 -14.45 54.50 -25.84
CA SER A 285 -13.72 55.36 -24.91
C SER A 285 -14.68 56.17 -24.03
N PHE A 286 -14.47 56.11 -22.72
CA PHE A 286 -15.27 56.89 -21.78
C PHE A 286 -14.73 58.30 -21.66
N LYS A 287 -15.59 59.28 -21.91
CA LYS A 287 -15.20 60.69 -21.79
C LYS A 287 -14.75 61.01 -20.37
N ARG A 288 -13.76 61.89 -20.26
CA ARG A 288 -13.15 62.26 -18.99
C ARG A 288 -14.17 62.58 -17.91
N ALA A 289 -13.90 62.10 -16.69
CA ALA A 289 -14.82 62.28 -15.58
C ALA A 289 -15.03 63.74 -15.25
N LYS A 290 -16.27 64.20 -15.43
CA LYS A 290 -16.63 65.58 -15.11
C LYS A 290 -16.48 65.83 -13.62
N ALA A 291 -15.48 66.63 -13.26
CA ALA A 291 -15.21 66.93 -11.86
C ALA A 291 -16.36 67.70 -11.23
N VAL A 292 -16.76 67.27 -10.03
CA VAL A 292 -17.85 67.92 -9.32
C VAL A 292 -17.32 68.61 -8.06
N LYS A 293 -17.31 69.95 -8.08
CA LYS A 293 -16.76 70.73 -6.99
C LYS A 293 -17.83 71.46 -6.19
N GLY A 294 -17.80 71.25 -4.88
CA GLY A 294 -18.77 71.83 -3.97
C GLY A 294 -18.89 70.98 -2.73
N ASP A 295 -19.42 71.54 -1.66
CA ASP A 295 -19.59 70.80 -0.42
C ASP A 295 -21.04 70.36 -0.26
N GLU A 296 -21.83 70.60 -1.31
CA GLU A 296 -23.21 70.12 -1.36
C GLU A 296 -23.24 68.63 -1.68
N PHE A 297 -22.13 68.13 -2.22
CA PHE A 297 -22.02 66.73 -2.60
C PHE A 297 -21.64 65.86 -1.42
N ASP A 298 -21.06 64.70 -1.71
CA ASP A 298 -20.69 63.75 -0.68
C ASP A 298 -19.42 63.00 -1.10
N PRO A 299 -18.27 63.38 -0.52
CA PRO A 299 -16.96 62.81 -0.84
C PRO A 299 -16.94 61.29 -0.91
N ALA A 300 -17.66 60.63 0.00
CA ALA A 300 -17.77 59.17 -0.02
C ALA A 300 -18.47 58.71 -1.29
N LEU A 301 -19.66 59.26 -1.52
CA LEU A 301 -20.46 58.90 -2.69
C LEU A 301 -19.79 59.37 -3.97
N LEU A 302 -19.23 60.57 -3.94
CA LEU A 302 -18.47 61.13 -5.05
C LEU A 302 -17.38 60.17 -5.51
N ASP A 303 -16.61 59.65 -4.55
CA ASP A 303 -15.48 58.80 -4.85
C ASP A 303 -15.91 57.36 -5.10
N GLU A 304 -17.17 57.07 -4.81
CA GLU A 304 -17.69 55.71 -4.97
C GLU A 304 -18.22 55.48 -6.38
N ALA A 305 -18.89 56.50 -6.91
CA ALA A 305 -19.44 56.43 -8.27
C ALA A 305 -18.31 56.25 -9.29
N THR A 306 -17.20 56.93 -9.05
CA THR A 306 -16.02 56.80 -9.90
C THR A 306 -15.50 55.36 -9.87
N ASP A 307 -15.64 54.71 -8.72
CA ASP A 307 -15.22 53.31 -8.59
C ASP A 307 -16.07 52.42 -9.48
N LEU A 308 -17.37 52.70 -9.52
CA LEU A 308 -18.31 51.93 -10.35
C LEU A 308 -17.97 52.12 -11.82
N ARG A 309 -17.73 53.36 -12.21
CA ARG A 309 -17.39 53.68 -13.60
C ARG A 309 -16.09 52.99 -14.01
N ASN A 310 -15.10 53.05 -13.14
CA ASN A 310 -13.82 52.36 -13.38
C ASN A 310 -14.01 50.85 -13.43
N GLY A 311 -15.03 50.38 -12.72
CA GLY A 311 -15.39 48.97 -12.76
C GLY A 311 -15.84 48.60 -14.16
N ALA A 312 -16.67 49.45 -14.75
CA ALA A 312 -17.13 49.27 -16.13
C ALA A 312 -15.94 49.28 -17.08
N LYS A 313 -15.00 50.18 -16.83
CA LYS A 313 -13.79 50.28 -17.63
C LYS A 313 -12.99 48.98 -17.61
N LYS A 314 -12.72 48.47 -16.41
CA LYS A 314 -11.92 47.26 -16.27
C LYS A 314 -12.59 46.08 -16.95
N LEU A 315 -13.91 46.00 -16.80
CA LEU A 315 -14.68 44.93 -17.43
C LEU A 315 -14.49 44.97 -18.94
N LEU A 316 -14.61 46.18 -19.50
CA LEU A 316 -14.47 46.36 -20.95
C LEU A 316 -13.07 46.01 -21.44
N GLU A 317 -12.05 46.52 -20.73
CA GLU A 317 -10.67 46.23 -21.07
C GLU A 317 -10.38 44.74 -21.01
N LYS A 318 -10.99 44.05 -20.05
CA LYS A 318 -10.81 42.62 -19.90
C LYS A 318 -11.44 41.89 -21.09
N LEU A 319 -12.64 42.33 -21.47
CA LEU A 319 -13.33 41.79 -22.63
C LEU A 319 -12.50 42.00 -23.88
N LYS A 320 -11.90 43.18 -24.00
CA LYS A 320 -11.10 43.55 -25.16
C LYS A 320 -9.84 42.70 -25.28
N THR A 321 -9.06 42.63 -24.20
CA THR A 321 -7.82 41.85 -24.19
C THR A 321 -8.10 40.37 -24.37
N ASP A 322 -9.27 39.92 -23.91
CA ASP A 322 -9.65 38.53 -24.07
C ASP A 322 -9.90 38.18 -25.54
N TYR A 323 -10.81 38.92 -26.18
CA TYR A 323 -11.29 38.52 -27.50
C TYR A 323 -10.88 39.40 -28.68
N PHE A 324 -10.56 40.67 -28.42
CA PHE A 324 -10.45 41.62 -29.51
C PHE A 324 -9.11 42.35 -29.63
N THR A 325 -8.02 41.63 -29.40
CA THR A 325 -6.70 42.15 -29.68
C THR A 325 -6.19 41.58 -30.99
N ARG A 326 -6.94 40.60 -31.51
CA ARG A 326 -6.67 40.02 -32.82
C ARG A 326 -7.99 39.89 -33.58
N SER A 327 -7.92 40.00 -34.91
CA SER A 327 -9.10 39.82 -35.73
C SER A 327 -9.60 38.38 -35.64
N PRO A 328 -10.91 38.17 -35.86
CA PRO A 328 -11.46 36.82 -35.85
C PRO A 328 -10.75 35.92 -36.87
N GLU A 329 -10.35 36.52 -37.98
CA GLU A 329 -9.62 35.78 -39.03
C GLU A 329 -8.27 35.33 -38.50
N GLN A 330 -7.58 36.22 -37.78
CA GLN A 330 -6.31 35.89 -37.16
C GLN A 330 -6.47 34.80 -36.11
N HIS A 331 -7.48 34.95 -35.25
CA HIS A 331 -7.83 33.93 -34.26
C HIS A 331 -8.03 32.56 -34.90
N LEU A 332 -8.84 32.51 -35.94
CA LEU A 332 -9.13 31.26 -36.65
C LEU A 332 -7.91 30.68 -37.32
N LYS A 333 -7.03 31.56 -37.82
CA LYS A 333 -5.80 31.13 -38.47
C LYS A 333 -4.88 30.46 -37.45
N SER A 334 -4.74 31.08 -36.29
CA SER A 334 -3.96 30.51 -35.20
C SER A 334 -4.51 29.15 -34.81
N LEU A 335 -5.82 29.09 -34.61
CA LEU A 335 -6.49 27.86 -34.21
C LEU A 335 -6.22 26.73 -35.21
N ALA A 336 -6.45 27.02 -36.48
CA ALA A 336 -6.22 26.05 -37.54
C ALA A 336 -4.75 25.63 -37.59
N GLU A 337 -3.86 26.57 -37.31
CA GLU A 337 -2.42 26.31 -37.33
C GLU A 337 -2.02 25.22 -36.32
N MET A 338 -2.73 25.17 -35.20
CA MET A 338 -2.39 24.28 -34.10
C MET A 338 -2.85 22.84 -34.34
N LYS A 339 -3.57 22.62 -35.43
CA LYS A 339 -4.19 21.33 -35.70
C LYS A 339 -3.21 20.14 -35.78
N PRO A 340 -2.11 20.28 -36.55
CA PRO A 340 -1.21 19.12 -36.64
C PRO A 340 -0.60 18.70 -35.29
N VAL A 341 -0.36 19.66 -34.41
CA VAL A 341 0.23 19.38 -33.11
C VAL A 341 -0.73 18.57 -32.25
N ILE A 342 -2.01 18.93 -32.31
CA ILE A 342 -3.03 18.22 -31.57
C ILE A 342 -3.13 16.77 -32.04
N GLU A 343 -3.04 16.58 -33.37
CA GLU A 343 -3.11 15.25 -33.95
C GLU A 343 -1.95 14.38 -33.50
N THR A 344 -0.79 14.98 -33.29
CA THR A 344 0.37 14.26 -32.78
C THR A 344 0.12 13.86 -31.33
N LEU A 345 -0.41 14.82 -30.56
CA LEU A 345 -0.70 14.57 -29.15
C LEU A 345 -1.70 13.43 -29.00
N VAL A 346 -2.75 13.45 -29.81
CA VAL A 346 -3.77 12.41 -29.76
C VAL A 346 -3.15 11.04 -30.00
N GLN A 347 -2.27 10.95 -30.99
CA GLN A 347 -1.63 9.69 -31.33
C GLN A 347 -0.68 9.23 -30.23
N LEU A 348 0.00 10.18 -29.61
CA LEU A 348 0.93 9.86 -28.53
C LEU A 348 0.19 9.26 -27.34
N VAL A 349 -0.92 9.89 -26.97
CA VAL A 349 -1.72 9.43 -25.84
C VAL A 349 -2.32 8.04 -26.10
N ILE A 350 -2.65 7.76 -27.35
CA ILE A 350 -3.22 6.46 -27.72
C ILE A 350 -2.17 5.36 -27.61
N SER A 351 -0.96 5.65 -28.08
CA SER A 351 0.14 4.70 -27.97
C SER A 351 0.39 4.37 -26.50
N TYR A 352 0.37 5.42 -25.68
CA TYR A 352 0.58 5.27 -24.24
C TYR A 352 -0.38 4.24 -23.64
N GLY A 353 -1.67 4.41 -23.92
CA GLY A 353 -2.69 3.53 -23.40
C GLY A 353 -2.47 2.08 -23.78
N LYS A 354 -2.32 1.83 -25.08
CA LYS A 354 -2.09 0.47 -25.58
C LYS A 354 -0.88 -0.15 -24.91
N ARG A 355 0.17 0.65 -24.73
CA ARG A 355 1.39 0.19 -24.09
C ARG A 355 1.15 0.00 -22.58
N PHE A 356 0.46 0.95 -21.97
CA PHE A 356 0.14 0.87 -20.54
C PHE A 356 -0.66 -0.40 -20.25
N GLU A 357 -1.63 -0.72 -21.10
CA GLU A 357 -2.44 -1.91 -20.91
C GLU A 357 -1.61 -3.17 -21.08
N ALA A 358 -0.71 -3.16 -22.07
CA ALA A 358 0.17 -4.29 -22.33
C ALA A 358 1.05 -4.56 -21.12
N ALA A 359 1.50 -3.49 -20.47
CA ALA A 359 2.34 -3.61 -19.28
C ALA A 359 1.55 -4.24 -18.14
N LYS A 360 0.35 -3.74 -17.90
CA LYS A 360 -0.48 -4.24 -16.81
C LYS A 360 -0.97 -5.66 -17.06
N GLN A 361 -1.12 -6.01 -18.33
CA GLN A 361 -1.54 -7.36 -18.71
C GLN A 361 -0.45 -8.36 -18.33
N GLU A 362 0.79 -8.04 -18.67
CA GLU A 362 1.94 -8.90 -18.41
C GLU A 362 2.10 -9.25 -16.93
N LYS A 363 1.86 -8.27 -16.07
CA LYS A 363 1.97 -8.48 -14.63
C LYS A 363 0.64 -8.94 -14.05
N SER A 364 -0.32 -9.18 -14.94
CA SER A 364 -1.63 -9.69 -14.54
C SER A 364 -2.31 -8.82 -13.50
N ILE A 365 -2.19 -7.50 -13.65
CA ILE A 365 -2.86 -6.57 -12.76
C ILE A 365 -3.74 -5.62 -13.54
N ILE A 366 -4.63 -4.93 -12.85
CA ILE A 366 -5.49 -3.95 -13.50
C ILE A 366 -5.55 -2.65 -12.71
N ASP A 367 -5.86 -1.57 -13.41
CA ASP A 367 -6.11 -0.28 -12.78
C ASP A 367 -7.29 -0.36 -11.81
N PHE A 368 -7.42 0.67 -10.99
CA PHE A 368 -8.68 0.92 -10.31
C PHE A 368 -9.66 1.33 -11.39
N SER A 369 -9.14 1.99 -12.42
CA SER A 369 -9.93 2.44 -13.55
C SER A 369 -10.30 1.32 -14.53
N ASP A 370 -9.47 0.28 -14.59
CA ASP A 370 -9.71 -0.85 -15.48
C ASP A 370 -10.97 -1.62 -15.08
N LEU A 371 -11.33 -1.52 -13.81
CA LEU A 371 -12.52 -2.17 -13.26
C LEU A 371 -13.76 -1.83 -14.10
N GLU A 372 -14.08 -0.54 -14.15
CA GLU A 372 -15.22 -0.06 -14.92
C GLU A 372 -15.16 -0.50 -16.38
N HIS A 373 -14.07 -0.17 -17.04
CA HIS A 373 -13.94 -0.35 -18.48
C HIS A 373 -13.95 -1.83 -18.90
N TYR A 374 -13.26 -2.68 -18.15
CA TYR A 374 -13.28 -4.11 -18.46
C TYR A 374 -14.66 -4.69 -18.21
N CYS A 375 -15.34 -4.21 -17.17
CA CYS A 375 -16.70 -4.64 -16.86
C CYS A 375 -17.61 -4.30 -18.02
N LEU A 376 -17.54 -3.03 -18.45
CA LEU A 376 -18.32 -2.54 -19.58
C LEU A 376 -18.03 -3.36 -20.83
N ALA A 377 -16.77 -3.72 -21.03
CA ALA A 377 -16.40 -4.56 -22.17
C ALA A 377 -17.10 -5.91 -22.10
N ILE A 378 -17.09 -6.51 -20.91
CA ILE A 378 -17.70 -7.82 -20.69
C ILE A 378 -19.20 -7.79 -20.94
N LEU A 379 -19.83 -6.68 -20.55
CA LEU A 379 -21.29 -6.57 -20.64
C LEU A 379 -21.78 -6.34 -22.07
N THR A 380 -20.95 -5.75 -22.92
CA THR A 380 -21.34 -5.52 -24.31
C THR A 380 -20.91 -6.66 -25.22
N ALA A 381 -21.73 -6.92 -26.23
CA ALA A 381 -21.34 -7.84 -27.29
C ALA A 381 -21.07 -7.04 -28.56
N GLU A 382 -22.03 -6.21 -28.94
CA GLU A 382 -21.93 -5.39 -30.14
C GLU A 382 -22.08 -3.91 -29.79
N ASN A 383 -21.14 -3.09 -30.25
CA ASN A 383 -21.18 -1.65 -30.02
C ASN A 383 -21.24 -0.88 -31.34
N ASP A 384 -22.35 -0.18 -31.58
CA ASP A 384 -22.53 0.56 -32.82
C ASP A 384 -22.73 2.05 -32.57
N LYS A 385 -21.64 2.82 -32.74
CA LYS A 385 -21.67 4.27 -32.61
C LYS A 385 -22.24 4.74 -31.27
N GLY A 386 -21.94 4.00 -30.22
CA GLY A 386 -22.41 4.35 -28.89
C GLY A 386 -23.62 3.57 -28.44
N GLU A 387 -24.14 2.71 -29.32
CA GLU A 387 -25.26 1.85 -28.98
C GLU A 387 -24.76 0.47 -28.56
N ARG A 388 -24.92 0.16 -27.28
CA ARG A 388 -24.35 -1.05 -26.71
C ARG A 388 -25.38 -2.17 -26.58
N GLU A 389 -25.17 -3.26 -27.32
CA GLU A 389 -25.99 -4.45 -27.18
C GLU A 389 -25.45 -5.36 -26.08
N PRO A 390 -26.33 -5.81 -25.19
CA PRO A 390 -25.97 -6.65 -24.04
C PRO A 390 -25.42 -8.03 -24.43
N SER A 391 -24.31 -8.42 -23.81
CA SER A 391 -23.73 -9.73 -24.00
C SER A 391 -24.38 -10.75 -23.06
N GLU A 392 -23.92 -12.00 -23.15
CA GLU A 392 -24.45 -13.08 -22.32
C GLU A 392 -24.31 -12.76 -20.85
N ALA A 393 -23.17 -12.18 -20.49
CA ALA A 393 -22.94 -11.75 -19.12
C ALA A 393 -24.01 -10.76 -18.69
N ALA A 394 -24.31 -9.82 -19.57
CA ALA A 394 -25.30 -8.78 -19.29
C ALA A 394 -26.70 -9.36 -19.14
N ARG A 395 -27.03 -10.34 -19.98
CA ARG A 395 -28.32 -11.01 -19.89
C ARG A 395 -28.44 -11.71 -18.54
N PHE A 396 -27.38 -12.41 -18.15
CA PHE A 396 -27.34 -13.09 -16.86
C PHE A 396 -27.66 -12.14 -15.72
N TYR A 397 -26.96 -11.02 -15.68
CA TYR A 397 -27.14 -10.04 -14.60
C TYR A 397 -28.49 -9.34 -14.73
N GLN A 398 -29.04 -9.31 -15.93
CA GLN A 398 -30.38 -8.76 -16.13
C GLN A 398 -31.44 -9.67 -15.51
N GLU A 399 -31.27 -10.97 -15.70
CA GLU A 399 -32.21 -11.96 -15.17
C GLU A 399 -32.07 -12.16 -13.67
N GLN A 400 -30.83 -12.16 -13.18
CA GLN A 400 -30.54 -12.35 -11.76
C GLN A 400 -31.09 -11.21 -10.91
N PHE A 401 -30.95 -9.98 -11.39
CA PHE A 401 -31.44 -8.82 -10.65
C PHE A 401 -32.84 -8.44 -11.07
N HIS A 402 -33.76 -8.41 -10.11
CA HIS A 402 -35.13 -7.99 -10.37
C HIS A 402 -35.20 -6.47 -10.40
N GLU A 403 -34.36 -5.83 -9.60
CA GLU A 403 -34.28 -4.37 -9.56
C GLU A 403 -32.86 -3.92 -9.19
N VAL A 404 -32.45 -2.77 -9.70
CA VAL A 404 -31.14 -2.21 -9.41
C VAL A 404 -31.27 -0.87 -8.66
N LEU A 405 -30.73 -0.83 -7.44
CA LEU A 405 -30.87 0.36 -6.60
C LEU A 405 -29.57 1.15 -6.51
N VAL A 406 -29.66 2.45 -6.80
CA VAL A 406 -28.51 3.34 -6.77
C VAL A 406 -28.71 4.53 -5.84
N ASP A 407 -27.80 4.70 -4.90
CA ASP A 407 -27.80 5.88 -4.04
C ASP A 407 -26.66 6.81 -4.47
N GLU A 408 -26.82 8.11 -4.19
CA GLU A 408 -25.85 9.13 -4.59
C GLU A 408 -25.70 9.18 -6.11
N TYR A 409 -26.82 9.07 -6.81
CA TYR A 409 -26.81 8.98 -8.27
C TYR A 409 -26.37 10.27 -8.94
N GLN A 410 -26.41 11.38 -8.21
CA GLN A 410 -26.02 12.67 -8.78
C GLN A 410 -24.51 12.76 -8.99
N ASP A 411 -23.78 11.73 -8.59
CA ASP A 411 -22.34 11.68 -8.77
C ASP A 411 -21.92 10.48 -9.61
N THR A 412 -22.87 9.91 -10.33
CA THR A 412 -22.60 8.84 -11.28
C THR A 412 -21.82 9.40 -12.48
N ASN A 413 -20.91 8.62 -13.07
CA ASN A 413 -20.26 9.05 -14.30
C ASN A 413 -20.68 8.17 -15.47
N LEU A 414 -20.38 8.64 -16.68
CA LEU A 414 -20.89 8.05 -17.91
C LEU A 414 -20.56 6.57 -18.08
N VAL A 415 -19.38 6.18 -17.60
CA VAL A 415 -18.97 4.78 -17.66
C VAL A 415 -19.85 3.92 -16.76
N GLN A 416 -20.02 4.36 -15.52
CA GLN A 416 -20.90 3.71 -14.56
C GLN A 416 -22.33 3.62 -15.10
N GLU A 417 -22.81 4.73 -15.65
CA GLU A 417 -24.16 4.81 -16.21
C GLU A 417 -24.35 3.80 -17.32
N SER A 418 -23.30 3.57 -18.10
CA SER A 418 -23.35 2.58 -19.17
C SER A 418 -23.52 1.20 -18.59
N ILE A 419 -22.78 0.93 -17.53
CA ILE A 419 -22.81 -0.37 -16.86
C ILE A 419 -24.17 -0.60 -16.22
N LEU A 420 -24.74 0.45 -15.64
CA LEU A 420 -26.08 0.36 -15.09
C LEU A 420 -27.09 0.09 -16.20
N GLN A 421 -26.93 0.78 -17.33
CA GLN A 421 -27.86 0.61 -18.44
C GLN A 421 -27.81 -0.79 -19.05
N LEU A 422 -26.72 -1.51 -18.80
CA LEU A 422 -26.58 -2.84 -19.36
C LEU A 422 -27.00 -3.94 -18.39
N VAL A 423 -26.94 -3.66 -17.09
CA VAL A 423 -27.36 -4.65 -16.10
C VAL A 423 -28.85 -4.53 -15.80
N THR A 424 -29.39 -3.32 -15.89
CA THR A 424 -30.82 -3.13 -15.65
C THR A 424 -31.64 -3.72 -16.80
N SER A 425 -32.90 -4.01 -16.51
CA SER A 425 -33.75 -4.72 -17.48
C SER A 425 -34.56 -3.76 -18.34
N GLY A 426 -34.10 -3.55 -19.57
CA GLY A 426 -34.91 -2.94 -20.60
C GLY A 426 -34.83 -1.44 -20.78
N PRO A 427 -35.83 -0.88 -21.47
CA PRO A 427 -35.98 0.56 -21.68
C PRO A 427 -36.46 1.28 -20.43
N GLU A 428 -36.33 2.60 -20.42
CA GLU A 428 -36.70 3.45 -19.29
C GLU A 428 -38.16 3.28 -18.87
N GLU A 429 -39.04 3.20 -19.86
CA GLU A 429 -40.49 3.21 -19.64
C GLU A 429 -40.99 2.10 -18.73
N THR A 430 -40.33 0.94 -18.82
CA THR A 430 -40.72 -0.23 -18.03
C THR A 430 -39.53 -0.97 -17.43
N GLY A 431 -38.59 -0.20 -16.87
CA GLY A 431 -37.35 -0.78 -16.38
C GLY A 431 -37.35 -1.04 -14.89
N ASN A 432 -36.20 -1.49 -14.40
CA ASN A 432 -36.04 -1.85 -13.00
C ASN A 432 -34.92 -1.06 -12.34
N LEU A 433 -34.78 0.19 -12.72
CA LEU A 433 -33.72 1.04 -12.18
C LEU A 433 -34.26 2.04 -11.18
N PHE A 434 -33.98 1.80 -9.90
CA PHE A 434 -34.35 2.73 -8.84
C PHE A 434 -33.12 3.55 -8.44
N MET A 435 -33.24 4.87 -8.45
CA MET A 435 -32.11 5.73 -8.09
C MET A 435 -32.54 6.95 -7.27
N VAL A 436 -31.79 7.22 -6.21
CA VAL A 436 -32.05 8.37 -5.35
C VAL A 436 -30.81 9.24 -5.32
N GLY A 437 -31.01 10.54 -5.14
CA GLY A 437 -29.91 11.48 -5.08
C GLY A 437 -30.38 12.92 -5.00
N ASP A 438 -29.42 13.84 -5.14
CA ASP A 438 -29.72 15.27 -5.09
C ASP A 438 -28.68 16.09 -5.87
N VAL A 439 -29.13 16.75 -6.93
CA VAL A 439 -28.25 17.55 -7.77
C VAL A 439 -27.48 18.58 -6.95
N LYS A 440 -28.17 19.17 -5.98
CA LYS A 440 -27.59 20.20 -5.12
C LYS A 440 -26.39 19.68 -4.33
N GLN A 441 -26.26 18.36 -4.24
CA GLN A 441 -25.22 17.76 -3.40
C GLN A 441 -24.10 17.09 -4.19
N SER A 442 -24.07 17.28 -5.51
CA SER A 442 -22.99 16.71 -6.32
C SER A 442 -21.67 17.43 -6.07
N ILE A 443 -20.65 16.67 -5.65
CA ILE A 443 -19.36 17.24 -5.30
C ILE A 443 -18.18 16.49 -5.88
N TYR A 444 -18.39 15.79 -6.99
CA TYR A 444 -17.33 14.96 -7.55
C TYR A 444 -17.09 15.17 -9.04
N ARG A 445 -17.24 16.41 -9.49
CA ARG A 445 -16.96 16.72 -10.88
C ARG A 445 -15.44 16.76 -11.13
N PHE A 446 -14.66 16.89 -10.06
CA PHE A 446 -13.20 16.84 -10.20
C PHE A 446 -12.81 15.43 -10.62
N ARG A 447 -13.66 14.46 -10.28
CA ARG A 447 -13.48 13.08 -10.68
C ARG A 447 -14.26 12.79 -11.96
N LEU A 448 -14.63 13.85 -12.67
CA LEU A 448 -15.39 13.76 -13.90
C LEU A 448 -16.72 13.02 -13.74
N ALA A 449 -17.43 13.30 -12.64
CA ALA A 449 -18.78 12.79 -12.48
C ALA A 449 -19.75 13.72 -13.20
N GLU A 450 -20.87 13.16 -13.67
CA GLU A 450 -21.82 13.94 -14.43
C GLU A 450 -23.16 14.03 -13.73
N PRO A 451 -23.38 15.12 -12.98
CA PRO A 451 -24.67 15.38 -12.34
C PRO A 451 -25.77 15.65 -13.37
N LEU A 452 -25.37 16.03 -14.58
CA LEU A 452 -26.30 16.28 -15.67
C LEU A 452 -27.01 15.00 -16.09
N LEU A 453 -26.37 13.87 -15.78
CA LEU A 453 -26.96 12.55 -15.93
C LEU A 453 -28.25 12.47 -15.13
N PHE A 454 -28.16 12.91 -13.88
CA PHE A 454 -29.31 13.01 -12.99
C PHE A 454 -30.33 14.00 -13.56
N LEU A 455 -29.85 15.21 -13.88
CA LEU A 455 -30.71 16.33 -14.23
C LEU A 455 -31.56 16.05 -15.46
N SER A 456 -30.96 15.46 -16.49
CA SER A 456 -31.69 15.12 -17.70
C SER A 456 -32.81 14.13 -17.41
N LYS A 457 -32.54 13.21 -16.49
CA LYS A 457 -33.54 12.22 -16.09
C LYS A 457 -34.64 12.85 -15.25
N TYR A 458 -34.32 13.93 -14.55
CA TYR A 458 -35.34 14.64 -13.79
C TYR A 458 -36.29 15.37 -14.73
N LYS A 459 -35.73 15.89 -15.82
CA LYS A 459 -36.50 16.69 -16.78
C LYS A 459 -37.35 15.80 -17.69
N ARG A 460 -36.85 14.61 -17.98
CA ARG A 460 -37.57 13.69 -18.86
C ARG A 460 -38.69 12.97 -18.13
N PHE A 461 -38.50 12.73 -16.84
CA PHE A 461 -39.46 11.97 -16.05
C PHE A 461 -40.68 12.80 -15.65
N THR A 462 -41.80 12.11 -15.46
CA THR A 462 -43.04 12.75 -15.05
C THR A 462 -43.58 12.11 -13.76
N GLU A 463 -44.27 12.90 -12.95
CA GLU A 463 -44.92 12.40 -11.74
C GLU A 463 -45.87 11.29 -12.12
N SER A 464 -46.61 11.51 -13.20
CA SER A 464 -47.50 10.51 -13.75
C SER A 464 -46.72 9.24 -14.11
N GLY A 465 -45.57 9.42 -14.74
CA GLY A 465 -44.71 8.32 -15.11
C GLY A 465 -45.31 7.40 -16.15
N GLU A 466 -46.21 7.95 -16.97
CA GLU A 466 -46.85 7.17 -18.02
C GLU A 466 -46.05 7.28 -19.30
N GLY A 467 -45.66 6.14 -19.86
CA GLY A 467 -44.90 6.11 -21.10
C GLY A 467 -43.42 6.42 -20.88
N THR A 468 -43.10 6.92 -19.69
CA THR A 468 -41.73 7.26 -19.34
C THR A 468 -41.37 6.69 -17.97
N GLY A 469 -40.32 7.26 -17.37
CA GLY A 469 -39.96 6.94 -15.99
C GLY A 469 -40.59 7.95 -15.05
N ARG A 470 -40.78 7.56 -13.80
CA ARG A 470 -41.40 8.44 -12.83
C ARG A 470 -40.40 9.10 -11.90
N LYS A 471 -40.56 10.40 -11.69
CA LYS A 471 -39.76 11.12 -10.71
C LYS A 471 -40.58 11.32 -9.43
N ILE A 472 -39.91 11.29 -8.28
CA ILE A 472 -40.58 11.53 -7.02
C ILE A 472 -39.82 12.57 -6.22
N ASP A 473 -40.51 13.65 -5.83
CA ASP A 473 -39.93 14.68 -5.00
C ASP A 473 -40.22 14.41 -3.53
N LEU A 474 -39.25 14.70 -2.66
CA LEU A 474 -39.50 14.74 -1.23
C LEU A 474 -39.21 16.16 -0.75
N ASN A 475 -40.18 16.78 -0.10
CA ASN A 475 -40.03 18.15 0.33
C ASN A 475 -39.55 18.27 1.77
N LYS A 476 -39.92 17.30 2.59
CA LYS A 476 -39.67 17.39 4.02
C LYS A 476 -38.24 17.05 4.42
N ASN A 477 -37.71 17.81 5.38
CA ASN A 477 -36.42 17.51 6.01
C ASN A 477 -36.62 16.96 7.43
N PHE A 478 -36.05 15.79 7.69
CA PHE A 478 -36.23 15.15 9.00
C PHE A 478 -34.94 15.08 9.80
N ARG A 479 -33.89 15.72 9.28
CA ARG A 479 -32.58 15.56 9.89
C ARG A 479 -32.28 16.68 10.89
N SER A 480 -32.62 17.92 10.54
CA SER A 480 -32.10 19.06 11.29
C SER A 480 -33.13 19.99 11.91
N ARG A 481 -32.64 20.86 12.80
CA ARG A 481 -33.43 21.92 13.39
C ARG A 481 -33.71 23.04 12.40
N ALA A 482 -34.69 23.88 12.73
CA ALA A 482 -35.15 24.94 11.84
C ALA A 482 -34.12 26.04 11.65
N ASP A 483 -33.28 26.26 12.66
CA ASP A 483 -32.23 27.26 12.56
C ASP A 483 -31.29 26.97 11.39
N ILE A 484 -30.92 25.70 11.26
CA ILE A 484 -30.04 25.25 10.18
C ILE A 484 -30.70 25.40 8.82
N LEU A 485 -31.93 24.88 8.71
CA LEU A 485 -32.67 24.90 7.45
C LEU A 485 -32.88 26.33 6.96
N ASP A 486 -33.21 27.23 7.88
CA ASP A 486 -33.48 28.61 7.54
C ASP A 486 -32.20 29.34 7.14
N SER A 487 -31.13 29.08 7.87
CA SER A 487 -29.82 29.66 7.58
C SER A 487 -29.36 29.24 6.19
N THR A 488 -29.47 27.94 5.92
CA THR A 488 -29.13 27.39 4.62
C THR A 488 -29.96 28.03 3.50
N ASN A 489 -31.27 27.86 3.60
CA ASN A 489 -32.21 28.39 2.61
C ASN A 489 -32.04 29.88 2.36
N PHE A 490 -31.79 30.65 3.42
CA PHE A 490 -31.57 32.08 3.28
C PHE A 490 -30.34 32.35 2.43
N LEU A 491 -29.27 31.61 2.72
CA LEU A 491 -28.00 31.78 2.02
C LEU A 491 -28.10 31.37 0.55
N PHE A 492 -28.79 30.26 0.29
CA PHE A 492 -28.76 29.68 -1.05
C PHE A 492 -29.84 30.13 -2.00
N LYS A 493 -30.80 30.93 -1.51
CA LYS A 493 -31.75 31.57 -2.41
C LYS A 493 -31.04 32.74 -3.08
N GLN A 494 -29.95 33.18 -2.45
CA GLN A 494 -29.19 34.33 -2.93
C GLN A 494 -27.96 33.96 -3.75
N LEU A 495 -27.58 32.68 -3.72
CA LEU A 495 -26.31 32.25 -4.31
C LEU A 495 -26.46 31.28 -5.46
N MET A 496 -27.23 30.22 -5.25
CA MET A 496 -27.34 29.14 -6.24
C MET A 496 -28.46 29.39 -7.25
N GLY A 497 -28.09 29.75 -8.47
CA GLY A 497 -29.08 30.00 -9.51
C GLY A 497 -28.48 30.18 -10.89
N GLY A 498 -28.90 29.33 -11.82
CA GLY A 498 -28.46 29.43 -13.20
C GLY A 498 -26.99 29.18 -13.40
N LYS A 499 -26.29 30.20 -13.91
CA LYS A 499 -24.87 30.07 -14.26
C LYS A 499 -23.99 29.63 -13.08
N ILE A 500 -24.34 30.08 -11.88
CA ILE A 500 -23.62 29.67 -10.70
C ILE A 500 -24.56 28.84 -9.81
N GLY A 501 -24.33 27.54 -9.80
CA GLY A 501 -25.19 26.60 -9.11
C GLY A 501 -25.79 25.58 -10.06
N GLU A 502 -25.89 25.96 -11.34
CA GLU A 502 -26.45 25.09 -12.40
C GLU A 502 -27.89 24.66 -12.13
N VAL A 503 -28.48 25.17 -11.06
CA VAL A 503 -29.80 24.74 -10.60
C VAL A 503 -30.54 25.93 -9.96
N ASP A 504 -31.86 25.98 -10.16
CA ASP A 504 -32.68 26.98 -9.47
C ASP A 504 -32.96 26.57 -8.03
N TYR A 505 -32.68 27.47 -7.09
CA TYR A 505 -33.03 27.22 -5.70
C TYR A 505 -34.41 27.77 -5.42
N ASP A 506 -35.41 27.17 -6.05
CA ASP A 506 -36.80 27.60 -5.94
C ASP A 506 -37.49 27.01 -4.71
N GLU A 507 -38.79 27.26 -4.58
CA GLU A 507 -39.55 26.81 -3.43
C GLU A 507 -39.56 25.28 -3.29
N GLN A 508 -39.65 24.59 -4.41
CA GLN A 508 -39.70 23.13 -4.40
C GLN A 508 -38.39 22.53 -3.89
N ALA A 509 -37.30 23.29 -4.01
CA ALA A 509 -35.98 22.81 -3.64
C ALA A 509 -35.57 23.28 -2.25
N GLU A 510 -36.30 24.23 -1.69
CA GLU A 510 -36.00 24.75 -0.36
C GLU A 510 -36.24 23.68 0.70
N LEU A 511 -35.45 23.73 1.76
CA LEU A 511 -35.59 22.81 2.87
C LEU A 511 -36.83 23.15 3.70
N LYS A 512 -37.63 22.14 4.03
CA LYS A 512 -38.85 22.35 4.77
C LYS A 512 -38.88 21.52 6.05
N LEU A 513 -39.10 22.19 7.17
CA LEU A 513 -39.03 21.57 8.50
C LEU A 513 -39.97 20.37 8.64
N GLY A 514 -39.46 19.28 9.19
CA GLY A 514 -40.25 18.08 9.38
C GLY A 514 -39.87 17.31 10.63
N ALA A 515 -38.78 17.74 11.27
CA ALA A 515 -38.31 17.07 12.47
C ALA A 515 -38.76 17.79 13.74
N ALA A 516 -39.23 17.03 14.71
CA ALA A 516 -39.69 17.60 15.97
C ALA A 516 -38.53 17.81 16.94
N TYR A 517 -38.20 19.08 17.18
CA TYR A 517 -37.12 19.45 18.09
C TYR A 517 -37.59 20.45 19.14
N PRO A 518 -37.47 20.08 20.42
CA PRO A 518 -37.71 21.03 21.52
C PRO A 518 -36.79 22.24 21.42
N ASP A 519 -37.31 23.43 21.75
CA ASP A 519 -36.61 24.69 21.48
C ASP A 519 -35.26 24.86 22.15
N ASN A 520 -34.52 25.88 21.70
CA ASN A 520 -33.24 26.26 22.27
C ASN A 520 -32.85 27.69 21.87
N ASP A 521 -32.35 28.47 22.83
CA ASP A 521 -31.78 29.77 22.53
C ASP A 521 -30.42 29.58 21.87
N GLU A 522 -29.84 28.41 22.10
CA GLU A 522 -28.46 28.13 21.71
C GLU A 522 -28.24 27.96 20.21
N THR A 523 -29.20 27.35 19.53
CA THR A 523 -29.00 26.85 18.17
C THR A 523 -28.83 27.92 17.08
N GLU A 524 -28.61 29.17 17.49
CA GLU A 524 -28.36 30.24 16.52
C GLU A 524 -27.11 29.95 15.70
N THR A 525 -27.20 30.15 14.39
CA THR A 525 -26.04 29.95 13.52
C THR A 525 -25.05 31.11 13.68
N GLU A 526 -23.82 30.76 14.01
CA GLU A 526 -22.82 31.77 14.35
C GLU A 526 -21.81 31.99 13.24
N LEU A 527 -21.52 33.26 12.98
CA LEU A 527 -20.50 33.63 12.00
C LEU A 527 -19.36 34.38 12.69
N LEU A 528 -18.19 33.77 12.69
CA LEU A 528 -17.02 34.35 13.32
C LEU A 528 -16.05 34.87 12.28
N LEU A 529 -16.00 36.19 12.12
CA LEU A 529 -15.07 36.82 11.19
C LEU A 529 -13.85 37.33 11.93
N ILE A 530 -12.67 36.86 11.52
CA ILE A 530 -11.42 37.21 12.19
C ILE A 530 -10.60 38.20 11.37
N ASP A 531 -10.07 39.22 12.05
CA ASP A 531 -9.32 40.26 11.38
C ASP A 531 -7.82 39.98 11.42
N GLU A 544 3.21 38.24 13.36
CA GLU A 544 4.07 37.07 13.26
C GLU A 544 3.32 35.80 13.65
N LEU A 545 2.02 35.78 13.42
CA LEU A 545 1.19 34.62 13.76
C LEU A 545 0.35 34.16 12.57
N GLU A 546 0.23 32.85 12.43
CA GLU A 546 -0.54 32.25 11.34
C GLU A 546 -2.03 32.48 11.50
N THR A 547 -2.71 32.71 10.39
CA THR A 547 -4.15 32.93 10.39
C THR A 547 -4.88 31.67 10.83
N VAL A 548 -4.36 30.52 10.41
CA VAL A 548 -4.95 29.23 10.75
C VAL A 548 -4.99 29.02 12.27
N GLN A 549 -3.99 29.56 12.96
CA GLN A 549 -3.91 29.43 14.41
C GLN A 549 -5.03 30.20 15.11
N PHE A 550 -5.31 31.41 14.61
CA PHE A 550 -6.39 32.21 15.17
C PHE A 550 -7.73 31.52 14.98
N GLU A 551 -7.92 30.97 13.78
CA GLU A 551 -9.13 30.24 13.44
C GLU A 551 -9.31 29.05 14.37
N ALA A 552 -8.23 28.30 14.57
CA ALA A 552 -8.25 27.14 15.45
C ALA A 552 -8.53 27.54 16.90
N LYS A 553 -7.99 28.69 17.30
CA LYS A 553 -8.18 29.20 18.65
C LYS A 553 -9.66 29.53 18.89
N ALA A 554 -10.26 30.21 17.92
CA ALA A 554 -11.67 30.57 17.98
C ALA A 554 -12.54 29.33 18.06
N ILE A 555 -12.28 28.36 17.19
CA ILE A 555 -13.01 27.11 17.18
C ILE A 555 -13.01 26.44 18.55
N ALA A 556 -11.81 26.22 19.08
CA ALA A 556 -11.62 25.59 20.38
C ALA A 556 -12.37 26.34 21.47
N LYS A 557 -12.28 27.65 21.43
CA LYS A 557 -12.95 28.52 22.40
C LYS A 557 -14.44 28.22 22.47
N GLU A 558 -15.10 28.27 21.32
CA GLU A 558 -16.54 28.05 21.25
C GLU A 558 -16.91 26.62 21.63
N ILE A 559 -16.04 25.67 21.28
CA ILE A 559 -16.24 24.27 21.65
C ILE A 559 -16.25 24.13 23.16
N ARG A 560 -15.31 24.81 23.83
CA ARG A 560 -15.27 24.80 25.28
C ARG A 560 -16.53 25.40 25.89
N LYS A 561 -17.08 26.42 25.21
CA LYS A 561 -18.31 27.05 25.65
C LYS A 561 -19.46 26.05 25.59
N LEU A 562 -19.44 25.21 24.56
CA LEU A 562 -20.46 24.18 24.41
C LEU A 562 -20.34 23.11 25.50
N ILE A 563 -19.12 22.91 25.98
CA ILE A 563 -18.86 21.86 26.97
C ILE A 563 -19.13 22.36 28.40
N SER A 564 -18.77 23.61 28.68
CA SER A 564 -18.90 24.18 30.02
C SER A 564 -20.33 24.09 30.55
N SER A 565 -21.27 24.56 29.74
CA SER A 565 -22.69 24.35 30.02
C SER A 565 -23.22 23.37 28.98
N PRO A 566 -23.60 22.16 29.42
CA PRO A 566 -23.95 21.07 28.51
C PRO A 566 -25.03 21.45 27.49
N PHE A 567 -24.66 21.42 26.21
CA PHE A 567 -25.64 21.48 25.15
C PHE A 567 -26.47 20.21 25.23
N LYS A 568 -27.75 20.31 24.89
CA LYS A 568 -28.65 19.17 24.99
C LYS A 568 -28.88 18.53 23.63
N VAL A 569 -28.55 17.24 23.53
CA VAL A 569 -28.68 16.53 22.26
C VAL A 569 -29.92 15.65 22.25
N TYR A 570 -30.81 15.93 21.31
CA TYR A 570 -32.11 15.25 21.23
C TYR A 570 -32.08 14.11 20.24
N ASP A 571 -32.45 12.91 20.69
CA ASP A 571 -32.56 11.76 19.81
C ASP A 571 -33.97 11.66 19.23
N GLY A 572 -34.17 12.21 18.04
CA GLY A 572 -35.48 12.30 17.42
C GLY A 572 -36.31 11.04 17.42
N LYS A 573 -35.65 9.90 17.21
CA LYS A 573 -36.32 8.61 17.18
C LYS A 573 -36.61 8.13 18.60
N LYS A 574 -35.65 8.35 19.49
CA LYS A 574 -35.78 7.92 20.88
C LYS A 574 -36.53 8.95 21.73
N LYS A 575 -36.48 10.21 21.28
CA LYS A 575 -37.08 11.32 22.02
C LYS A 575 -36.48 11.46 23.41
N THR A 576 -35.19 11.19 23.54
CA THR A 576 -34.52 11.28 24.83
C THR A 576 -33.22 12.08 24.72
N HIS A 577 -32.99 12.95 25.68
CA HIS A 577 -31.83 13.83 25.67
C HIS A 577 -30.57 13.15 26.20
N ARG A 578 -29.42 13.70 25.83
CA ARG A 578 -28.13 13.22 26.28
C ARG A 578 -27.17 14.41 26.38
N ASN A 579 -26.31 14.42 27.39
CA ASN A 579 -25.32 15.48 27.51
C ASN A 579 -24.42 15.58 26.28
N ILE A 580 -23.93 16.78 26.01
CA ILE A 580 -23.11 17.01 24.84
C ILE A 580 -21.79 16.24 25.00
N GLN A 581 -21.45 15.47 23.96
CA GLN A 581 -20.19 14.74 23.90
C GLN A 581 -19.31 15.32 22.81
N TYR A 582 -18.00 15.12 22.91
CA TYR A 582 -17.09 15.62 21.88
C TYR A 582 -17.38 14.98 20.52
N ARG A 583 -17.88 13.75 20.56
CA ARG A 583 -18.18 13.02 19.33
C ARG A 583 -19.37 13.62 18.58
N ASP A 584 -20.01 14.61 19.19
CA ASP A 584 -21.12 15.30 18.55
C ASP A 584 -20.61 16.48 17.72
N ILE A 585 -19.50 17.05 18.14
CA ILE A 585 -18.91 18.19 17.44
C ILE A 585 -18.09 17.70 16.25
N VAL A 586 -18.31 18.31 15.10
CA VAL A 586 -17.60 17.94 13.88
C VAL A 586 -17.05 19.17 13.16
N ILE A 587 -15.75 19.18 12.87
CA ILE A 587 -15.19 20.29 12.12
C ILE A 587 -15.02 19.90 10.65
N LEU A 588 -15.67 20.65 9.77
CA LEU A 588 -15.56 20.40 8.33
C LEU A 588 -14.57 21.35 7.70
N LEU A 589 -13.68 20.82 6.87
CA LEU A 589 -12.75 21.64 6.11
C LEU A 589 -12.90 21.35 4.62
N ARG A 590 -12.68 22.37 3.80
CA ARG A 590 -12.68 22.18 2.35
C ARG A 590 -11.41 21.47 1.93
N SER A 591 -10.30 21.91 2.48
CA SER A 591 -9.00 21.28 2.23
C SER A 591 -8.26 21.04 3.55
N MET A 592 -7.51 19.94 3.61
CA MET A 592 -6.81 19.56 4.83
C MET A 592 -5.41 20.15 5.12
N PRO A 593 -4.87 21.04 4.26
CA PRO A 593 -3.62 21.69 4.69
C PRO A 593 -3.68 22.32 6.08
N TRP A 594 -4.80 22.93 6.45
CA TRP A 594 -4.89 23.62 7.73
C TRP A 594 -5.09 22.68 8.91
N ALA A 595 -5.50 21.44 8.61
CA ALA A 595 -5.89 20.46 9.64
C ALA A 595 -4.83 20.19 10.72
N PRO A 596 -3.56 19.97 10.33
CA PRO A 596 -2.58 19.68 11.37
C PRO A 596 -2.46 20.73 12.46
N GLN A 597 -2.23 21.98 12.06
CA GLN A 597 -2.14 23.09 13.02
C GLN A 597 -3.37 23.18 13.92
N ILE A 598 -4.54 22.95 13.33
CA ILE A 598 -5.80 22.95 14.08
C ILE A 598 -5.78 21.87 15.17
N MET A 599 -5.44 20.65 14.77
CA MET A 599 -5.37 19.52 15.70
C MET A 599 -4.45 19.85 16.87
N GLU A 600 -3.30 20.44 16.56
CA GLU A 600 -2.34 20.84 17.58
C GLU A 600 -2.94 21.83 18.56
N GLU A 601 -3.64 22.81 18.03
CA GLU A 601 -4.25 23.86 18.86
C GLU A 601 -5.34 23.30 19.76
N LEU A 602 -6.18 22.43 19.22
CA LEU A 602 -7.27 21.83 20.00
C LEU A 602 -6.73 20.96 21.13
N ARG A 603 -5.61 20.29 20.87
CA ARG A 603 -4.96 19.47 21.89
C ARG A 603 -4.32 20.36 22.95
N ALA A 604 -3.87 21.54 22.53
CA ALA A 604 -3.33 22.53 23.45
C ALA A 604 -4.43 22.97 24.42
N GLN A 605 -5.66 23.05 23.91
CA GLN A 605 -6.81 23.44 24.71
C GLN A 605 -7.37 22.24 25.45
N GLY A 606 -7.00 21.04 24.99
CA GLY A 606 -7.36 19.82 25.69
C GLY A 606 -8.44 18.96 25.04
N ILE A 607 -8.90 19.38 23.86
CA ILE A 607 -9.98 18.70 23.15
C ILE A 607 -9.45 17.49 22.37
N PRO A 608 -10.18 16.36 22.41
CA PRO A 608 -9.78 15.14 21.67
C PRO A 608 -10.09 15.24 20.18
N VAL A 609 -9.09 15.00 19.33
CA VAL A 609 -9.23 15.17 17.89
C VAL A 609 -8.93 13.91 17.09
N TYR A 610 -9.68 13.70 16.00
CA TYR A 610 -9.42 12.60 15.08
C TYR A 610 -9.60 13.05 13.64
N ALA A 611 -8.54 12.93 12.84
CA ALA A 611 -8.59 13.28 11.43
C ALA A 611 -7.91 12.23 10.57
N ASN A 612 -8.64 11.73 9.56
CA ASN A 612 -8.09 10.75 8.64
C ASN A 612 -7.18 11.40 7.61
N LEU A 613 -5.88 11.14 7.72
CA LEU A 613 -4.91 11.84 6.89
C LEU A 613 -4.38 11.00 5.75
N THR A 614 -4.06 11.67 4.64
CA THR A 614 -3.58 11.01 3.43
C THR A 614 -2.15 11.42 3.10
N SER A 615 -1.51 12.15 4.01
CA SER A 615 -0.16 12.65 3.78
C SER A 615 0.65 12.81 5.06
N GLY A 616 1.95 13.08 4.90
CA GLY A 616 2.82 13.42 6.03
C GLY A 616 3.47 12.27 6.76
N TYR A 617 3.31 11.06 6.23
CA TYR A 617 3.85 9.87 6.89
C TYR A 617 5.37 9.89 6.96
N PHE A 618 6.00 10.29 5.86
CA PHE A 618 7.46 10.23 5.75
C PHE A 618 8.13 11.46 6.37
N GLU A 619 7.32 12.34 6.96
CA GLU A 619 7.85 13.50 7.65
C GLU A 619 7.97 13.21 9.14
N ALA A 620 7.25 12.18 9.58
CA ALA A 620 7.39 11.67 10.94
C ALA A 620 8.82 11.23 11.18
N VAL A 621 9.42 11.74 12.24
CA VAL A 621 10.82 11.46 12.54
C VAL A 621 11.04 9.97 12.82
N GLU A 622 10.07 9.34 13.47
CA GLU A 622 10.16 7.91 13.75
C GLU A 622 10.23 7.13 12.45
N VAL A 623 9.41 7.54 11.48
CA VAL A 623 9.35 6.86 10.19
C VAL A 623 10.65 7.09 9.43
N ALA A 624 11.14 8.32 9.47
CA ALA A 624 12.41 8.66 8.82
C ALA A 624 13.56 7.82 9.36
N VAL A 625 13.58 7.62 10.68
CA VAL A 625 14.66 6.89 11.34
C VAL A 625 14.56 5.39 11.10
N ALA A 626 13.36 4.85 11.28
CA ALA A 626 13.13 3.44 11.07
C ALA A 626 13.47 3.07 9.63
N LEU A 627 13.08 3.93 8.70
CA LEU A 627 13.44 3.78 7.29
C LEU A 627 14.95 3.79 7.13
N SER A 628 15.60 4.75 7.78
CA SER A 628 17.05 4.88 7.73
C SER A 628 17.74 3.60 8.18
N VAL A 629 17.19 2.94 9.19
CA VAL A 629 17.73 1.66 9.62
C VAL A 629 17.63 0.65 8.48
N LEU A 630 16.47 0.61 7.84
CA LEU A 630 16.22 -0.31 6.74
C LEU A 630 17.19 -0.06 5.59
N LYS A 631 17.38 1.21 5.23
CA LYS A 631 18.33 1.53 4.17
C LYS A 631 19.76 1.12 4.52
N VAL A 632 20.14 1.34 5.77
CA VAL A 632 21.49 1.03 6.23
C VAL A 632 21.73 -0.48 6.18
N ILE A 633 20.70 -1.24 6.51
CA ILE A 633 20.78 -2.70 6.42
C ILE A 633 20.91 -3.10 4.95
N ASP A 634 20.33 -2.30 4.06
CA ASP A 634 20.38 -2.56 2.62
C ASP A 634 21.76 -2.26 2.04
N ASN A 635 22.26 -1.07 2.35
CA ASN A 635 23.57 -0.63 1.89
C ASN A 635 24.11 0.43 2.84
N PRO A 636 25.04 0.04 3.72
CA PRO A 636 25.60 0.90 4.77
C PRO A 636 26.31 2.14 4.22
N TYR A 637 26.70 2.08 2.95
CA TYR A 637 27.45 3.17 2.33
C TYR A 637 26.53 4.26 1.85
N GLN A 638 25.65 4.69 2.73
CA GLN A 638 24.84 5.89 2.56
C GLN A 638 25.05 6.76 3.79
N ASP A 639 25.88 7.78 3.64
CA ASP A 639 26.31 8.60 4.78
C ASP A 639 25.15 9.14 5.62
N ILE A 640 24.15 9.72 4.96
CA ILE A 640 23.07 10.39 5.67
C ILE A 640 22.14 9.42 6.41
N PRO A 641 21.69 8.32 5.77
CA PRO A 641 20.91 7.39 6.57
C PRO A 641 21.68 6.80 7.75
N LEU A 642 22.98 6.57 7.56
CA LEU A 642 23.83 6.06 8.64
C LEU A 642 23.90 7.05 9.79
N ALA A 643 24.34 8.26 9.48
CA ALA A 643 24.42 9.34 10.47
C ALA A 643 23.09 9.52 11.19
N SER A 644 22.00 9.38 10.44
CA SER A 644 20.66 9.49 11.00
C SER A 644 20.40 8.43 12.08
N VAL A 645 20.77 7.19 11.79
CA VAL A 645 20.59 6.09 12.73
C VAL A 645 21.51 6.26 13.93
N LEU A 646 22.70 6.75 13.68
CA LEU A 646 23.66 6.97 14.77
C LEU A 646 23.17 8.01 15.77
N ARG A 647 22.73 9.16 15.27
CA ARG A 647 22.27 10.24 16.14
C ARG A 647 20.90 9.94 16.76
N SER A 648 20.19 8.97 16.18
CA SER A 648 18.88 8.58 16.70
C SER A 648 19.03 7.91 18.07
N PRO A 649 17.94 7.87 18.86
CA PRO A 649 17.95 7.18 20.16
C PRO A 649 18.28 5.68 20.07
N ILE A 650 18.30 5.14 18.86
CA ILE A 650 18.66 3.75 18.61
C ILE A 650 20.11 3.49 19.00
N VAL A 651 20.98 4.43 18.64
CA VAL A 651 22.38 4.38 19.01
C VAL A 651 22.68 5.42 20.07
N GLY A 652 22.32 6.68 19.78
CA GLY A 652 22.44 7.74 20.77
C GLY A 652 23.77 8.46 20.77
N ALA A 653 24.49 8.39 19.66
CA ALA A 653 25.75 9.12 19.53
C ALA A 653 25.47 10.61 19.51
N ASP A 654 26.24 11.39 20.27
CA ASP A 654 26.05 12.84 20.26
C ASP A 654 26.98 13.46 19.24
N GLU A 655 26.87 14.78 19.09
CA GLU A 655 27.58 15.51 18.06
C GLU A 655 29.10 15.34 18.16
N ASN A 656 29.60 15.32 19.39
CA ASN A 656 31.03 15.10 19.61
C ASN A 656 31.43 13.69 19.22
N GLU A 657 30.57 12.73 19.55
CA GLU A 657 30.84 11.33 19.25
C GLU A 657 30.79 11.11 17.73
N LEU A 658 29.89 11.83 17.05
CA LEU A 658 29.79 11.76 15.60
C LEU A 658 31.04 12.30 14.93
N SER A 659 31.43 13.51 15.32
CA SER A 659 32.64 14.14 14.77
C SER A 659 33.87 13.31 15.13
N LEU A 660 33.81 12.61 16.25
CA LEU A 660 34.86 11.71 16.66
C LEU A 660 34.99 10.56 15.66
N ILE A 661 33.86 10.05 15.20
CA ILE A 661 33.85 8.98 14.20
C ILE A 661 34.48 9.45 12.90
N ARG A 662 34.12 10.66 12.48
CA ARG A 662 34.65 11.24 11.25
C ARG A 662 36.18 11.36 11.32
N LEU A 663 36.68 11.69 12.51
CA LEU A 663 38.10 11.97 12.68
C LEU A 663 39.00 10.79 12.34
N GLU A 664 38.51 9.57 12.58
CA GLU A 664 39.30 8.38 12.27
C GLU A 664 39.61 8.29 10.78
N ASN A 665 38.67 8.74 9.95
CA ASN A 665 38.85 8.71 8.50
C ASN A 665 38.01 9.80 7.84
N LYS A 666 38.66 10.78 7.24
CA LYS A 666 37.97 11.95 6.71
C LYS A 666 37.49 11.74 5.28
N LYS A 667 38.36 11.19 4.43
CA LYS A 667 38.09 11.05 3.01
C LYS A 667 37.12 9.91 2.69
N ALA A 668 37.07 8.92 3.57
CA ALA A 668 36.28 7.71 3.33
C ALA A 668 34.79 7.93 3.59
N PRO A 669 33.95 6.99 3.12
CA PRO A 669 32.54 6.98 3.52
C PRO A 669 32.39 6.89 5.03
N TYR A 670 31.32 7.46 5.57
CA TYR A 670 31.10 7.50 7.02
C TYR A 670 31.10 6.09 7.60
N TYR A 671 30.54 5.14 6.87
CA TYR A 671 30.54 3.75 7.30
C TYR A 671 31.95 3.24 7.55
N GLU A 672 32.85 3.55 6.63
CA GLU A 672 34.25 3.15 6.76
C GLU A 672 34.87 3.75 8.02
N ALA A 673 34.58 5.03 8.26
CA ALA A 673 35.08 5.72 9.44
C ALA A 673 34.58 5.04 10.71
N MET A 674 33.32 4.62 10.68
CA MET A 674 32.74 3.90 11.80
C MET A 674 33.47 2.58 12.04
N LYS A 675 33.75 1.87 10.94
CA LYS A 675 34.51 0.63 10.98
C LYS A 675 35.90 0.84 11.59
N ASP A 676 36.55 1.93 11.17
CA ASP A 676 37.89 2.24 11.63
C ASP A 676 37.94 2.60 13.11
N TYR A 677 36.97 3.40 13.56
CA TYR A 677 36.90 3.73 14.98
C TYR A 677 36.70 2.48 15.81
N LEU A 678 35.95 1.53 15.26
CA LEU A 678 35.74 0.24 15.92
C LEU A 678 37.06 -0.53 15.98
N ALA A 679 37.89 -0.34 14.96
CA ALA A 679 39.15 -1.06 14.85
C ALA A 679 40.20 -0.51 15.81
N ALA A 680 40.25 0.81 15.95
CA ALA A 680 41.28 1.45 16.76
C ALA A 680 40.84 1.67 18.20
N GLY A 681 39.54 1.79 18.42
CA GLY A 681 39.00 2.08 19.74
C GLY A 681 39.25 0.98 20.76
N ASP A 682 39.07 1.33 22.02
CA ASP A 682 39.26 0.40 23.13
C ASP A 682 37.95 0.16 23.87
N ARG A 683 37.76 -1.09 24.32
CA ARG A 683 36.51 -1.52 24.94
C ARG A 683 36.08 -0.67 26.14
N SER A 684 37.01 0.10 26.70
CA SER A 684 36.73 0.92 27.86
C SER A 684 35.79 2.09 27.56
N ASP A 685 35.87 2.63 26.34
CA ASP A 685 35.10 3.82 25.97
C ASP A 685 33.62 3.51 25.75
N GLU A 686 32.78 4.52 26.01
CA GLU A 686 31.34 4.40 25.83
C GLU A 686 30.97 4.39 24.36
N LEU A 687 31.57 5.30 23.60
CA LEU A 687 31.30 5.42 22.18
C LEU A 687 31.58 4.10 21.45
N TYR A 688 32.67 3.43 21.82
CA TYR A 688 32.99 2.15 21.22
C TYR A 688 31.88 1.14 21.49
N GLN A 689 31.30 1.21 22.70
CA GLN A 689 30.27 0.25 23.09
C GLN A 689 28.99 0.50 22.31
N LYS A 690 28.62 1.77 22.16
CA LYS A 690 27.49 2.14 21.32
C LYS A 690 27.67 1.59 19.91
N LEU A 691 28.80 1.97 19.30
CA LEU A 691 29.12 1.61 17.92
C LEU A 691 29.31 0.10 17.74
N ASN A 692 29.93 -0.56 18.71
CA ASN A 692 30.15 -1.99 18.60
C ASN A 692 28.83 -2.76 18.67
N THR A 693 27.96 -2.34 19.58
CA THR A 693 26.64 -2.94 19.70
C THR A 693 25.84 -2.71 18.42
N PHE A 694 25.86 -1.49 17.92
CA PHE A 694 25.13 -1.16 16.71
C PHE A 694 25.63 -1.98 15.53
N TYR A 695 26.96 -2.09 15.41
CA TYR A 695 27.55 -2.81 14.30
C TYR A 695 27.23 -4.29 14.37
N GLY A 696 27.27 -4.84 15.57
CA GLY A 696 26.90 -6.23 15.79
C GLY A 696 25.47 -6.45 15.33
N HIS A 697 24.60 -5.54 15.74
CA HIS A 697 23.19 -5.54 15.33
C HIS A 697 23.06 -5.43 13.82
N LEU A 698 23.81 -4.52 13.23
CA LEU A 698 23.76 -4.29 11.79
C LEU A 698 24.05 -5.57 11.02
N GLN A 699 25.12 -6.25 11.43
CA GLN A 699 25.52 -7.49 10.79
C GLN A 699 24.47 -8.57 10.96
N LYS A 700 23.90 -8.63 12.16
CA LYS A 700 22.81 -9.57 12.43
C LYS A 700 21.66 -9.35 11.46
N TRP A 701 21.22 -8.10 11.36
CA TRP A 701 20.10 -7.74 10.50
C TRP A 701 20.39 -8.02 9.03
N ARG A 702 21.61 -7.70 8.59
CA ARG A 702 21.96 -7.88 7.20
C ARG A 702 21.86 -9.34 6.80
N ALA A 703 22.36 -10.21 7.65
CA ALA A 703 22.23 -11.65 7.44
C ALA A 703 20.76 -12.03 7.47
N PHE A 704 20.03 -11.41 8.39
CA PHE A 704 18.62 -11.68 8.61
C PHE A 704 17.77 -11.39 7.37
N SER A 705 18.10 -10.31 6.67
CA SER A 705 17.31 -9.87 5.52
C SER A 705 17.32 -10.88 4.37
N LYS A 706 18.29 -11.79 4.37
CA LYS A 706 18.50 -12.68 3.23
C LYS A 706 17.53 -13.86 3.20
N ASN A 707 17.00 -14.25 4.36
CA ASN A 707 16.01 -15.31 4.37
C ASN A 707 14.74 -14.99 5.15
N HIS A 708 14.54 -13.71 5.46
CA HIS A 708 13.28 -13.26 6.05
C HIS A 708 12.71 -12.07 5.29
N SER A 709 11.40 -11.87 5.41
CA SER A 709 10.71 -10.76 4.75
C SER A 709 11.07 -9.40 5.36
N VAL A 710 10.69 -8.32 4.69
CA VAL A 710 10.87 -6.98 5.23
C VAL A 710 10.14 -6.83 6.57
N SER A 711 8.99 -7.49 6.67
CA SER A 711 8.14 -7.39 7.85
C SER A 711 8.79 -8.05 9.06
N GLU A 712 9.24 -9.29 8.88
CA GLU A 712 9.96 -9.99 9.93
C GLU A 712 11.19 -9.18 10.34
N LEU A 713 11.85 -8.58 9.35
CA LEU A 713 13.02 -7.76 9.60
C LEU A 713 12.67 -6.54 10.44
N ILE A 714 11.58 -5.88 10.07
CA ILE A 714 11.14 -4.68 10.78
C ILE A 714 10.76 -4.98 12.23
N TRP A 715 10.05 -6.08 12.45
CA TRP A 715 9.69 -6.46 13.81
C TRP A 715 10.94 -6.82 14.62
N GLU A 716 11.89 -7.49 13.97
CA GLU A 716 13.13 -7.89 14.63
C GLU A 716 13.98 -6.68 14.98
N VAL A 717 14.02 -5.70 14.07
CA VAL A 717 14.73 -4.46 14.34
C VAL A 717 14.09 -3.75 15.52
N TYR A 718 12.75 -3.81 15.57
CA TYR A 718 12.01 -3.20 16.66
C TYR A 718 12.39 -3.83 18.00
N ARG A 719 12.42 -5.15 18.07
CA ARG A 719 12.67 -5.81 19.34
C ARG A 719 14.14 -5.79 19.72
N ASP A 720 15.01 -5.58 18.75
CA ASP A 720 16.45 -5.48 19.04
C ASP A 720 16.83 -4.08 19.47
N THR A 721 16.13 -3.08 18.92
CA THR A 721 16.42 -1.69 19.24
C THR A 721 15.46 -1.14 20.30
N LYS A 722 14.34 -1.85 20.49
CA LYS A 722 13.24 -1.38 21.33
C LYS A 722 12.78 0.02 20.93
N TYR A 723 12.94 0.36 19.65
CA TYR A 723 12.70 1.72 19.20
C TYR A 723 11.23 2.11 19.30
N MET A 724 10.35 1.15 19.06
CA MET A 724 8.92 1.40 19.18
C MET A 724 8.59 1.63 20.64
N ASP A 725 9.08 0.75 21.50
CA ASP A 725 8.95 0.92 22.95
C ASP A 725 9.43 2.30 23.37
N TYR A 726 10.58 2.70 22.85
CA TYR A 726 11.16 3.99 23.24
C TYR A 726 10.26 5.16 22.84
N VAL A 727 9.75 5.16 21.61
CA VAL A 727 9.02 6.31 21.11
C VAL A 727 7.63 6.39 21.75
N GLY A 728 7.16 5.27 22.27
CA GLY A 728 5.89 5.24 22.95
C GLY A 728 5.91 6.00 24.25
N GLY A 729 7.12 6.32 24.72
CA GLY A 729 7.29 7.03 25.97
C GLY A 729 7.82 8.45 25.83
N MET A 730 7.69 9.02 24.63
CA MET A 730 8.09 10.41 24.39
C MET A 730 6.86 11.19 23.89
N PRO A 731 6.95 12.53 23.78
CA PRO A 731 5.73 13.26 23.39
C PRO A 731 5.14 12.82 22.05
N GLY A 732 3.81 12.74 21.99
CA GLY A 732 3.13 12.26 20.79
C GLY A 732 3.28 10.77 20.61
N GLY A 733 3.72 10.09 21.66
CA GLY A 733 4.05 8.67 21.61
C GLY A 733 3.02 7.76 21.00
N LYS A 734 1.75 7.98 21.32
CA LYS A 734 0.66 7.19 20.77
C LYS A 734 0.70 7.18 19.25
N GLN A 735 0.83 8.38 18.68
CA GLN A 735 0.93 8.55 17.23
C GLN A 735 2.16 7.85 16.67
N ARG A 736 3.28 8.05 17.36
CA ARG A 736 4.57 7.51 16.91
C ARG A 736 4.53 6.00 16.84
N GLN A 737 4.03 5.36 17.89
CA GLN A 737 3.92 3.90 17.90
C GLN A 737 2.98 3.42 16.81
N ALA A 738 1.98 4.24 16.51
CA ALA A 738 1.03 3.94 15.45
C ALA A 738 1.76 3.94 14.12
N ASN A 739 2.60 4.96 13.92
CA ASN A 739 3.36 5.09 12.68
C ASN A 739 4.26 3.89 12.41
N LEU A 740 5.02 3.50 13.43
CA LEU A 740 5.93 2.36 13.29
C LEU A 740 5.15 1.08 13.08
N ARG A 741 3.99 1.00 13.71
CA ARG A 741 3.11 -0.15 13.55
C ARG A 741 2.68 -0.33 12.09
N VAL A 742 2.17 0.74 11.47
CA VAL A 742 1.69 0.63 10.09
C VAL A 742 2.86 0.55 9.13
N LEU A 743 4.07 0.85 9.60
CA LEU A 743 5.24 0.60 8.77
C LEU A 743 5.35 -0.90 8.59
N TYR A 744 5.13 -1.63 9.68
CA TYR A 744 5.14 -3.08 9.63
C TYR A 744 4.04 -3.60 8.70
N ASP A 745 2.82 -3.13 8.96
CA ASP A 745 1.65 -3.62 8.24
C ASP A 745 1.72 -3.27 6.75
N ARG A 746 2.09 -2.02 6.44
CA ARG A 746 2.28 -1.64 5.04
C ARG A 746 3.26 -2.57 4.36
N ALA A 747 4.36 -2.90 5.06
CA ALA A 747 5.38 -3.80 4.57
C ALA A 747 4.80 -5.17 4.26
N ARG A 748 3.90 -5.64 5.14
CA ARG A 748 3.25 -6.93 4.95
C ARG A 748 2.41 -6.93 3.69
N GLN A 749 1.70 -5.84 3.45
CA GLN A 749 0.85 -5.71 2.27
C GLN A 749 1.70 -5.77 0.99
N TYR A 750 2.72 -4.93 0.96
CA TYR A 750 3.60 -4.83 -0.21
C TYR A 750 4.38 -6.13 -0.48
N GLU A 751 4.81 -6.80 0.58
CA GLU A 751 5.41 -8.13 0.47
C GLU A 751 4.44 -9.08 -0.19
N SER A 752 3.23 -9.12 0.35
CA SER A 752 2.18 -10.01 -0.15
C SER A 752 1.92 -9.82 -1.64
N THR A 753 2.25 -8.62 -2.15
CA THR A 753 1.76 -8.22 -3.47
C THR A 753 2.89 -8.28 -4.52
N ALA A 754 3.89 -7.40 -4.49
CA ALA A 754 4.81 -7.36 -5.61
C ALA A 754 6.22 -6.94 -5.22
N PHE A 755 6.41 -6.60 -3.94
CA PHE A 755 7.66 -6.02 -3.48
C PHE A 755 8.17 -6.80 -2.28
N ARG A 756 8.37 -8.11 -2.47
CA ARG A 756 8.86 -8.96 -1.39
C ARG A 756 10.35 -8.80 -1.21
N GLY A 757 10.77 -8.56 0.04
CA GLY A 757 12.19 -8.38 0.34
C GLY A 757 12.54 -6.93 0.63
N LEU A 758 13.59 -6.75 1.43
CA LEU A 758 14.01 -5.42 1.86
C LEU A 758 14.33 -4.49 0.70
N PHE A 759 15.11 -5.00 -0.26
CA PHE A 759 15.56 -4.21 -1.40
C PHE A 759 14.41 -3.70 -2.25
N ARG A 760 13.52 -4.61 -2.65
CA ARG A 760 12.36 -4.25 -3.45
C ARG A 760 11.43 -3.29 -2.72
N PHE A 761 11.22 -3.56 -1.43
CA PHE A 761 10.36 -2.74 -0.59
C PHE A 761 10.89 -1.32 -0.48
N LEU A 762 12.17 -1.20 -0.10
CA LEU A 762 12.81 0.10 0.01
C LEU A 762 12.77 0.86 -1.31
N ARG A 763 13.07 0.16 -2.40
CA ARG A 763 13.01 0.73 -3.74
C ARG A 763 11.62 1.29 -4.01
N PHE A 764 10.61 0.52 -3.66
CA PHE A 764 9.22 0.91 -3.87
C PHE A 764 8.89 2.19 -3.09
N ILE A 765 9.34 2.24 -1.84
CA ILE A 765 9.12 3.40 -1.00
C ILE A 765 9.85 4.63 -1.56
N GLU A 766 11.08 4.45 -2.03
CA GLU A 766 11.84 5.55 -2.59
C GLU A 766 11.20 6.06 -3.87
N ARG A 767 10.87 5.13 -4.77
CA ARG A 767 10.23 5.47 -6.03
C ARG A 767 8.92 6.22 -5.78
N MET A 768 8.14 5.73 -4.82
CA MET A 768 6.89 6.38 -4.43
C MET A 768 7.13 7.83 -4.01
N GLN A 769 8.08 8.02 -3.09
CA GLN A 769 8.39 9.34 -2.56
C GLN A 769 8.86 10.29 -3.66
N GLU A 770 9.68 9.79 -4.58
CA GLU A 770 10.24 10.63 -5.64
C GLU A 770 9.15 11.20 -6.54
N ARG A 771 8.14 10.37 -6.82
CA ARG A 771 6.98 10.76 -7.61
C ARG A 771 6.33 12.02 -7.06
N GLY A 772 6.27 12.11 -5.73
CA GLY A 772 5.52 13.15 -5.07
C GLY A 772 4.34 12.52 -4.39
N ASP A 773 4.32 11.19 -4.38
CA ASP A 773 3.29 10.43 -3.69
C ASP A 773 3.55 10.41 -2.19
N ASP A 774 2.53 10.01 -1.43
CA ASP A 774 2.62 10.03 0.01
C ASP A 774 1.70 8.99 0.65
N LEU A 775 1.96 8.67 1.91
CA LEU A 775 1.06 7.86 2.69
C LEU A 775 0.53 8.71 3.83
N GLY A 776 -0.56 8.26 4.45
CA GLY A 776 -1.14 8.98 5.55
C GLY A 776 -0.57 8.54 6.89
N THR A 777 -0.55 9.44 7.85
CA THR A 777 -0.16 9.10 9.22
C THR A 777 -1.17 8.12 9.80
N ALA A 778 -0.69 7.16 10.58
CA ALA A 778 -1.56 6.15 11.17
C ALA A 778 -2.54 6.76 12.15
N ARG A 779 -3.71 6.14 12.28
CA ARG A 779 -4.70 6.60 13.23
C ARG A 779 -4.43 5.97 14.60
N GLY A 780 -4.19 6.81 15.60
CA GLY A 780 -3.92 6.33 16.94
C GLY A 780 -5.17 5.81 17.64
N LEU A 781 -6.26 6.55 17.49
CA LEU A 781 -7.54 6.19 18.10
C LEU A 781 -8.55 5.77 17.03
N SER A 782 -9.40 4.80 17.37
CA SER A 782 -10.45 4.36 16.47
C SER A 782 -11.58 5.38 16.46
N GLU A 783 -12.41 5.33 15.43
CA GLU A 783 -13.50 6.29 15.24
C GLU A 783 -14.50 6.28 16.38
N GLN A 784 -14.85 5.07 16.83
CA GLN A 784 -15.93 4.89 17.80
C GLN A 784 -15.71 5.58 19.13
N GLU A 785 -14.48 6.05 19.37
CA GLU A 785 -14.16 6.73 20.62
C GLU A 785 -14.66 8.17 20.64
N ASP A 786 -14.76 8.74 21.84
CA ASP A 786 -15.30 10.08 22.04
C ASP A 786 -14.30 11.16 21.64
N VAL A 787 -14.32 11.55 20.37
CA VAL A 787 -13.40 12.57 19.85
C VAL A 787 -14.06 13.51 18.85
N VAL A 788 -13.52 14.72 18.74
CA VAL A 788 -13.98 15.67 17.73
C VAL A 788 -13.33 15.39 16.37
N ARG A 789 -14.14 15.15 15.37
CA ARG A 789 -13.64 14.74 14.06
C ARG A 789 -13.37 15.92 13.13
N LEU A 790 -12.13 16.01 12.67
CA LEU A 790 -11.74 16.92 11.58
C LEU A 790 -11.75 16.17 10.25
N MET A 791 -12.73 16.46 9.41
CA MET A 791 -12.84 15.78 8.13
C MET A 791 -13.09 16.77 7.01
N THR A 792 -12.88 16.33 5.77
CA THR A 792 -13.21 17.14 4.61
C THR A 792 -14.71 17.13 4.40
N ILE A 793 -15.22 18.18 3.77
CA ILE A 793 -16.64 18.28 3.46
C ILE A 793 -17.08 17.13 2.56
N HIS A 794 -16.16 16.65 1.72
CA HIS A 794 -16.47 15.56 0.81
C HIS A 794 -16.77 14.25 1.55
N SER A 795 -16.02 13.99 2.60
CA SER A 795 -16.23 12.81 3.43
C SER A 795 -17.58 12.86 4.14
N SER A 796 -18.12 14.06 4.29
CA SER A 796 -19.29 14.30 5.12
C SER A 796 -20.63 13.84 4.51
N LYS A 797 -20.66 13.67 3.19
CA LYS A 797 -21.92 13.51 2.48
C LYS A 797 -22.74 12.29 2.93
N GLY A 798 -24.06 12.47 2.95
CA GLY A 798 -24.98 11.42 3.37
C GLY A 798 -25.05 11.26 4.88
N LEU A 799 -24.20 11.99 5.58
CA LEU A 799 -24.12 11.87 7.03
C LEU A 799 -24.75 13.07 7.74
N GLU A 800 -25.03 12.89 9.02
CA GLU A 800 -25.58 13.98 9.83
C GLU A 800 -24.88 14.05 11.17
N PHE A 801 -24.66 15.28 11.64
CA PHE A 801 -23.99 15.51 12.91
C PHE A 801 -24.70 16.61 13.69
N PRO A 802 -24.86 16.42 15.01
CA PRO A 802 -25.47 17.40 15.92
C PRO A 802 -24.90 18.81 15.77
N VAL A 803 -23.59 18.95 15.94
CA VAL A 803 -22.93 20.25 15.82
C VAL A 803 -21.87 20.21 14.72
N VAL A 804 -21.78 21.30 13.94
CA VAL A 804 -20.88 21.33 12.79
C VAL A 804 -20.16 22.67 12.63
N PHE A 805 -18.82 22.62 12.60
CA PHE A 805 -18.00 23.77 12.28
C PHE A 805 -17.60 23.74 10.80
N VAL A 806 -17.56 24.92 10.17
CA VAL A 806 -17.04 25.03 8.82
C VAL A 806 -16.03 26.16 8.76
N ALA A 807 -14.74 25.81 8.75
CA ALA A 807 -13.67 26.80 8.84
C ALA A 807 -12.93 27.00 7.53
N GLY A 808 -12.07 28.01 7.49
CA GLY A 808 -11.29 28.33 6.30
C GLY A 808 -12.13 28.98 5.22
N LEU A 809 -13.15 29.71 5.63
CA LEU A 809 -14.08 30.34 4.69
C LEU A 809 -13.46 31.53 3.97
N GLY A 810 -12.51 32.19 4.62
CA GLY A 810 -11.84 33.33 4.04
C GLY A 810 -10.75 32.93 3.07
N ARG A 811 -10.58 31.62 2.92
CA ARG A 811 -9.52 31.06 2.08
C ARG A 811 -9.93 31.05 0.61
N ASN A 812 -8.96 31.23 -0.28
CA ASN A 812 -9.22 31.24 -1.72
C ASN A 812 -9.63 29.88 -2.27
N PHE A 813 -10.34 29.89 -3.40
CA PHE A 813 -10.60 28.66 -4.15
C PHE A 813 -9.36 28.24 -4.92
N ASN A 814 -9.08 26.94 -4.92
CA ASN A 814 -8.03 26.42 -5.78
C ASN A 814 -8.50 26.38 -7.23
N MET A 815 -7.96 27.28 -8.05
CA MET A 815 -8.29 27.31 -9.47
C MET A 815 -7.04 27.34 -10.32
N MET A 816 -6.07 26.50 -9.97
CA MET A 816 -4.80 26.45 -10.66
C MET A 816 -4.94 25.89 -12.07
N ASP A 817 -5.95 25.06 -12.27
CA ASP A 817 -6.21 24.44 -13.58
C ASP A 817 -6.35 25.48 -14.69
N LEU A 818 -7.03 26.58 -14.38
CA LEU A 818 -7.23 27.67 -15.33
C LEU A 818 -5.92 28.23 -15.86
N ASN A 819 -4.91 28.23 -15.01
CA ASN A 819 -3.67 28.95 -15.28
C ASN A 819 -2.72 28.27 -16.25
N LYS A 820 -2.93 26.98 -16.51
CA LYS A 820 -2.03 26.24 -17.39
C LYS A 820 -2.21 26.63 -18.85
N SER A 821 -1.23 26.28 -19.68
CA SER A 821 -1.25 26.62 -21.10
C SER A 821 -2.26 25.81 -21.88
N TYR A 822 -2.68 24.70 -21.31
CA TYR A 822 -3.69 23.86 -21.92
C TYR A 822 -4.82 23.61 -20.94
N LEU A 823 -5.96 23.17 -21.45
CA LEU A 823 -7.08 22.83 -20.60
C LEU A 823 -7.81 21.63 -21.18
N LEU A 824 -8.40 20.81 -20.32
CA LEU A 824 -9.16 19.66 -20.79
C LEU A 824 -10.63 19.88 -20.48
N ASP A 825 -11.48 19.38 -21.37
CA ASP A 825 -12.92 19.60 -21.25
C ASP A 825 -13.68 18.38 -21.71
N LYS A 826 -14.67 17.96 -20.93
CA LYS A 826 -15.44 16.76 -21.24
C LYS A 826 -16.16 16.91 -22.58
N GLU A 827 -16.67 18.11 -22.84
CA GLU A 827 -17.45 18.36 -24.04
C GLU A 827 -16.57 18.77 -25.22
N LEU A 828 -15.62 19.68 -24.98
CA LEU A 828 -14.89 20.31 -26.08
C LEU A 828 -13.54 19.64 -26.37
N GLY A 829 -12.94 19.03 -25.36
CA GLY A 829 -11.70 18.31 -25.55
C GLY A 829 -10.45 19.04 -25.09
N PHE A 830 -9.48 19.19 -26.00
CA PHE A 830 -8.19 19.78 -25.63
C PHE A 830 -8.04 21.20 -26.16
N GLY A 831 -8.17 22.17 -25.26
CA GLY A 831 -7.90 23.55 -25.61
C GLY A 831 -6.47 23.90 -25.24
N THR A 832 -5.84 24.74 -26.06
CA THR A 832 -4.46 25.13 -25.80
C THR A 832 -4.17 26.55 -26.24
N LYS A 833 -3.01 27.05 -25.81
CA LYS A 833 -2.50 28.30 -26.35
C LYS A 833 -1.94 28.05 -27.74
N TYR A 834 -1.95 29.08 -28.58
CA TYR A 834 -1.17 29.01 -29.80
C TYR A 834 0.30 29.14 -29.41
N ILE A 835 1.13 28.18 -29.79
CA ILE A 835 2.53 28.20 -29.37
C ILE A 835 3.48 28.02 -30.55
N HIS A 836 4.37 28.98 -30.76
CA HIS A 836 5.37 28.88 -31.82
C HIS A 836 6.76 28.81 -31.22
N PRO A 837 7.37 27.61 -31.20
CA PRO A 837 8.67 27.40 -30.56
C PRO A 837 9.82 28.21 -31.18
N GLN A 838 9.75 28.51 -32.48
CA GLN A 838 10.82 29.24 -33.13
C GLN A 838 10.71 30.75 -32.93
N LEU A 839 9.51 31.27 -33.16
CA LEU A 839 9.26 32.70 -32.99
C LEU A 839 9.30 33.12 -31.53
N ARG A 840 9.17 32.15 -30.62
CA ARG A 840 9.15 32.35 -29.17
C ARG A 840 7.88 33.06 -28.67
N ILE A 841 6.79 32.99 -29.45
CA ILE A 841 5.53 33.63 -29.04
C ILE A 841 4.42 32.63 -28.74
N SER A 842 3.59 33.00 -27.77
CA SER A 842 2.40 32.22 -27.46
C SER A 842 1.27 33.14 -26.99
N TYR A 843 0.04 32.70 -27.22
CA TYR A 843 -1.16 33.43 -26.81
C TYR A 843 -2.38 32.52 -26.87
N PRO A 844 -3.36 32.76 -26.01
CA PRO A 844 -4.53 31.86 -25.96
C PRO A 844 -5.31 31.87 -27.26
N THR A 845 -5.71 30.68 -27.70
CA THR A 845 -6.67 30.55 -28.79
C THR A 845 -8.06 30.77 -28.22
N LEU A 846 -9.03 31.01 -29.10
CA LEU A 846 -10.40 31.25 -28.67
C LEU A 846 -10.99 30.10 -27.83
N PRO A 847 -10.89 28.84 -28.31
CA PRO A 847 -11.49 27.77 -27.51
C PRO A 847 -10.85 27.62 -26.13
N LEU A 848 -9.61 28.07 -25.96
CA LEU A 848 -8.96 28.04 -24.67
C LEU A 848 -9.62 29.02 -23.70
N ILE A 849 -9.87 30.23 -24.18
CA ILE A 849 -10.53 31.25 -23.38
C ILE A 849 -11.94 30.84 -23.04
N ALA A 850 -12.64 30.28 -24.03
CA ALA A 850 -13.99 29.76 -23.81
C ALA A 850 -13.98 28.69 -22.72
N MET A 851 -13.08 27.73 -22.85
CA MET A 851 -12.97 26.64 -21.89
C MET A 851 -12.57 27.16 -20.51
N LYS A 852 -11.79 28.24 -20.49
CA LYS A 852 -11.38 28.86 -19.24
C LYS A 852 -12.58 29.45 -18.52
N LYS A 853 -13.35 30.26 -19.23
CA LYS A 853 -14.56 30.88 -18.71
C LYS A 853 -15.56 29.83 -18.25
N LYS A 854 -15.84 28.88 -19.14
CA LYS A 854 -16.74 27.76 -18.83
C LYS A 854 -16.30 27.00 -17.59
N MET A 855 -15.00 26.74 -17.48
CA MET A 855 -14.45 25.99 -16.36
C MET A 855 -14.62 26.75 -15.04
N ARG A 856 -14.43 28.06 -15.09
CA ARG A 856 -14.58 28.89 -13.90
C ARG A 856 -16.01 28.81 -13.38
N ARG A 857 -16.95 28.87 -14.31
CA ARG A 857 -18.38 28.73 -14.00
C ARG A 857 -18.66 27.41 -13.31
N GLU A 858 -18.31 26.31 -13.98
CA GLU A 858 -18.52 24.97 -13.44
C GLU A 858 -17.90 24.80 -12.07
N LEU A 859 -16.67 25.26 -11.93
CA LEU A 859 -15.94 25.16 -10.67
C LEU A 859 -16.68 25.89 -9.54
N LEU A 860 -17.05 27.14 -9.80
CA LEU A 860 -17.78 27.98 -8.85
C LEU A 860 -19.07 27.31 -8.41
N SER A 861 -19.83 26.84 -9.39
CA SER A 861 -21.07 26.11 -9.11
C SER A 861 -20.83 24.96 -8.15
N GLU A 862 -19.75 24.21 -8.37
CA GLU A 862 -19.49 23.04 -7.53
C GLU A 862 -19.07 23.42 -6.12
N GLU A 863 -18.27 24.47 -6.01
CA GLU A 863 -17.85 24.96 -4.70
C GLU A 863 -19.08 25.33 -3.90
N LEU A 864 -20.11 25.82 -4.60
CA LEU A 864 -21.36 26.18 -3.97
C LEU A 864 -22.03 24.92 -3.41
N ARG A 865 -22.06 23.86 -4.23
CA ARG A 865 -22.63 22.59 -3.82
C ARG A 865 -21.88 22.02 -2.63
N VAL A 866 -20.56 22.22 -2.62
CA VAL A 866 -19.74 21.79 -1.50
C VAL A 866 -20.19 22.49 -0.22
N LEU A 867 -20.40 23.80 -0.34
CA LEU A 867 -20.87 24.60 0.79
C LEU A 867 -22.23 24.09 1.26
N TYR A 868 -23.11 23.78 0.31
CA TYR A 868 -24.44 23.30 0.64
C TYR A 868 -24.40 22.01 1.42
N VAL A 869 -23.57 21.07 0.97
CA VAL A 869 -23.39 19.80 1.67
C VAL A 869 -22.91 20.07 3.09
N ALA A 870 -21.90 20.93 3.20
CA ALA A 870 -21.30 21.27 4.49
C ALA A 870 -22.32 21.80 5.49
N LEU A 871 -23.14 22.75 5.04
CA LEU A 871 -24.13 23.36 5.92
C LEU A 871 -25.27 22.41 6.25
N THR A 872 -25.68 21.60 5.28
CA THR A 872 -26.80 20.68 5.48
C THR A 872 -26.43 19.49 6.37
N ARG A 873 -25.13 19.35 6.65
CA ARG A 873 -24.68 18.24 7.50
C ARG A 873 -25.22 18.37 8.91
N ALA A 874 -25.24 19.60 9.41
CA ALA A 874 -25.57 19.88 10.80
C ALA A 874 -26.99 19.51 11.17
N LYS A 875 -27.19 19.22 12.45
CA LYS A 875 -28.52 18.91 12.99
C LYS A 875 -29.08 20.07 13.81
N GLU A 876 -28.26 20.57 14.74
CA GLU A 876 -28.73 21.55 15.71
C GLU A 876 -27.89 22.81 15.73
N LYS A 877 -26.58 22.69 15.55
CA LYS A 877 -25.71 23.86 15.57
C LYS A 877 -24.85 24.00 14.33
N LEU A 878 -24.58 25.25 13.97
CA LEU A 878 -23.75 25.57 12.82
C LEU A 878 -22.83 26.74 13.12
N PHE A 879 -21.52 26.49 13.04
CA PHE A 879 -20.54 27.55 13.19
C PHE A 879 -19.87 27.84 11.87
N LEU A 880 -19.71 29.12 11.56
CA LEU A 880 -18.96 29.56 10.39
C LEU A 880 -17.79 30.43 10.80
N ILE A 881 -16.58 29.93 10.62
CA ILE A 881 -15.40 30.73 10.93
C ILE A 881 -14.63 31.03 9.66
N GLY A 882 -14.39 32.31 9.41
CA GLY A 882 -13.60 32.75 8.28
C GLY A 882 -12.72 33.90 8.72
N SER A 883 -11.66 34.15 7.98
CA SER A 883 -10.73 35.20 8.34
C SER A 883 -10.62 36.26 7.25
N CYS A 884 -10.18 37.45 7.63
CA CYS A 884 -10.07 38.55 6.68
C CYS A 884 -8.97 39.53 7.08
N LYS A 885 -8.54 40.35 6.13
CA LYS A 885 -7.55 41.38 6.39
C LYS A 885 -8.16 42.54 7.18
N ASP A 886 -9.24 43.11 6.65
CA ASP A 886 -9.90 44.23 7.30
C ASP A 886 -11.42 44.05 7.32
N HIS A 887 -11.99 44.21 8.51
CA HIS A 887 -13.44 44.07 8.68
C HIS A 887 -14.23 45.13 7.91
N GLN A 888 -13.87 46.40 8.06
CA GLN A 888 -14.64 47.50 7.49
C GLN A 888 -14.54 47.54 5.96
N LYS A 889 -13.35 47.27 5.43
CA LYS A 889 -13.15 47.25 3.99
C LYS A 889 -14.01 46.19 3.34
N GLN A 890 -13.99 44.99 3.92
CA GLN A 890 -14.73 43.86 3.38
C GLN A 890 -16.22 44.03 3.56
N LEU A 891 -16.62 44.69 4.65
CA LEU A 891 -18.03 44.99 4.88
C LEU A 891 -18.52 45.96 3.81
N ALA A 892 -17.68 46.93 3.48
CA ALA A 892 -17.99 47.89 2.42
C ALA A 892 -18.20 47.17 1.09
N LYS A 893 -17.27 46.28 0.75
CA LYS A 893 -17.35 45.52 -0.49
C LYS A 893 -18.57 44.60 -0.50
N TRP A 894 -18.88 44.03 0.67
CA TRP A 894 -20.06 43.18 0.80
C TRP A 894 -21.32 43.96 0.50
N GLN A 895 -21.39 45.19 0.98
CA GLN A 895 -22.53 46.07 0.73
C GLN A 895 -22.63 46.40 -0.76
N ALA A 896 -21.48 46.64 -1.38
CA ALA A 896 -21.40 47.00 -2.79
C ALA A 896 -22.05 45.95 -3.68
N SER A 897 -21.88 44.69 -3.29
CA SER A 897 -22.46 43.58 -4.03
C SER A 897 -23.90 43.33 -3.62
N ALA A 898 -24.32 43.96 -2.53
CA ALA A 898 -25.66 43.75 -1.98
C ALA A 898 -26.46 45.05 -1.89
N SER A 899 -26.97 45.50 -3.03
CA SER A 899 -27.85 46.66 -3.08
C SER A 899 -29.05 46.32 -3.95
N GLN A 900 -29.06 45.11 -4.48
CA GLN A 900 -30.12 44.65 -5.38
C GLN A 900 -31.36 44.21 -4.59
N THR A 901 -32.52 44.34 -5.22
CA THR A 901 -33.79 44.04 -4.56
C THR A 901 -34.24 42.61 -4.80
N ASP A 902 -33.53 41.90 -5.67
CA ASP A 902 -33.86 40.51 -5.98
C ASP A 902 -33.22 39.59 -4.95
N TRP A 903 -33.77 38.38 -4.81
CA TRP A 903 -33.20 37.40 -3.91
C TRP A 903 -31.84 36.95 -4.42
N LEU A 904 -31.78 36.58 -5.70
CA LEU A 904 -30.55 36.12 -6.33
C LEU A 904 -29.59 37.29 -6.55
N LEU A 905 -28.37 37.13 -6.03
CA LEU A 905 -27.34 38.15 -6.19
C LEU A 905 -26.93 38.27 -7.66
N PRO A 906 -26.37 39.43 -8.06
CA PRO A 906 -25.95 39.64 -9.45
C PRO A 906 -25.04 38.54 -9.99
N GLU A 907 -25.42 38.01 -11.16
CA GLU A 907 -24.72 36.90 -11.80
C GLU A 907 -23.22 37.15 -11.93
N PHE A 908 -22.86 38.36 -12.38
CA PHE A 908 -21.46 38.70 -12.57
C PHE A 908 -20.70 38.80 -11.24
N ASP A 909 -21.37 39.34 -10.22
CA ASP A 909 -20.77 39.46 -8.90
C ASP A 909 -20.46 38.08 -8.33
N ARG A 910 -21.43 37.16 -8.44
CA ARG A 910 -21.22 35.80 -8.00
C ARG A 910 -20.15 35.12 -8.84
N TYR A 911 -20.01 35.58 -10.08
CA TYR A 911 -19.00 35.03 -10.99
C TYR A 911 -17.59 35.44 -10.57
N GLN A 912 -17.48 36.55 -9.84
CA GLN A 912 -16.17 37.10 -9.47
C GLN A 912 -15.64 36.54 -8.15
N ALA A 913 -16.36 35.60 -7.56
CA ALA A 913 -16.02 35.09 -6.23
C ALA A 913 -14.75 34.25 -6.24
N ARG A 914 -13.88 34.49 -5.26
CA ARG A 914 -12.65 33.74 -5.12
C ARG A 914 -12.62 32.95 -3.81
N THR A 915 -13.41 33.42 -2.83
CA THR A 915 -13.51 32.74 -1.54
C THR A 915 -14.96 32.50 -1.16
N TYR A 916 -15.19 31.60 -0.21
CA TYR A 916 -16.55 31.32 0.27
C TYR A 916 -17.19 32.56 0.87
N LEU A 917 -16.37 33.40 1.50
CA LEU A 917 -16.86 34.66 2.09
C LEU A 917 -17.41 35.61 1.03
N ASP A 918 -16.91 35.49 -0.19
CA ASP A 918 -17.39 36.31 -1.30
C ASP A 918 -18.80 35.89 -1.72
N PHE A 919 -19.21 34.71 -1.26
CA PHE A 919 -20.59 34.25 -1.42
C PHE A 919 -21.43 34.63 -0.20
N ILE A 920 -20.98 34.16 0.97
CA ILE A 920 -21.70 34.30 2.22
C ILE A 920 -21.86 35.75 2.66
N GLY A 921 -20.78 36.53 2.48
CA GLY A 921 -20.75 37.92 2.89
C GLY A 921 -21.91 38.79 2.43
N PRO A 922 -21.94 39.11 1.13
CA PRO A 922 -23.00 39.96 0.55
C PRO A 922 -24.40 39.39 0.78
N ALA A 923 -24.52 38.07 0.81
CA ALA A 923 -25.81 37.44 1.08
C ALA A 923 -26.23 37.65 2.52
N LEU A 924 -25.24 37.89 3.38
CA LEU A 924 -25.48 38.12 4.80
C LEU A 924 -25.59 39.61 5.11
N ALA A 925 -25.32 40.45 4.11
CA ALA A 925 -25.28 41.89 4.29
C ALA A 925 -26.67 42.51 4.41
N ARG A 926 -27.61 41.99 3.63
CA ARG A 926 -28.96 42.52 3.63
C ARG A 926 -29.78 42.01 4.80
N HIS A 927 -29.16 41.19 5.65
CA HIS A 927 -29.83 40.66 6.83
C HIS A 927 -29.77 41.67 7.98
N ARG A 928 -30.79 41.60 8.85
CA ARG A 928 -30.92 42.51 9.97
C ARG A 928 -29.77 42.39 10.97
N ASP A 929 -29.31 41.17 11.20
CA ASP A 929 -28.27 40.90 12.19
C ASP A 929 -26.92 41.48 11.79
N LEU A 930 -26.75 41.77 10.50
CA LEU A 930 -25.52 42.35 10.00
C LEU A 930 -25.76 43.74 9.41
N HIS A 939 -35.40 45.58 2.55
CA HIS A 939 -36.36 44.60 2.05
C HIS A 939 -36.78 43.64 3.16
N ALA A 940 -38.07 43.65 3.49
CA ALA A 940 -38.59 42.93 4.64
C ALA A 940 -38.62 41.42 4.43
N ASP A 941 -38.77 40.99 3.17
CA ASP A 941 -38.84 39.57 2.85
C ASP A 941 -37.49 38.90 3.11
N ILE A 942 -36.43 39.60 2.76
CA ILE A 942 -35.07 39.10 2.97
C ILE A 942 -34.59 39.36 4.40
N SER A 943 -34.73 40.60 4.85
CA SER A 943 -34.27 41.00 6.19
C SER A 943 -34.97 40.21 7.28
N GLY A 944 -36.27 39.96 7.11
CA GLY A 944 -37.06 39.33 8.15
C GLY A 944 -37.10 37.81 8.12
N HIS A 945 -36.34 37.22 7.20
CA HIS A 945 -36.28 35.76 7.06
C HIS A 945 -36.07 35.07 8.41
N PRO A 946 -36.78 33.95 8.65
CA PRO A 946 -36.67 33.23 9.92
C PRO A 946 -35.30 32.57 10.13
N ALA A 947 -34.24 33.18 9.60
CA ALA A 947 -32.88 32.71 9.83
C ALA A 947 -32.18 33.63 10.81
N ARG A 948 -31.62 33.05 11.87
CA ARG A 948 -30.94 33.82 12.90
C ARG A 948 -29.43 33.69 12.76
N PHE A 949 -28.74 34.82 12.69
CA PHE A 949 -27.28 34.82 12.54
C PHE A 949 -26.60 35.62 13.64
N ALA A 950 -25.70 34.96 14.37
CA ALA A 950 -24.95 35.63 15.44
C ALA A 950 -23.55 36.01 14.95
N VAL A 951 -23.33 37.29 14.76
CA VAL A 951 -22.07 37.78 14.17
C VAL A 951 -21.06 38.22 15.21
N GLN A 952 -19.88 37.58 15.18
CA GLN A 952 -18.77 37.98 16.03
C GLN A 952 -17.63 38.53 15.18
N MET A 953 -17.27 39.79 15.40
CA MET A 953 -16.20 40.43 14.66
C MET A 953 -14.89 40.39 15.45
N ILE A 954 -14.28 39.21 15.49
CA ILE A 954 -13.07 38.99 16.26
C ILE A 954 -11.82 39.56 15.60
N HIS A 955 -10.90 40.06 16.41
CA HIS A 955 -9.55 40.38 15.94
C HIS A 955 -8.57 39.40 16.55
N SER A 956 -7.41 39.28 15.93
CA SER A 956 -6.38 38.34 16.37
C SER A 956 -6.03 38.51 17.85
N TYR A 957 -5.88 39.75 18.29
CA TYR A 957 -5.44 40.04 19.65
C TYR A 957 -6.41 39.52 20.71
N ASP A 958 -7.69 39.49 20.36
CA ASP A 958 -8.72 39.08 21.29
C ASP A 958 -8.66 37.58 21.52
N LEU A 959 -8.27 36.86 20.47
CA LEU A 959 -8.06 35.42 20.55
C LEU A 959 -6.83 35.10 21.40
N LEU A 960 -5.78 35.92 21.22
CA LEU A 960 -4.44 35.69 21.78
C LEU A 960 -4.42 35.16 23.20
N ASP A 961 -5.38 35.59 24.01
CA ASP A 961 -5.54 35.18 25.40
C ASP A 961 -5.24 33.71 25.63
N GLU A 966 0.89 31.01 32.08
CA GLU A 966 1.57 29.79 32.49
C GLU A 966 1.05 29.32 33.84
N ARG A 967 1.07 28.00 34.06
CA ARG A 967 0.43 27.41 35.23
C ARG A 967 1.40 27.11 36.37
N MET A 968 0.83 26.66 37.48
CA MET A 968 1.59 26.35 38.70
C MET A 968 2.77 25.42 38.44
N GLU A 969 3.91 25.75 39.04
CA GLU A 969 5.08 24.90 38.98
C GLU A 969 5.10 23.92 40.15
N GLU A 970 4.55 22.74 39.93
CA GLU A 970 4.57 21.69 40.94
C GLU A 970 5.63 20.65 40.64
N LYS A 971 6.62 20.55 41.53
CA LYS A 971 7.70 19.58 41.37
C LYS A 971 7.20 18.17 41.61
N SER A 972 7.86 17.19 41.01
CA SER A 972 7.47 15.79 41.20
C SER A 972 8.66 14.94 41.61
N GLU A 973 8.55 14.33 42.79
CA GLU A 973 9.58 13.42 43.28
C GLU A 973 9.73 12.21 42.34
N ARG A 974 8.61 11.72 41.84
CA ARG A 974 8.59 10.53 41.00
C ARG A 974 9.30 10.76 39.66
N LEU A 975 9.05 11.91 39.05
CA LEU A 975 9.66 12.25 37.77
C LEU A 975 11.19 12.24 37.86
N GLU A 976 11.73 12.90 38.87
CA GLU A 976 13.17 12.96 39.05
C GLU A 976 13.72 11.59 39.45
N ALA A 977 12.92 10.81 40.16
CA ALA A 977 13.31 9.45 40.54
C ALA A 977 13.43 8.59 39.30
N ILE A 978 12.53 8.81 38.35
CA ILE A 978 12.57 8.14 37.05
C ILE A 978 13.84 8.54 36.30
N ARG A 979 14.13 9.84 36.34
CA ARG A 979 15.32 10.38 35.69
C ARG A 979 16.57 9.70 36.24
N ARG A 980 16.60 9.49 37.55
CA ARG A 980 17.74 8.87 38.22
C ARG A 980 17.85 7.39 37.88
N GLY A 981 16.70 6.75 37.67
CA GLY A 981 16.66 5.32 37.42
C GLY A 981 16.43 4.56 38.72
N GLU A 982 16.20 5.31 39.79
CA GLU A 982 15.83 4.72 41.08
C GLU A 982 14.32 4.58 41.15
N PRO A 983 13.84 3.61 41.94
CA PRO A 983 12.39 3.38 42.02
C PRO A 983 11.61 4.48 42.73
N VAL A 984 10.30 4.28 42.79
CA VAL A 984 9.36 5.22 43.40
C VAL A 984 9.10 4.81 44.85
N PRO A 985 9.16 5.79 45.79
CA PRO A 985 9.29 5.60 47.25
C PRO A 985 8.72 4.35 47.90
N GLY A 986 7.42 4.07 47.85
CA GLY A 986 6.93 2.97 48.67
C GLY A 986 5.60 2.26 48.48
N SER A 987 5.68 0.95 48.62
CA SER A 987 4.56 0.06 48.94
C SER A 987 3.26 0.27 48.17
N PHE A 988 3.20 -0.24 46.94
CA PHE A 988 1.97 -0.22 46.16
C PHE A 988 1.25 -1.55 46.30
N ALA A 989 -0.04 -1.56 45.96
CA ALA A 989 -0.87 -2.74 46.18
C ALA A 989 -0.41 -3.96 45.39
N PHE A 990 0.10 -3.74 44.19
CA PHE A 990 0.39 -4.84 43.27
C PHE A 990 1.86 -5.24 43.24
N ASP A 991 2.65 -4.67 44.14
CA ASP A 991 4.08 -4.95 44.23
C ASP A 991 4.37 -6.46 44.32
N GLU A 992 3.65 -7.13 45.21
CA GLU A 992 3.88 -8.55 45.44
C GLU A 992 3.54 -9.40 44.21
N LYS A 993 2.35 -9.20 43.68
CA LYS A 993 1.87 -9.95 42.52
C LYS A 993 2.76 -9.73 41.30
N ALA A 994 3.15 -8.49 41.08
CA ALA A 994 4.03 -8.14 39.97
C ALA A 994 5.37 -8.87 40.11
N ARG A 995 5.89 -8.89 41.33
CA ARG A 995 7.13 -9.60 41.65
C ARG A 995 6.98 -11.07 41.29
N GLU A 996 5.84 -11.64 41.66
CA GLU A 996 5.56 -13.05 41.40
C GLU A 996 5.55 -13.35 39.90
N GLN A 997 4.91 -12.47 39.13
CA GLN A 997 4.74 -12.72 37.70
C GLN A 997 6.04 -12.55 36.90
N LEU A 998 6.84 -11.54 37.25
CA LEU A 998 8.05 -11.26 36.49
C LEU A 998 9.15 -12.29 36.74
N SER A 999 9.04 -13.04 37.82
CA SER A 999 10.04 -14.07 38.12
C SER A 999 9.47 -15.45 37.80
N TRP A 1000 8.27 -15.48 37.26
CA TRP A 1000 7.62 -16.74 36.92
C TRP A 1000 8.26 -17.39 35.71
N THR A 1001 8.36 -18.72 35.76
CA THR A 1001 8.80 -19.51 34.62
C THR A 1001 7.90 -20.73 34.47
N TYR A 1002 7.55 -21.06 33.23
CA TYR A 1002 6.69 -22.21 32.95
C TYR A 1002 7.32 -23.50 33.48
N PRO A 1003 6.57 -24.24 34.30
CA PRO A 1003 7.00 -25.55 34.83
C PRO A 1003 7.55 -26.47 33.75
N HIS A 1004 6.75 -26.70 32.71
CA HIS A 1004 7.10 -27.64 31.67
C HIS A 1004 7.79 -26.95 30.48
N GLN A 1005 8.59 -25.93 30.79
CA GLN A 1005 9.29 -25.16 29.77
C GLN A 1005 10.18 -26.04 28.90
N GLU A 1006 10.91 -26.94 29.55
CA GLU A 1006 11.92 -27.75 28.87
C GLU A 1006 11.34 -28.65 27.77
N VAL A 1007 10.08 -29.05 27.92
CA VAL A 1007 9.48 -29.97 26.96
C VAL A 1007 8.62 -29.28 25.92
N THR A 1008 8.71 -27.96 25.84
CA THR A 1008 7.90 -27.20 24.90
C THR A 1008 8.49 -27.21 23.49
N GLN A 1009 9.76 -27.57 23.37
CA GLN A 1009 10.44 -27.58 22.08
C GLN A 1009 10.70 -29.00 21.59
N ILE A 1010 10.59 -29.96 22.51
CA ILE A 1010 10.83 -31.37 22.18
C ILE A 1010 9.79 -31.93 21.21
N ARG A 1011 10.22 -32.33 20.02
CA ARG A 1011 9.32 -32.97 19.06
C ARG A 1011 8.69 -34.22 19.67
N THR A 1012 7.42 -34.44 19.38
CA THR A 1012 6.70 -35.59 19.92
C THR A 1012 7.06 -36.86 19.15
N LYS A 1013 6.86 -36.83 17.84
CA LYS A 1013 7.17 -37.97 16.98
C LYS A 1013 8.69 -38.02 16.75
N GLN A 1014 9.27 -39.19 16.94
CA GLN A 1014 10.71 -39.35 16.77
C GLN A 1014 11.03 -40.57 15.91
N SER A 1015 12.14 -40.52 15.19
CA SER A 1015 12.59 -41.64 14.39
C SER A 1015 13.53 -42.54 15.17
N VAL A 1016 13.39 -43.86 14.96
CA VAL A 1016 14.28 -44.83 15.59
C VAL A 1016 15.71 -44.53 15.22
N SER A 1017 15.92 -44.14 13.96
CA SER A 1017 17.22 -43.71 13.48
C SER A 1017 17.64 -42.41 14.19
N GLU A 1018 16.67 -41.54 14.43
CA GLU A 1018 16.94 -40.23 15.04
C GLU A 1018 17.33 -40.34 16.52
N ILE A 1019 16.74 -41.30 17.21
CA ILE A 1019 17.06 -41.50 18.62
C ILE A 1019 18.54 -41.85 18.78
N LYS A 1020 19.05 -42.65 17.85
CA LYS A 1020 20.46 -42.99 17.83
C LYS A 1020 21.30 -41.74 17.61
N ARG A 1021 20.83 -40.87 16.72
CA ARG A 1021 21.50 -39.60 16.42
C ARG A 1021 21.70 -38.74 17.66
N TYR A 1044 22.56 -33.09 -0.97
CA TYR A 1044 22.01 -32.30 -2.07
C TYR A 1044 22.19 -33.08 -3.37
N ARG A 1045 21.07 -33.45 -3.99
CA ARG A 1045 21.09 -34.38 -5.11
C ARG A 1045 20.83 -33.72 -6.47
N ARG A 1046 21.45 -34.28 -7.49
CA ARG A 1046 21.28 -33.80 -8.87
C ARG A 1046 19.92 -34.26 -9.42
N PRO A 1047 19.43 -33.58 -10.46
CA PRO A 1047 18.18 -33.98 -11.11
C PRO A 1047 18.31 -35.33 -11.83
N ALA A 1048 17.18 -35.92 -12.20
CA ALA A 1048 17.16 -37.23 -12.84
C ALA A 1048 17.81 -37.22 -14.22
N PHE A 1049 17.62 -36.13 -14.96
CA PHE A 1049 18.07 -36.07 -16.34
C PHE A 1049 19.58 -35.82 -16.46
N MET A 1050 20.27 -35.74 -15.33
CA MET A 1050 21.71 -35.49 -15.35
C MET A 1050 22.52 -36.70 -14.87
N MET A 1051 21.85 -37.83 -14.67
CA MET A 1051 22.51 -39.00 -14.05
C MET A 1051 22.51 -40.25 -14.92
N LYS A 1052 23.37 -41.21 -14.57
CA LYS A 1052 23.34 -42.53 -15.18
C LYS A 1052 22.02 -43.21 -14.83
N LYS A 1053 21.30 -43.70 -15.84
CA LYS A 1053 19.98 -44.25 -15.57
C LYS A 1053 20.06 -45.57 -14.81
N GLY A 1054 19.34 -45.62 -13.69
CA GLY A 1054 19.08 -46.87 -13.00
C GLY A 1054 20.06 -47.32 -11.93
N LEU A 1055 19.68 -48.42 -11.28
CA LEU A 1055 20.60 -49.20 -10.47
C LEU A 1055 21.14 -48.44 -9.26
N THR A 1056 20.28 -47.65 -8.63
CA THR A 1056 20.67 -46.96 -7.39
C THR A 1056 20.91 -48.00 -6.31
N ALA A 1057 21.95 -47.76 -5.49
CA ALA A 1057 22.39 -48.75 -4.51
C ALA A 1057 21.33 -49.10 -3.48
N ALA A 1058 20.64 -48.09 -2.97
CA ALA A 1058 19.59 -48.29 -1.99
C ALA A 1058 18.39 -48.99 -2.60
N GLU A 1059 18.09 -48.64 -3.84
CA GLU A 1059 16.99 -49.23 -4.60
C GLU A 1059 17.07 -50.75 -4.62
N LYS A 1060 18.29 -51.26 -4.80
CA LYS A 1060 18.54 -52.69 -4.81
C LYS A 1060 18.10 -53.33 -3.49
N GLY A 1061 18.50 -52.72 -2.39
CA GLY A 1061 18.14 -53.20 -1.06
C GLY A 1061 16.64 -53.22 -0.84
N THR A 1062 15.98 -52.15 -1.25
CA THR A 1062 14.53 -52.02 -1.12
C THR A 1062 13.84 -53.09 -1.95
N ALA A 1063 14.35 -53.33 -3.15
CA ALA A 1063 13.83 -54.39 -4.00
C ALA A 1063 13.91 -55.72 -3.27
N MET A 1064 15.10 -56.07 -2.78
CA MET A 1064 15.32 -57.28 -1.96
C MET A 1064 14.26 -57.41 -0.88
N HIS A 1065 14.02 -56.31 -0.17
CA HIS A 1065 13.04 -56.26 0.90
C HIS A 1065 11.66 -56.72 0.41
N THR A 1066 11.22 -56.14 -0.71
CA THR A 1066 9.89 -56.44 -1.23
C THR A 1066 9.69 -57.91 -1.58
N VAL A 1067 10.70 -58.53 -2.18
CA VAL A 1067 10.62 -59.96 -2.52
C VAL A 1067 10.63 -60.79 -1.24
N MET A 1068 11.49 -60.41 -0.30
CA MET A 1068 11.59 -61.13 0.97
C MET A 1068 10.25 -61.17 1.70
N GLN A 1069 9.44 -60.15 1.52
CA GLN A 1069 8.18 -60.06 2.24
C GLN A 1069 7.00 -60.63 1.44
N HIS A 1070 7.17 -60.82 0.14
CA HIS A 1070 6.09 -61.37 -0.67
C HIS A 1070 6.34 -62.81 -1.09
N ILE A 1071 7.47 -63.37 -0.66
CA ILE A 1071 7.78 -64.76 -0.96
C ILE A 1071 6.96 -65.69 -0.06
N PRO A 1072 6.39 -66.75 -0.62
CA PRO A 1072 5.69 -67.78 0.17
C PRO A 1072 6.59 -68.42 1.22
N LEU A 1073 6.07 -68.57 2.44
CA LEU A 1073 6.83 -69.16 3.53
C LEU A 1073 6.36 -70.58 3.85
N SER A 1074 5.65 -71.19 2.91
CA SER A 1074 5.16 -72.55 3.07
C SER A 1074 6.31 -73.54 3.17
N HIS A 1075 7.25 -73.41 2.24
CA HIS A 1075 8.41 -74.31 2.17
C HIS A 1075 9.61 -73.58 1.57
N VAL A 1076 10.77 -74.22 1.60
CA VAL A 1076 11.95 -73.67 0.96
C VAL A 1076 11.85 -73.80 -0.56
N PRO A 1077 11.78 -72.66 -1.27
CA PRO A 1077 11.65 -72.58 -2.72
C PRO A 1077 12.94 -72.89 -3.48
N SER A 1078 12.80 -73.29 -4.74
CA SER A 1078 13.94 -73.46 -5.61
C SER A 1078 14.44 -72.10 -6.06
N ILE A 1079 15.61 -72.06 -6.69
CA ILE A 1079 16.19 -70.81 -7.15
C ILE A 1079 15.36 -70.23 -8.30
N GLU A 1080 14.83 -71.09 -9.14
CA GLU A 1080 13.97 -70.66 -10.25
C GLU A 1080 12.58 -70.30 -9.75
N GLU A 1081 12.10 -71.00 -8.73
CA GLU A 1081 10.80 -70.71 -8.12
C GLU A 1081 10.69 -69.27 -7.67
N ALA A 1082 11.72 -68.80 -6.98
CA ALA A 1082 11.73 -67.43 -6.50
C ALA A 1082 11.67 -66.45 -7.66
N GLU A 1083 12.23 -66.84 -8.80
CA GLU A 1083 12.21 -65.98 -9.98
C GLU A 1083 10.80 -65.90 -10.59
N GLN A 1084 10.08 -67.01 -10.57
CA GLN A 1084 8.71 -67.02 -11.07
C GLN A 1084 7.87 -66.15 -10.14
N THR A 1085 8.25 -66.10 -8.87
CA THR A 1085 7.63 -65.21 -7.92
C THR A 1085 7.91 -63.78 -8.36
N VAL A 1086 9.10 -63.53 -8.88
CA VAL A 1086 9.51 -62.17 -9.23
C VAL A 1086 8.82 -61.62 -10.48
N HIS A 1087 8.45 -62.47 -11.45
CA HIS A 1087 7.71 -61.87 -12.56
C HIS A 1087 6.22 -61.94 -12.30
N ARG A 1088 5.84 -62.60 -11.22
CA ARG A 1088 4.49 -62.43 -10.67
C ARG A 1088 4.45 -61.05 -10.04
N LEU A 1089 5.57 -60.64 -9.45
CA LEU A 1089 5.68 -59.34 -8.80
C LEU A 1089 5.87 -58.21 -9.81
N TYR A 1090 6.67 -58.47 -10.84
CA TYR A 1090 6.91 -57.46 -11.87
C TYR A 1090 5.60 -57.18 -12.58
N GLU A 1091 4.86 -58.23 -12.91
CA GLU A 1091 3.60 -58.09 -13.62
C GLU A 1091 2.62 -57.24 -12.83
N LYS A 1092 2.53 -57.51 -11.53
CA LYS A 1092 1.65 -56.76 -10.66
C LYS A 1092 2.29 -55.44 -10.22
N GLU A 1093 3.44 -55.13 -10.82
CA GLU A 1093 4.08 -53.83 -10.69
C GLU A 1093 4.48 -53.49 -9.25
N LEU A 1094 4.46 -54.49 -8.37
CA LEU A 1094 4.93 -54.32 -7.01
C LEU A 1094 6.37 -53.84 -7.02
N LEU A 1095 7.16 -54.40 -7.93
CA LEU A 1095 8.50 -53.92 -8.21
C LEU A 1095 8.59 -53.45 -9.64
N THR A 1096 9.17 -52.27 -9.84
CA THR A 1096 9.47 -51.80 -11.18
C THR A 1096 10.44 -52.77 -11.85
N GLU A 1097 10.32 -52.91 -13.17
CA GLU A 1097 11.18 -53.84 -13.91
C GLU A 1097 12.66 -53.47 -13.76
N GLU A 1098 12.92 -52.18 -13.57
CA GLU A 1098 14.25 -51.71 -13.26
C GLU A 1098 14.77 -52.33 -11.96
N GLN A 1099 13.90 -52.38 -10.96
CA GLN A 1099 14.22 -53.03 -9.70
C GLN A 1099 14.34 -54.55 -9.86
N LYS A 1100 13.48 -55.09 -10.72
CA LYS A 1100 13.47 -56.52 -11.00
C LYS A 1100 14.78 -56.99 -11.61
N ASP A 1101 15.30 -56.21 -12.55
CA ASP A 1101 16.52 -56.56 -13.28
C ASP A 1101 17.70 -56.72 -12.32
N ALA A 1102 17.73 -55.89 -11.28
CA ALA A 1102 18.79 -55.94 -10.29
C ALA A 1102 18.31 -56.68 -9.05
N ILE A 1103 18.53 -57.99 -9.02
CA ILE A 1103 18.24 -58.84 -7.87
C ILE A 1103 19.09 -60.11 -7.95
N ASP A 1104 19.84 -60.40 -6.89
CA ASP A 1104 20.52 -61.69 -6.78
C ASP A 1104 19.51 -62.71 -6.28
N ILE A 1105 19.10 -63.60 -7.17
CA ILE A 1105 18.10 -64.60 -6.83
C ILE A 1105 18.69 -65.62 -5.86
N GLU A 1106 19.98 -65.90 -5.99
CA GLU A 1106 20.66 -66.86 -5.13
C GLU A 1106 20.70 -66.37 -3.69
N GLU A 1107 21.03 -65.08 -3.52
CA GLU A 1107 21.11 -64.47 -2.20
C GLU A 1107 19.77 -64.55 -1.46
N ILE A 1108 18.68 -64.41 -2.20
CA ILE A 1108 17.35 -64.49 -1.60
C ILE A 1108 17.04 -65.92 -1.14
N VAL A 1109 17.31 -66.88 -2.01
CA VAL A 1109 16.99 -68.28 -1.72
C VAL A 1109 17.81 -68.80 -0.55
N GLN A 1110 19.07 -68.34 -0.46
CA GLN A 1110 20.02 -68.87 0.53
C GLN A 1110 19.56 -68.76 1.99
N PHE A 1111 18.88 -67.67 2.34
CA PHE A 1111 18.42 -67.46 3.71
C PHE A 1111 17.55 -68.60 4.20
N PHE A 1112 16.82 -69.22 3.28
CA PHE A 1112 15.81 -70.20 3.63
C PHE A 1112 16.48 -71.54 3.94
N HIS A 1113 17.73 -71.69 3.51
CA HIS A 1113 18.52 -72.88 3.81
C HIS A 1113 19.00 -72.86 5.26
N THR A 1114 19.27 -71.66 5.78
CA THR A 1114 19.82 -71.49 7.12
C THR A 1114 18.84 -71.97 8.18
N GLU A 1115 19.37 -72.29 9.37
CA GLU A 1115 18.56 -72.89 10.43
C GLU A 1115 17.50 -71.93 10.99
N ILE A 1116 17.83 -70.65 11.06
CA ILE A 1116 16.87 -69.67 11.55
C ILE A 1116 15.74 -69.50 10.54
N GLY A 1117 16.09 -69.43 9.26
CA GLY A 1117 15.10 -69.40 8.21
C GLY A 1117 14.28 -70.68 8.19
N GLY A 1118 14.95 -71.80 8.48
CA GLY A 1118 14.27 -73.08 8.59
C GLY A 1118 13.23 -73.03 9.70
N GLN A 1119 13.59 -72.39 10.81
CA GLN A 1119 12.64 -72.17 11.90
C GLN A 1119 11.46 -71.31 11.46
N LEU A 1120 11.74 -70.34 10.59
CA LEU A 1120 10.69 -69.44 10.11
C LEU A 1120 9.64 -70.17 9.27
N ILE A 1121 10.11 -71.00 8.34
CA ILE A 1121 9.21 -71.75 7.47
C ILE A 1121 8.45 -72.79 8.30
N GLY A 1122 9.18 -73.47 9.18
CA GLY A 1122 8.57 -74.41 10.10
C GLY A 1122 8.11 -73.72 11.39
N ALA A 1123 7.24 -72.74 11.25
CA ALA A 1123 6.77 -71.97 12.41
C ALA A 1123 5.27 -72.13 12.62
N LYS A 1124 4.87 -72.22 13.88
CA LYS A 1124 3.45 -72.31 14.23
C LYS A 1124 2.68 -71.08 13.73
N TRP A 1125 3.29 -69.91 13.87
CA TRP A 1125 2.69 -68.65 13.44
C TRP A 1125 3.76 -67.72 12.87
N LYS A 1126 3.36 -66.83 11.98
CA LYS A 1126 4.31 -65.92 11.32
C LYS A 1126 3.62 -64.70 10.70
N ASP A 1127 4.28 -63.55 10.75
CA ASP A 1127 3.74 -62.31 10.19
C ASP A 1127 4.87 -61.40 9.71
N ARG A 1128 4.61 -60.61 8.67
CA ARG A 1128 5.66 -59.81 8.04
C ARG A 1128 5.26 -58.37 7.77
N GLU A 1129 6.26 -57.49 7.72
CA GLU A 1129 6.07 -56.04 7.59
C GLU A 1129 5.05 -55.54 8.61
N ILE A 1130 5.41 -55.66 9.88
CA ILE A 1130 4.54 -55.28 10.99
C ILE A 1130 4.86 -53.87 11.49
N PRO A 1131 4.03 -52.89 11.14
CA PRO A 1131 4.24 -51.52 11.61
C PRO A 1131 3.84 -51.37 13.07
N PHE A 1132 4.42 -50.40 13.77
CA PHE A 1132 4.06 -50.19 15.17
C PHE A 1132 4.28 -48.76 15.61
N SER A 1133 3.58 -48.37 16.67
CA SER A 1133 3.83 -47.11 17.35
C SER A 1133 4.08 -47.41 18.82
N LEU A 1134 5.07 -46.73 19.40
CA LEU A 1134 5.45 -46.97 20.78
C LEU A 1134 5.56 -45.67 21.56
N ALA A 1135 4.93 -45.62 22.73
CA ALA A 1135 5.08 -44.46 23.60
C ALA A 1135 6.24 -44.67 24.56
N LEU A 1136 7.11 -43.67 24.64
CA LEU A 1136 8.23 -43.71 25.56
C LEU A 1136 8.27 -42.40 26.34
N PRO A 1137 8.22 -42.47 27.69
CA PRO A 1137 8.40 -41.30 28.54
C PRO A 1137 9.56 -40.43 28.07
N ALA A 1138 9.36 -39.12 28.08
CA ALA A 1138 10.36 -38.22 27.54
C ALA A 1138 11.70 -38.34 28.26
N LYS A 1139 11.69 -38.74 29.54
CA LYS A 1139 12.89 -38.77 30.38
C LYS A 1139 13.99 -39.68 29.82
N GLU A 1140 13.54 -40.79 29.26
CA GLU A 1140 14.43 -41.79 28.68
C GLU A 1140 15.24 -41.18 27.55
N ILE A 1141 14.57 -40.49 26.64
CA ILE A 1141 15.27 -39.89 25.51
C ILE A 1141 15.96 -38.56 25.89
N TYR A 1142 15.29 -37.77 26.73
CA TYR A 1142 15.79 -36.47 27.20
C TYR A 1142 15.86 -36.43 28.73
N PRO A 1143 17.06 -36.05 29.26
CA PRO A 1143 17.00 -35.84 30.71
C PRO A 1143 16.16 -34.61 31.07
N ASP A 1144 15.76 -34.48 32.34
CA ASP A 1144 14.91 -33.42 32.90
C ASP A 1144 13.45 -33.53 32.52
N ALA A 1145 13.06 -34.61 31.87
CA ALA A 1145 11.67 -34.63 31.51
C ALA A 1145 10.89 -35.28 32.64
N HIS A 1146 9.57 -35.21 32.54
CA HIS A 1146 8.72 -35.52 33.66
C HIS A 1146 7.55 -36.40 33.27
N GLU A 1147 6.98 -37.08 34.25
CA GLU A 1147 5.97 -38.08 33.97
C GLU A 1147 4.68 -37.44 33.50
N ALA A 1148 4.33 -36.31 34.11
CA ALA A 1148 3.22 -35.50 33.63
C ALA A 1148 3.44 -35.09 32.18
N ASP A 1149 4.68 -34.72 31.86
CA ASP A 1149 5.06 -34.42 30.48
C ASP A 1149 4.83 -35.67 29.63
N GLU A 1150 4.17 -35.46 28.50
CA GLU A 1150 3.68 -36.52 27.65
C GLU A 1150 4.76 -37.44 27.12
N PRO A 1151 4.34 -38.69 26.78
CA PRO A 1151 5.37 -39.56 26.17
C PRO A 1151 5.68 -39.15 24.74
N LEU A 1152 6.88 -39.47 24.26
CA LEU A 1152 7.18 -39.30 22.86
C LEU A 1152 6.65 -40.51 22.09
N LEU A 1153 6.26 -40.29 20.84
CA LEU A 1153 5.83 -41.39 20.00
C LEU A 1153 6.96 -41.81 19.07
N VAL A 1154 7.31 -43.09 19.11
CA VAL A 1154 8.34 -43.65 18.24
C VAL A 1154 7.75 -44.78 17.40
N GLN A 1155 7.76 -44.59 16.09
CA GLN A 1155 7.18 -45.56 15.18
C GLN A 1155 8.25 -46.30 14.38
N GLY A 1156 7.90 -47.49 13.91
CA GLY A 1156 8.81 -48.31 13.12
C GLY A 1156 8.11 -49.47 12.43
N ILE A 1157 8.83 -50.14 11.56
CA ILE A 1157 8.30 -51.31 10.88
C ILE A 1157 9.18 -52.53 11.15
N ILE A 1158 8.57 -53.57 11.69
CA ILE A 1158 9.28 -54.83 11.97
C ILE A 1158 9.21 -55.75 10.77
N ASP A 1159 10.39 -56.16 10.29
CA ASP A 1159 10.48 -56.98 9.08
C ASP A 1159 9.74 -58.31 9.21
N CYS A 1160 10.04 -59.07 10.26
CA CYS A 1160 9.43 -60.37 10.46
C CYS A 1160 9.30 -60.76 11.94
N LEU A 1161 8.23 -61.48 12.25
CA LEU A 1161 7.97 -62.04 13.57
C LEU A 1161 7.42 -63.44 13.43
N TYR A 1162 8.02 -64.41 14.11
CA TYR A 1162 7.52 -65.78 14.03
C TYR A 1162 7.44 -66.46 15.38
N GLU A 1163 6.47 -67.35 15.53
CA GLU A 1163 6.25 -68.06 16.78
C GLU A 1163 6.46 -69.56 16.64
N THR A 1164 7.49 -70.07 17.28
CA THR A 1164 7.72 -71.50 17.34
C THR A 1164 7.07 -72.05 18.61
N GLU A 1165 7.18 -73.36 18.82
CA GLU A 1165 6.62 -73.97 20.02
C GLU A 1165 7.28 -73.44 21.29
N ASP A 1166 8.54 -73.07 21.19
CA ASP A 1166 9.30 -72.58 22.33
C ASP A 1166 8.99 -71.12 22.64
N GLY A 1167 8.97 -70.27 21.61
CA GLY A 1167 8.70 -68.86 21.83
C GLY A 1167 8.51 -67.98 20.61
N LEU A 1168 8.58 -66.67 20.84
CA LEU A 1168 8.38 -65.66 19.80
C LEU A 1168 9.70 -64.97 19.43
N TYR A 1169 10.02 -64.97 18.14
CA TYR A 1169 11.33 -64.49 17.69
C TYR A 1169 11.20 -63.36 16.66
N LEU A 1170 12.15 -62.43 16.68
CA LEU A 1170 12.15 -61.30 15.74
C LEU A 1170 13.19 -61.48 14.65
N LEU A 1171 12.86 -61.06 13.44
CA LEU A 1171 13.76 -61.22 12.30
C LEU A 1171 13.86 -59.95 11.46
N ALA A 1172 15.09 -59.59 11.07
CA ALA A 1172 15.33 -58.40 10.26
C ALA A 1172 16.34 -58.71 9.17
N TYR A 1173 16.23 -58.00 8.05
CA TYR A 1173 17.18 -58.14 6.94
C TYR A 1173 17.88 -56.83 6.65
N LYS A 1174 19.18 -56.91 6.34
CA LYS A 1174 19.95 -55.73 6.01
C LYS A 1174 20.74 -55.93 4.72
N SER A 1175 20.60 -54.99 3.80
CA SER A 1175 21.38 -55.01 2.56
C SER A 1175 22.73 -54.34 2.79
N ASP A 1176 23.25 -54.50 4.00
CA ASP A 1176 24.56 -53.98 4.35
C ASP A 1176 25.67 -54.66 3.55
N ARG A 1177 26.79 -53.96 3.44
CA ARG A 1177 27.96 -54.45 2.71
C ARG A 1177 28.98 -55.00 3.69
N ILE A 1178 29.19 -56.30 3.67
CA ILE A 1178 30.07 -56.94 4.65
C ILE A 1178 31.36 -57.53 4.09
N GLU A 1179 31.22 -58.44 3.13
CA GLU A 1179 32.37 -59.19 2.63
C GLU A 1179 33.43 -58.30 1.97
N GLY A 1180 32.96 -57.28 1.26
CA GLY A 1180 33.82 -56.35 0.54
C GLY A 1180 34.87 -55.65 1.38
N LYS A 1181 34.48 -55.09 2.52
CA LYS A 1181 35.41 -54.27 3.27
C LYS A 1181 35.42 -54.49 4.78
N PHE A 1182 35.98 -55.61 5.23
CA PHE A 1182 36.33 -55.81 6.63
C PHE A 1182 37.50 -56.80 6.75
N GLN A 1183 38.47 -56.45 7.59
CA GLN A 1183 39.73 -57.19 7.74
C GLN A 1183 39.50 -58.62 8.21
N HIS A 1184 38.58 -58.79 9.14
CA HIS A 1184 38.25 -60.12 9.66
C HIS A 1184 36.99 -60.60 8.98
N GLY A 1185 36.58 -59.87 7.94
CA GLY A 1185 35.38 -60.18 7.22
C GLY A 1185 34.17 -59.98 8.12
N PHE A 1186 33.28 -60.96 8.12
CA PHE A 1186 32.09 -60.88 8.96
C PHE A 1186 32.43 -60.80 10.45
N GLU A 1187 33.53 -61.42 10.85
CA GLU A 1187 33.88 -61.48 12.26
C GLU A 1187 34.42 -60.14 12.72
N GLY A 1188 34.93 -59.36 11.78
CA GLY A 1188 35.24 -57.97 12.05
C GLY A 1188 33.94 -57.19 12.04
N ALA A 1189 33.06 -57.59 11.14
CA ALA A 1189 31.77 -56.91 10.97
C ALA A 1189 30.84 -57.19 12.15
N ALA A 1190 30.86 -58.42 12.67
CA ALA A 1190 29.86 -58.87 13.66
C ALA A 1190 29.79 -58.02 14.95
N PRO A 1191 30.92 -57.71 15.58
CA PRO A 1191 30.80 -56.79 16.70
C PRO A 1191 30.26 -55.40 16.25
N ILE A 1192 30.77 -54.94 15.12
CA ILE A 1192 30.41 -53.62 14.59
C ILE A 1192 28.96 -53.57 14.13
N LEU A 1193 28.52 -54.59 13.42
CA LEU A 1193 27.14 -54.62 12.98
C LEU A 1193 26.18 -54.63 14.14
N LYS A 1194 26.49 -55.44 15.14
CA LYS A 1194 25.69 -55.48 16.36
C LYS A 1194 25.55 -54.08 16.94
N LYS A 1195 26.65 -53.33 16.92
CA LYS A 1195 26.64 -51.94 17.37
C LYS A 1195 25.75 -51.10 16.47
N ARG A 1196 25.84 -51.32 15.16
CA ARG A 1196 25.13 -50.46 14.20
C ARG A 1196 23.62 -50.53 14.36
N TYR A 1197 23.08 -51.66 14.81
CA TYR A 1197 21.64 -51.84 14.90
C TYR A 1197 21.16 -52.16 16.32
N GLU A 1198 22.07 -52.10 17.30
CA GLU A 1198 21.73 -52.46 18.67
C GLU A 1198 20.61 -51.60 19.24
N THR A 1199 20.75 -50.29 19.10
CA THR A 1199 19.74 -49.36 19.59
C THR A 1199 18.39 -49.62 18.95
N GLN A 1200 18.39 -49.78 17.63
CA GLN A 1200 17.16 -50.05 16.88
C GLN A 1200 16.46 -51.31 17.38
N ILE A 1201 17.21 -52.39 17.51
CA ILE A 1201 16.66 -53.67 17.95
C ILE A 1201 16.10 -53.58 19.36
N GLN A 1202 16.81 -52.86 20.22
CA GLN A 1202 16.35 -52.68 21.60
C GLN A 1202 15.03 -51.92 21.64
N LEU A 1203 14.85 -50.98 20.70
CA LEU A 1203 13.60 -50.24 20.59
C LEU A 1203 12.48 -51.12 20.04
N TYR A 1204 12.79 -51.91 19.02
CA TYR A 1204 11.83 -52.85 18.44
C TYR A 1204 11.35 -53.85 19.49
N THR A 1205 12.30 -54.44 20.22
CA THR A 1205 11.96 -55.42 21.25
C THR A 1205 11.14 -54.79 22.35
N LYS A 1206 11.46 -53.53 22.67
CA LYS A 1206 10.71 -52.80 23.69
C LYS A 1206 9.27 -52.64 23.22
N ALA A 1207 9.10 -52.42 21.92
CA ALA A 1207 7.78 -52.29 21.33
C ALA A 1207 6.95 -53.56 21.52
N VAL A 1208 7.44 -54.68 21.00
CA VAL A 1208 6.71 -55.94 21.09
C VAL A 1208 6.51 -56.35 22.56
N GLU A 1209 7.50 -56.07 23.38
CA GLU A 1209 7.46 -56.42 24.80
C GLU A 1209 6.37 -55.65 25.53
N GLN A 1210 6.21 -54.39 25.16
CA GLN A 1210 5.26 -53.50 25.82
C GLN A 1210 3.85 -53.72 25.31
N ILE A 1211 3.69 -53.66 23.99
CA ILE A 1211 2.39 -53.69 23.35
C ILE A 1211 1.71 -55.06 23.49
N ALA A 1212 2.42 -56.11 23.12
CA ALA A 1212 1.85 -57.46 23.15
C ALA A 1212 2.05 -58.13 24.49
N LYS A 1213 2.84 -57.49 25.36
CA LYS A 1213 3.15 -58.00 26.69
C LYS A 1213 3.66 -59.44 26.65
N THR A 1214 4.43 -59.77 25.63
CA THR A 1214 5.08 -61.07 25.53
C THR A 1214 6.57 -60.88 25.24
N LYS A 1215 7.42 -61.38 26.12
CA LYS A 1215 8.87 -61.31 25.93
C LYS A 1215 9.29 -62.06 24.67
N VAL A 1216 10.24 -61.49 23.93
CA VAL A 1216 10.73 -62.16 22.74
C VAL A 1216 12.04 -62.87 23.08
N LYS A 1217 12.14 -64.14 22.69
CA LYS A 1217 13.25 -64.99 23.09
C LYS A 1217 14.55 -64.63 22.37
N GLY A 1218 14.46 -64.49 21.05
CA GLY A 1218 15.64 -64.22 20.24
C GLY A 1218 15.40 -63.32 19.05
N CYS A 1219 16.46 -62.62 18.62
CA CYS A 1219 16.38 -61.70 17.49
C CYS A 1219 17.50 -61.98 16.49
N ALA A 1220 17.17 -61.98 15.21
CA ALA A 1220 18.14 -62.36 14.19
C ALA A 1220 18.30 -61.30 13.10
N LEU A 1221 19.55 -61.04 12.73
CA LEU A 1221 19.85 -60.13 11.63
C LEU A 1221 20.43 -60.90 10.45
N TYR A 1222 19.66 -61.02 9.37
CA TYR A 1222 20.16 -61.67 8.17
C TYR A 1222 20.78 -60.66 7.23
N PHE A 1223 22.03 -60.90 6.85
CA PHE A 1223 22.71 -60.03 5.90
C PHE A 1223 22.84 -60.74 4.56
N PHE A 1224 22.39 -60.08 3.50
CA PHE A 1224 22.44 -60.65 2.16
C PHE A 1224 23.87 -60.95 1.74
N ASP A 1225 24.79 -60.07 2.14
CA ASP A 1225 26.20 -60.22 1.80
C ASP A 1225 26.86 -61.29 2.66
N GLY A 1226 27.08 -62.47 2.09
CA GLY A 1226 27.73 -63.56 2.79
C GLY A 1226 26.75 -64.51 3.45
N GLY A 1227 25.47 -64.13 3.45
CA GLY A 1227 24.42 -64.97 4.02
C GLY A 1227 24.51 -65.11 5.52
N HIS A 1228 25.33 -64.25 6.14
CA HIS A 1228 25.57 -64.32 7.57
C HIS A 1228 24.32 -63.97 8.38
N ILE A 1229 24.17 -64.63 9.52
CA ILE A 1229 23.10 -64.30 10.45
C ILE A 1229 23.67 -63.98 11.83
N LEU A 1230 23.54 -62.72 12.25
CA LEU A 1230 24.02 -62.30 13.56
C LEU A 1230 22.91 -62.39 14.61
N THR A 1231 23.18 -63.12 15.67
CA THR A 1231 22.21 -63.28 16.75
C THR A 1231 22.43 -62.22 17.82
N LEU A 1232 21.33 -61.61 18.28
CA LEU A 1232 21.41 -60.57 19.30
C LEU A 1232 20.60 -60.94 20.54
N GLY B 2 -20.57 -56.36 8.41
CA GLY B 2 -21.59 -55.64 9.17
C GLY B 2 -21.21 -54.18 9.40
N ALA B 3 -22.23 -53.33 9.55
CA ALA B 3 -21.99 -51.91 9.73
C ALA B 3 -22.56 -51.40 11.05
N GLU B 4 -21.92 -50.38 11.60
CA GLU B 4 -22.40 -49.75 12.83
C GLU B 4 -22.38 -48.24 12.72
N PHE B 5 -23.55 -47.62 12.79
CA PHE B 5 -23.63 -46.17 12.72
C PHE B 5 -23.62 -45.57 14.11
N LEU B 6 -22.44 -45.09 14.51
CA LEU B 6 -22.28 -44.34 15.76
C LEU B 6 -22.53 -42.85 15.51
N VAL B 7 -23.67 -42.36 15.99
CA VAL B 7 -24.07 -40.98 15.72
C VAL B 7 -24.34 -40.22 17.02
N GLY B 8 -24.02 -38.93 17.02
CA GLY B 8 -24.25 -38.06 18.16
C GLY B 8 -23.76 -36.65 17.89
N ARG B 9 -24.30 -35.68 18.61
CA ARG B 9 -23.87 -34.29 18.48
C ARG B 9 -22.42 -34.13 18.92
N SER B 10 -21.83 -32.98 18.61
CA SER B 10 -20.46 -32.70 19.01
C SER B 10 -20.40 -32.65 20.53
N GLY B 11 -19.51 -33.47 21.10
CA GLY B 11 -19.39 -33.58 22.54
C GLY B 11 -20.04 -34.86 23.06
N SER B 12 -20.43 -35.73 22.15
CA SER B 12 -21.11 -36.97 22.52
C SER B 12 -20.13 -37.99 23.10
N GLY B 13 -18.88 -37.93 22.66
CA GLY B 13 -17.87 -38.85 23.14
C GLY B 13 -17.63 -39.98 22.17
N LYS B 14 -17.96 -39.74 20.90
CA LYS B 14 -17.80 -40.76 19.87
C LYS B 14 -16.34 -41.17 19.68
N THR B 15 -15.46 -40.18 19.53
CA THR B 15 -14.06 -40.45 19.27
C THR B 15 -13.39 -41.20 20.42
N LYS B 16 -13.67 -40.79 21.66
CA LYS B 16 -13.10 -41.50 22.79
C LYS B 16 -13.67 -42.91 22.88
N LEU B 17 -14.95 -43.05 22.52
CA LEU B 17 -15.59 -44.35 22.53
C LEU B 17 -14.86 -45.29 21.57
N ILE B 18 -14.48 -44.77 20.41
CA ILE B 18 -13.76 -45.54 19.41
C ILE B 18 -12.34 -45.84 19.86
N ILE B 19 -11.67 -44.80 20.37
CA ILE B 19 -10.33 -44.96 20.93
C ILE B 19 -10.30 -46.09 21.95
N ASN B 20 -11.25 -46.06 22.88
CA ASN B 20 -11.32 -47.07 23.94
C ASN B 20 -11.67 -48.45 23.41
N SER B 21 -12.57 -48.51 22.43
CA SER B 21 -12.92 -49.76 21.79
C SER B 21 -11.67 -50.44 21.24
N ILE B 22 -10.91 -49.69 20.44
CA ILE B 22 -9.69 -50.19 19.83
C ILE B 22 -8.66 -50.59 20.88
N GLN B 23 -8.55 -49.79 21.94
CA GLN B 23 -7.61 -50.07 23.02
C GLN B 23 -7.94 -51.40 23.69
N ASP B 24 -9.21 -51.61 24.01
CA ASP B 24 -9.65 -52.88 24.61
C ASP B 24 -9.37 -54.06 23.68
N GLU B 25 -9.61 -53.84 22.38
CA GLU B 25 -9.39 -54.88 21.38
C GLU B 25 -7.90 -55.16 21.19
N LEU B 26 -7.06 -54.19 21.54
CA LEU B 26 -5.62 -54.40 21.54
C LEU B 26 -5.21 -55.20 22.76
N ARG B 27 -5.91 -54.98 23.87
CA ARG B 27 -5.67 -55.72 25.11
C ARG B 27 -5.98 -57.20 24.92
N ARG B 28 -7.16 -57.47 24.37
CA ARG B 28 -7.63 -58.84 24.18
C ARG B 28 -6.71 -59.66 23.30
N ALA B 29 -6.32 -59.10 22.15
CA ALA B 29 -5.47 -59.81 21.20
C ALA B 29 -4.56 -58.85 20.44
N PRO B 30 -3.31 -58.71 20.90
CA PRO B 30 -2.30 -57.84 20.28
C PRO B 30 -1.89 -58.27 18.87
N PHE B 31 -2.21 -59.51 18.49
CA PHE B 31 -1.84 -60.02 17.18
C PHE B 31 -3.07 -60.43 16.38
N GLY B 32 -4.24 -59.97 16.81
CA GLY B 32 -5.48 -60.30 16.14
C GLY B 32 -5.57 -59.69 14.75
N LYS B 33 -6.70 -59.91 14.10
CA LYS B 33 -6.98 -59.37 12.78
C LYS B 33 -6.80 -57.84 12.76
N PRO B 34 -6.31 -57.30 11.64
CA PRO B 34 -6.02 -55.87 11.49
C PRO B 34 -7.17 -54.94 11.91
N ILE B 35 -6.83 -53.86 12.60
CA ILE B 35 -7.81 -52.84 12.94
C ILE B 35 -7.42 -51.52 12.27
N ILE B 36 -8.31 -51.01 11.43
CA ILE B 36 -8.03 -49.80 10.68
C ILE B 36 -8.79 -48.58 11.20
N PHE B 37 -8.05 -47.58 11.66
CA PHE B 37 -8.64 -46.32 12.11
C PHE B 37 -8.56 -45.31 10.96
N LEU B 38 -9.69 -45.07 10.30
CA LEU B 38 -9.72 -44.19 9.14
C LEU B 38 -10.19 -42.78 9.50
N VAL B 39 -9.27 -41.82 9.42
CA VAL B 39 -9.56 -40.44 9.78
C VAL B 39 -9.05 -39.48 8.69
N PRO B 40 -9.55 -38.23 8.68
CA PRO B 40 -9.03 -37.24 7.75
C PRO B 40 -7.53 -37.06 7.90
N ASP B 41 -6.86 -36.72 6.80
CA ASP B 41 -5.40 -36.62 6.76
C ASP B 41 -4.81 -35.72 7.84
N GLN B 42 -5.52 -34.64 8.17
CA GLN B 42 -5.08 -33.71 9.21
C GLN B 42 -5.55 -34.17 10.59
N MET B 43 -5.70 -35.47 10.76
CA MET B 43 -6.18 -36.03 12.02
C MET B 43 -5.51 -37.37 12.32
N THR B 44 -4.59 -37.77 11.46
CA THR B 44 -3.92 -39.06 11.58
C THR B 44 -3.02 -39.11 12.81
N PHE B 45 -2.21 -38.07 13.01
CA PHE B 45 -1.24 -38.05 14.10
C PHE B 45 -1.91 -38.01 15.47
N LEU B 46 -2.90 -37.14 15.62
CA LEU B 46 -3.65 -37.00 16.87
C LEU B 46 -4.09 -38.34 17.43
N MET B 47 -4.86 -39.08 16.63
CA MET B 47 -5.34 -40.40 17.02
C MET B 47 -4.21 -41.37 17.33
N GLU B 48 -3.17 -41.35 16.51
CA GLU B 48 -1.96 -42.13 16.75
C GLU B 48 -1.41 -41.88 18.16
N TYR B 49 -1.36 -40.61 18.56
CA TYR B 49 -0.92 -40.24 19.89
C TYR B 49 -1.83 -40.79 20.97
N GLU B 50 -3.13 -40.53 20.83
CA GLU B 50 -4.13 -40.95 21.79
C GLU B 50 -4.16 -42.47 22.00
N LEU B 51 -4.16 -43.23 20.90
CA LEU B 51 -4.10 -44.69 20.98
C LEU B 51 -2.86 -45.15 21.75
N ALA B 52 -1.76 -44.43 21.54
CA ALA B 52 -0.48 -44.75 22.18
C ALA B 52 -0.49 -44.47 23.68
N LYS B 53 -1.48 -43.69 24.14
CA LYS B 53 -1.54 -43.30 25.54
C LYS B 53 -2.41 -44.26 26.35
N THR B 54 -1.88 -45.47 26.55
CA THR B 54 -2.45 -46.44 27.48
C THR B 54 -1.36 -46.86 28.46
N PRO B 55 -1.64 -46.80 29.76
CA PRO B 55 -0.66 -47.32 30.73
C PRO B 55 -0.53 -48.83 30.55
N ASP B 56 -1.63 -49.44 30.16
CA ASP B 56 -1.70 -50.87 29.88
C ASP B 56 -0.70 -51.31 28.81
N MET B 57 -0.73 -50.63 27.67
CA MET B 57 0.03 -51.08 26.50
C MET B 57 1.05 -50.06 25.99
N GLY B 58 0.76 -48.78 26.15
CA GLY B 58 1.69 -47.72 25.79
C GLY B 58 2.07 -47.69 24.32
N GLY B 59 1.24 -48.25 23.46
CA GLY B 59 1.49 -48.26 22.04
C GLY B 59 0.53 -49.16 21.30
N MET B 60 0.67 -49.20 19.97
CA MET B 60 -0.17 -50.07 19.16
C MET B 60 0.69 -50.85 18.18
N ILE B 61 0.19 -52.01 17.75
CA ILE B 61 0.83 -52.81 16.73
C ILE B 61 -0.22 -53.36 15.77
N ARG B 62 -1.19 -54.07 16.32
CA ARG B 62 -2.28 -54.64 15.54
C ARG B 62 -3.12 -53.57 14.86
N ALA B 63 -3.28 -52.43 15.52
CA ALA B 63 -4.14 -51.37 15.02
C ALA B 63 -3.36 -50.14 14.57
N GLN B 64 -3.58 -49.73 13.32
CA GLN B 64 -2.96 -48.54 12.76
C GLN B 64 -3.96 -47.43 12.46
N VAL B 65 -3.46 -46.19 12.44
CA VAL B 65 -4.27 -45.06 11.98
C VAL B 65 -3.94 -44.75 10.52
N PHE B 66 -4.99 -44.66 9.70
CA PHE B 66 -4.80 -44.43 8.28
C PHE B 66 -5.53 -43.20 7.77
N SER B 67 -4.92 -42.55 6.78
CA SER B 67 -5.65 -41.63 5.92
C SER B 67 -6.13 -42.45 4.72
N PHE B 68 -6.98 -41.87 3.87
CA PHE B 68 -7.36 -42.56 2.65
C PHE B 68 -6.14 -42.77 1.77
N SER B 69 -5.28 -41.76 1.72
CA SER B 69 -4.07 -41.80 0.92
C SER B 69 -3.08 -42.85 1.43
N ARG B 70 -2.85 -42.85 2.73
CA ARG B 70 -1.91 -43.78 3.35
C ARG B 70 -2.41 -45.22 3.22
N LEU B 71 -3.71 -45.39 3.44
CA LEU B 71 -4.35 -46.70 3.27
C LEU B 71 -4.15 -47.19 1.86
N ALA B 72 -4.36 -46.29 0.90
CA ALA B 72 -4.10 -46.58 -0.50
C ALA B 72 -2.65 -47.02 -0.70
N TRP B 73 -1.74 -46.39 0.03
CA TRP B 73 -0.32 -46.73 -0.11
C TRP B 73 -0.03 -48.15 0.36
N ARG B 74 -0.57 -48.53 1.52
CA ARG B 74 -0.30 -49.85 2.07
C ARG B 74 -0.98 -50.96 1.26
N VAL B 75 -2.27 -50.82 1.01
CA VAL B 75 -2.99 -51.84 0.24
C VAL B 75 -2.39 -52.00 -1.16
N LEU B 76 -1.95 -50.90 -1.75
CA LEU B 76 -1.32 -50.95 -3.06
C LEU B 76 0.09 -51.51 -2.98
N GLN B 77 0.76 -51.32 -1.85
CA GLN B 77 2.07 -51.93 -1.67
C GLN B 77 1.93 -53.45 -1.66
N HIS B 78 0.81 -53.93 -1.13
CA HIS B 78 0.54 -55.36 -1.06
C HIS B 78 0.01 -55.89 -2.39
N THR B 79 -0.96 -55.19 -2.96
CA THR B 79 -1.62 -55.64 -4.17
C THR B 79 -0.84 -55.31 -5.45
N GLY B 80 -0.10 -54.21 -5.44
CA GLY B 80 0.73 -53.85 -6.58
C GLY B 80 0.19 -52.69 -7.39
N GLY B 81 1.06 -52.11 -8.22
CA GLY B 81 0.67 -50.99 -9.06
C GLY B 81 1.33 -49.69 -8.63
N MET B 82 2.37 -49.80 -7.81
CA MET B 82 3.07 -48.63 -7.27
C MET B 82 4.21 -48.19 -8.18
N SER B 83 4.52 -49.00 -9.19
CA SER B 83 5.67 -48.79 -10.06
C SER B 83 5.65 -47.42 -10.74
N ARG B 84 4.51 -47.06 -11.32
CA ARG B 84 4.38 -45.83 -12.09
C ARG B 84 4.61 -44.60 -11.22
N PRO B 85 5.37 -43.64 -11.75
CA PRO B 85 5.56 -42.35 -11.07
C PRO B 85 4.24 -41.60 -10.97
N PHE B 86 4.12 -40.65 -10.05
CA PHE B 86 2.91 -39.87 -9.94
C PHE B 86 3.21 -38.40 -10.11
N LEU B 87 2.18 -37.62 -10.41
CA LEU B 87 2.37 -36.21 -10.69
C LEU B 87 1.76 -35.30 -9.64
N THR B 88 2.59 -34.44 -9.07
CA THR B 88 2.11 -33.35 -8.24
C THR B 88 1.19 -32.46 -9.07
N SER B 89 0.40 -31.63 -8.40
CA SER B 89 -0.54 -30.77 -9.10
C SER B 89 0.16 -29.87 -10.13
N THR B 90 1.40 -29.46 -9.83
CA THR B 90 2.14 -28.58 -10.71
C THR B 90 2.57 -29.29 -11.99
N GLY B 91 3.01 -30.53 -11.84
CA GLY B 91 3.39 -31.35 -12.98
C GLY B 91 2.23 -31.48 -13.95
N VAL B 92 1.04 -31.76 -13.41
CA VAL B 92 -0.17 -31.83 -14.20
C VAL B 92 -0.48 -30.49 -14.86
N GLN B 93 -0.23 -29.41 -14.12
CA GLN B 93 -0.46 -28.05 -14.62
C GLN B 93 0.41 -27.78 -15.84
N MET B 94 1.67 -28.21 -15.76
CA MET B 94 2.59 -28.05 -16.88
C MET B 94 2.12 -28.85 -18.09
N LEU B 95 1.74 -30.10 -17.84
CA LEU B 95 1.15 -30.96 -18.86
C LEU B 95 -0.04 -30.28 -19.50
N LEU B 96 -0.90 -29.71 -18.68
CA LEU B 96 -2.07 -28.98 -19.16
C LEU B 96 -1.70 -27.85 -20.11
N ARG B 97 -0.76 -27.00 -19.67
CA ARG B 97 -0.25 -25.89 -20.48
C ARG B 97 0.22 -26.39 -21.84
N LYS B 98 0.97 -27.48 -21.83
CA LYS B 98 1.39 -28.13 -23.08
C LYS B 98 0.19 -28.44 -23.96
N LEU B 99 -0.72 -29.27 -23.44
CA LEU B 99 -1.93 -29.67 -24.16
C LEU B 99 -2.74 -28.46 -24.63
N ILE B 100 -2.81 -27.44 -23.79
CA ILE B 100 -3.52 -26.22 -24.15
C ILE B 100 -2.92 -25.59 -25.41
N GLU B 101 -1.59 -25.46 -25.44
CA GLU B 101 -0.91 -24.92 -26.61
C GLU B 101 -1.22 -25.75 -27.85
N GLU B 102 -1.33 -27.06 -27.65
CA GLU B 102 -1.52 -28.00 -28.75
C GLU B 102 -2.94 -27.96 -29.30
N HIS B 103 -3.94 -27.88 -28.42
CA HIS B 103 -5.32 -27.96 -28.88
C HIS B 103 -6.17 -26.71 -28.66
N LYS B 104 -5.54 -25.55 -28.47
CA LYS B 104 -6.29 -24.33 -28.20
C LYS B 104 -7.17 -23.90 -29.38
N GLN B 105 -6.81 -24.36 -30.57
CA GLN B 105 -7.55 -24.02 -31.77
C GLN B 105 -8.89 -24.77 -31.82
N GLU B 106 -9.06 -25.72 -30.92
CA GLU B 106 -10.25 -26.57 -30.92
C GLU B 106 -11.28 -26.09 -29.90
N PHE B 107 -10.92 -25.07 -29.12
CA PHE B 107 -11.78 -24.57 -28.06
C PHE B 107 -12.96 -23.77 -28.62
N LYS B 108 -14.03 -23.67 -27.85
CA LYS B 108 -15.21 -22.92 -28.25
C LYS B 108 -15.44 -21.68 -27.40
N VAL B 109 -14.77 -21.59 -26.26
CA VAL B 109 -15.02 -20.49 -25.33
C VAL B 109 -13.77 -20.04 -24.58
N TYR B 110 -12.80 -20.94 -24.40
CA TYR B 110 -11.64 -20.64 -23.57
C TYR B 110 -10.38 -20.25 -24.35
N GLN B 111 -10.54 -19.85 -25.60
CA GLN B 111 -9.41 -19.45 -26.42
C GLN B 111 -8.70 -18.23 -25.86
N LYS B 112 -9.46 -17.16 -25.60
CA LYS B 112 -8.90 -15.94 -25.04
C LYS B 112 -8.18 -16.15 -23.70
N ALA B 113 -8.67 -17.14 -22.94
CA ALA B 113 -8.17 -17.37 -21.58
C ALA B 113 -7.01 -18.35 -21.52
N SER B 114 -6.93 -19.23 -22.52
CA SER B 114 -5.87 -20.24 -22.59
C SER B 114 -4.49 -19.60 -22.56
N ASP B 115 -4.45 -18.32 -22.93
CA ASP B 115 -3.25 -17.51 -22.89
C ASP B 115 -2.71 -17.34 -21.46
N LYS B 116 -3.62 -17.33 -20.49
CA LYS B 116 -3.32 -16.91 -19.11
C LYS B 116 -2.84 -18.05 -18.21
N SER B 117 -1.96 -17.73 -17.27
CA SER B 117 -1.35 -18.73 -16.39
C SER B 117 -2.35 -19.19 -15.33
N GLY B 118 -3.19 -18.26 -14.89
CA GLY B 118 -4.22 -18.57 -13.93
C GLY B 118 -5.17 -19.62 -14.47
N PHE B 119 -5.37 -19.62 -15.78
CA PHE B 119 -6.30 -20.53 -16.42
C PHE B 119 -5.95 -22.00 -16.24
N THR B 120 -4.66 -22.31 -16.38
CA THR B 120 -4.22 -23.70 -16.28
C THR B 120 -4.40 -24.20 -14.87
N ALA B 121 -4.20 -23.31 -13.90
CA ALA B 121 -4.45 -23.64 -12.51
C ALA B 121 -5.92 -24.00 -12.31
N GLN B 122 -6.79 -23.18 -12.87
CA GLN B 122 -8.23 -23.39 -12.80
C GLN B 122 -8.64 -24.73 -13.40
N VAL B 123 -8.13 -25.01 -14.60
CA VAL B 123 -8.43 -26.26 -15.28
C VAL B 123 -7.95 -27.45 -14.46
N GLU B 124 -6.79 -27.32 -13.85
CA GLU B 124 -6.23 -28.40 -13.03
C GLU B 124 -7.14 -28.70 -11.85
N ARG B 125 -7.58 -27.65 -11.16
CA ARG B 125 -8.51 -27.79 -10.05
C ARG B 125 -9.80 -28.45 -10.49
N MET B 126 -10.28 -28.05 -11.67
CA MET B 126 -11.54 -28.56 -12.20
C MET B 126 -11.46 -30.05 -12.48
N LEU B 127 -10.42 -30.45 -13.21
CA LEU B 127 -10.27 -31.86 -13.58
C LEU B 127 -10.01 -32.73 -12.37
N THR B 128 -9.32 -32.18 -11.38
CA THR B 128 -9.06 -32.88 -10.14
C THR B 128 -10.38 -33.14 -9.41
N GLU B 129 -11.25 -32.12 -9.39
CA GLU B 129 -12.58 -32.27 -8.81
C GLU B 129 -13.36 -33.34 -9.57
N PHE B 130 -13.23 -33.35 -10.89
CA PHE B 130 -13.88 -34.35 -11.73
C PHE B 130 -13.49 -35.77 -11.29
N LYS B 131 -12.20 -35.99 -11.09
CA LYS B 131 -11.70 -37.30 -10.68
C LYS B 131 -12.18 -37.66 -9.29
N ARG B 132 -12.30 -36.65 -8.43
CA ARG B 132 -12.72 -36.87 -7.06
C ARG B 132 -14.20 -37.22 -6.97
N TYR B 133 -14.94 -36.90 -8.03
CA TYR B 133 -16.38 -37.16 -8.05
C TYR B 133 -16.73 -38.19 -9.11
N CYS B 134 -15.75 -39.04 -9.42
CA CYS B 134 -15.93 -40.18 -10.31
C CYS B 134 -16.55 -39.80 -11.64
N LEU B 135 -15.86 -38.94 -12.38
CA LEU B 135 -16.30 -38.51 -13.70
C LEU B 135 -15.16 -38.61 -14.70
N GLU B 136 -15.18 -39.67 -15.50
CA GLU B 136 -14.18 -39.88 -16.55
C GLU B 136 -14.41 -38.93 -17.73
N PRO B 137 -13.39 -38.76 -18.58
CA PRO B 137 -13.51 -37.90 -19.77
C PRO B 137 -14.76 -38.14 -20.59
N GLU B 138 -15.14 -39.40 -20.79
CA GLU B 138 -16.31 -39.71 -21.61
C GLU B 138 -17.59 -39.12 -21.02
N ASP B 139 -17.68 -39.12 -19.70
CA ASP B 139 -18.82 -38.52 -19.01
C ASP B 139 -18.91 -37.04 -19.34
N ILE B 140 -17.74 -36.40 -19.36
CA ILE B 140 -17.65 -34.97 -19.60
C ILE B 140 -18.05 -34.63 -21.02
N ARG B 141 -17.58 -35.43 -21.97
CA ARG B 141 -18.02 -35.32 -23.36
C ARG B 141 -19.53 -35.42 -23.45
N ARG B 142 -20.08 -36.46 -22.83
CA ARG B 142 -21.52 -36.72 -22.84
C ARG B 142 -22.32 -35.53 -22.32
N MET B 143 -21.85 -34.94 -21.23
CA MET B 143 -22.51 -33.78 -20.65
C MET B 143 -22.50 -32.61 -21.61
N ALA B 144 -21.38 -32.46 -22.32
CA ALA B 144 -21.24 -31.41 -23.32
C ALA B 144 -22.26 -31.60 -24.44
N GLU B 145 -22.32 -32.80 -24.98
CA GLU B 145 -23.26 -33.13 -26.05
C GLU B 145 -24.70 -32.87 -25.62
N SER B 146 -25.02 -33.26 -24.40
CA SER B 146 -26.33 -33.01 -23.81
C SER B 146 -26.62 -31.50 -23.81
N GLY B 147 -25.58 -30.72 -23.55
CA GLY B 147 -25.70 -29.27 -23.51
C GLY B 147 -26.07 -28.64 -24.83
N THR B 148 -25.43 -29.09 -25.91
CA THR B 148 -25.54 -28.45 -27.23
C THR B 148 -26.98 -28.33 -27.71
N ALA B 149 -27.78 -29.35 -27.42
CA ALA B 149 -29.18 -29.34 -27.83
C ALA B 149 -30.04 -28.59 -26.82
N TYR B 152 -32.30 -24.27 -19.36
CA TYR B 152 -31.40 -23.50 -18.52
C TYR B 152 -30.68 -22.42 -19.32
N ARG B 153 -30.67 -21.22 -18.76
CA ARG B 153 -30.16 -20.03 -19.44
C ARG B 153 -28.71 -20.15 -19.91
N GLY B 154 -27.86 -20.72 -19.07
CA GLY B 154 -26.44 -20.83 -19.40
C GLY B 154 -26.02 -22.21 -19.89
N GLU B 155 -26.94 -22.92 -20.54
CA GLU B 155 -26.66 -24.27 -21.02
C GLU B 155 -25.69 -24.24 -22.19
N ARG B 156 -25.88 -23.28 -23.08
CA ARG B 156 -25.00 -23.08 -24.22
C ARG B 156 -23.57 -22.85 -23.77
N VAL B 157 -23.38 -21.86 -22.90
CA VAL B 157 -22.06 -21.53 -22.35
C VAL B 157 -21.45 -22.73 -21.62
N LEU B 158 -22.23 -23.34 -20.74
CA LEU B 158 -21.75 -24.48 -19.95
C LEU B 158 -21.30 -25.63 -20.85
N SER B 159 -22.06 -25.87 -21.92
CA SER B 159 -21.73 -26.95 -22.84
C SER B 159 -20.43 -26.66 -23.55
N GLU B 160 -20.22 -25.40 -23.91
CA GLU B 160 -18.98 -24.95 -24.52
C GLU B 160 -17.82 -25.21 -23.59
N LYS B 161 -17.93 -24.73 -22.36
CA LYS B 161 -16.92 -24.97 -21.33
C LYS B 161 -16.59 -26.45 -21.19
N LEU B 162 -17.63 -27.25 -20.98
CA LEU B 162 -17.47 -28.69 -20.79
C LEU B 162 -16.82 -29.35 -21.99
N HIS B 163 -17.08 -28.80 -23.18
CA HIS B 163 -16.47 -29.31 -24.41
C HIS B 163 -14.97 -29.11 -24.37
N ASP B 164 -14.53 -27.87 -24.16
CA ASP B 164 -13.12 -27.53 -24.05
C ASP B 164 -12.45 -28.33 -22.95
N LEU B 165 -13.06 -28.37 -21.78
CA LEU B 165 -12.55 -29.15 -20.66
C LEU B 165 -12.38 -30.62 -21.01
N SER B 166 -13.32 -31.17 -21.78
CA SER B 166 -13.28 -32.58 -22.14
C SER B 166 -12.13 -32.86 -23.10
N ILE B 167 -11.82 -31.89 -23.95
CA ILE B 167 -10.69 -32.03 -24.87
C ILE B 167 -9.40 -32.10 -24.06
N LEU B 168 -9.26 -31.18 -23.11
CA LEU B 168 -8.08 -31.12 -22.24
C LEU B 168 -7.98 -32.36 -21.35
N TYR B 169 -9.12 -32.78 -20.81
CA TYR B 169 -9.19 -33.95 -19.95
C TYR B 169 -8.78 -35.22 -20.69
N GLN B 170 -9.47 -35.51 -21.78
CA GLN B 170 -9.22 -36.71 -22.57
C GLN B 170 -7.78 -36.76 -23.06
N GLN B 171 -7.31 -35.62 -23.56
CA GLN B 171 -5.94 -35.50 -24.04
C GLN B 171 -4.95 -35.76 -22.90
N MET B 172 -5.30 -35.31 -21.70
CA MET B 172 -4.44 -35.53 -20.54
C MET B 172 -4.29 -37.02 -20.26
N GLU B 173 -5.42 -37.72 -20.20
CA GLU B 173 -5.41 -39.15 -19.90
C GLU B 173 -4.69 -39.94 -20.99
N LYS B 174 -4.78 -39.44 -22.22
CA LYS B 174 -4.03 -40.03 -23.33
C LYS B 174 -2.54 -39.89 -23.08
N SER B 175 -2.13 -38.70 -22.68
CA SER B 175 -0.71 -38.40 -22.46
C SER B 175 -0.14 -39.11 -21.24
N LEU B 176 -1.00 -39.43 -20.28
CA LEU B 176 -0.55 -40.02 -19.02
C LEU B 176 -0.66 -41.54 -18.95
N ALA B 177 -1.41 -42.11 -19.90
CA ALA B 177 -1.89 -43.49 -19.84
C ALA B 177 -0.91 -44.54 -19.31
N ASP B 178 0.06 -44.92 -20.12
CA ASP B 178 0.91 -46.06 -19.79
C ASP B 178 2.24 -45.68 -19.14
N GLN B 179 2.35 -44.45 -18.64
CA GLN B 179 3.62 -44.00 -18.06
C GLN B 179 3.47 -43.35 -16.69
N TYR B 180 2.35 -42.68 -16.44
CA TYR B 180 2.21 -41.96 -15.19
C TYR B 180 0.90 -42.23 -14.45
N LEU B 181 0.87 -41.75 -13.21
CA LEU B 181 -0.26 -41.95 -12.32
C LEU B 181 -0.72 -40.61 -11.74
N HIS B 182 -1.91 -40.16 -12.13
CA HIS B 182 -2.46 -38.94 -11.58
C HIS B 182 -2.61 -39.11 -10.07
N SER B 183 -2.29 -38.06 -9.32
CA SER B 183 -2.27 -38.12 -7.86
C SER B 183 -3.63 -38.47 -7.25
N GLU B 184 -4.68 -38.37 -8.06
CA GLU B 184 -6.03 -38.68 -7.58
C GLU B 184 -6.47 -40.08 -7.99
N ASP B 185 -5.56 -40.85 -8.57
CA ASP B 185 -5.90 -42.21 -9.00
C ASP B 185 -5.59 -43.24 -7.92
N TYR B 186 -5.11 -42.77 -6.78
CA TYR B 186 -4.78 -43.66 -5.67
C TYR B 186 -6.04 -44.28 -5.07
N LEU B 187 -7.03 -43.44 -4.79
CA LEU B 187 -8.27 -43.90 -4.18
C LEU B 187 -9.04 -44.80 -5.15
N THR B 188 -8.98 -44.49 -6.44
CA THR B 188 -9.60 -45.34 -7.46
C THR B 188 -8.92 -46.71 -7.52
N LEU B 189 -7.59 -46.68 -7.61
CA LEU B 189 -6.80 -47.89 -7.69
C LEU B 189 -6.96 -48.71 -6.41
N LEU B 190 -7.11 -48.02 -5.29
CA LEU B 190 -7.35 -48.68 -4.01
C LEU B 190 -8.68 -49.43 -4.00
N ALA B 191 -9.71 -48.79 -4.54
CA ALA B 191 -11.06 -49.35 -4.54
C ALA B 191 -11.15 -50.64 -5.34
N GLU B 192 -10.29 -50.78 -6.34
CA GLU B 192 -10.35 -51.95 -7.21
C GLU B 192 -9.31 -53.00 -6.85
N HIS B 193 -8.57 -52.76 -5.78
CA HIS B 193 -7.61 -53.75 -5.29
C HIS B 193 -7.97 -54.26 -3.90
N ILE B 194 -8.96 -53.62 -3.26
CA ILE B 194 -9.41 -54.03 -1.94
C ILE B 194 -9.96 -55.48 -1.94
N PRO B 195 -10.79 -55.85 -2.92
CA PRO B 195 -11.17 -57.26 -2.96
C PRO B 195 -10.00 -58.22 -3.14
N LEU B 196 -8.92 -57.72 -3.74
CA LEU B 196 -7.77 -58.55 -4.05
C LEU B 196 -6.87 -58.76 -2.81
N ALA B 197 -6.86 -57.77 -1.93
CA ALA B 197 -6.00 -57.82 -0.75
C ALA B 197 -6.61 -58.68 0.35
N GLU B 198 -5.80 -59.55 0.93
CA GLU B 198 -6.26 -60.51 1.94
C GLU B 198 -6.37 -59.88 3.34
N ASP B 199 -5.47 -58.95 3.64
CA ASP B 199 -5.43 -58.34 4.97
C ASP B 199 -6.73 -57.61 5.31
N ILE B 200 -7.37 -57.06 4.29
CA ILE B 200 -8.63 -56.35 4.46
C ILE B 200 -9.74 -57.27 4.96
N LYS B 201 -9.70 -58.53 4.53
CA LYS B 201 -10.82 -59.46 4.70
C LYS B 201 -11.29 -59.67 6.14
N GLY B 202 -10.37 -59.68 7.09
CA GLY B 202 -10.74 -59.92 8.48
C GLY B 202 -10.71 -58.68 9.35
N ALA B 203 -10.58 -57.51 8.72
CA ALA B 203 -10.30 -56.27 9.44
C ALA B 203 -11.54 -55.60 10.04
N HIS B 204 -11.35 -54.94 11.18
CA HIS B 204 -12.34 -54.03 11.74
C HIS B 204 -11.97 -52.59 11.37
N ILE B 205 -12.93 -51.81 10.89
CA ILE B 205 -12.62 -50.46 10.41
C ILE B 205 -13.45 -49.39 11.09
N TYR B 206 -12.79 -48.38 11.64
CA TYR B 206 -13.45 -47.25 12.28
C TYR B 206 -13.18 -45.97 11.49
N VAL B 207 -14.24 -45.27 11.09
CA VAL B 207 -14.06 -44.01 10.38
C VAL B 207 -14.72 -42.89 11.18
N ASP B 208 -13.98 -41.81 11.38
CA ASP B 208 -14.40 -40.71 12.25
C ASP B 208 -13.68 -39.42 11.88
N GLY B 209 -14.26 -38.28 12.22
CA GLY B 209 -13.67 -36.99 11.92
C GLY B 209 -14.13 -36.42 10.60
N PHE B 210 -14.66 -37.29 9.74
CA PHE B 210 -15.20 -36.87 8.46
C PHE B 210 -16.58 -36.25 8.60
N TYR B 211 -16.87 -35.26 7.76
CA TYR B 211 -18.20 -34.66 7.70
C TYR B 211 -18.92 -35.17 6.46
N GLN B 212 -18.14 -35.43 5.42
CA GLN B 212 -18.66 -35.87 4.14
C GLN B 212 -17.57 -36.61 3.38
N PHE B 213 -17.96 -37.35 2.35
CA PHE B 213 -17.01 -38.04 1.51
C PHE B 213 -17.19 -37.70 0.03
N THR B 214 -16.08 -37.60 -0.68
CA THR B 214 -16.14 -37.56 -2.13
C THR B 214 -16.62 -38.91 -2.64
N PRO B 215 -17.32 -38.93 -3.78
CA PRO B 215 -17.74 -40.17 -4.43
C PRO B 215 -16.58 -41.18 -4.54
N GLN B 216 -15.40 -40.70 -4.87
CA GLN B 216 -14.22 -41.55 -5.00
C GLN B 216 -13.84 -42.20 -3.66
N GLU B 217 -14.09 -41.49 -2.57
CA GLU B 217 -13.88 -42.04 -1.24
C GLU B 217 -15.03 -42.99 -0.87
N PHE B 218 -16.22 -42.67 -1.37
CA PHE B 218 -17.41 -43.45 -1.08
C PHE B 218 -17.30 -44.86 -1.68
N ARG B 219 -16.71 -44.94 -2.87
CA ARG B 219 -16.47 -46.21 -3.53
C ARG B 219 -15.56 -47.08 -2.67
N VAL B 220 -14.53 -46.48 -2.10
CA VAL B 220 -13.63 -47.18 -1.18
C VAL B 220 -14.42 -47.65 0.04
N LEU B 221 -15.26 -46.78 0.57
CA LEU B 221 -16.05 -47.09 1.75
C LEU B 221 -16.96 -48.28 1.54
N GLU B 222 -17.67 -48.31 0.40
CA GLU B 222 -18.59 -49.41 0.16
C GLU B 222 -17.82 -50.70 -0.11
N GLN B 223 -16.64 -50.60 -0.67
CA GLN B 223 -15.82 -51.77 -0.93
C GLN B 223 -15.36 -52.35 0.40
N LEU B 224 -15.05 -51.46 1.34
CA LEU B 224 -14.73 -51.87 2.70
C LEU B 224 -15.94 -52.51 3.34
N MET B 225 -17.11 -51.91 3.13
CA MET B 225 -18.37 -52.46 3.62
C MET B 225 -18.58 -53.91 3.15
N VAL B 226 -17.99 -54.27 2.01
CA VAL B 226 -18.18 -55.59 1.45
C VAL B 226 -17.16 -56.60 1.97
N HIS B 227 -15.88 -56.23 1.90
CA HIS B 227 -14.83 -57.20 2.15
C HIS B 227 -14.25 -57.18 3.57
N ALA B 228 -14.50 -56.12 4.33
CA ALA B 228 -14.08 -56.09 5.72
C ALA B 228 -15.09 -56.87 6.56
N GLU B 229 -14.67 -57.29 7.75
CA GLU B 229 -15.54 -58.03 8.66
C GLU B 229 -16.60 -57.12 9.26
N HIS B 230 -16.16 -55.96 9.75
CA HIS B 230 -17.03 -55.00 10.39
C HIS B 230 -16.52 -53.58 10.14
N ILE B 231 -17.43 -52.60 10.14
CA ILE B 231 -17.03 -51.21 9.98
C ILE B 231 -17.98 -50.26 10.70
N THR B 232 -17.39 -49.30 11.41
CA THR B 232 -18.18 -48.34 12.20
C THR B 232 -18.03 -46.92 11.65
N PHE B 233 -19.16 -46.26 11.41
CA PHE B 233 -19.15 -44.90 10.92
C PHE B 233 -19.55 -43.92 12.02
N SER B 234 -18.61 -43.12 12.47
CA SER B 234 -18.88 -42.12 13.50
C SER B 234 -19.27 -40.78 12.86
N LEU B 235 -20.48 -40.31 13.12
CA LEU B 235 -20.93 -39.07 12.50
C LEU B 235 -21.49 -38.11 13.52
N THR B 236 -21.15 -36.83 13.39
CA THR B 236 -21.67 -35.79 14.26
C THR B 236 -23.02 -35.28 13.75
N ALA B 237 -24.11 -35.76 14.34
CA ALA B 237 -25.44 -35.36 13.91
C ALA B 237 -26.47 -35.61 15.01
N ASP B 238 -27.68 -35.12 14.80
CA ASP B 238 -28.76 -35.25 15.77
C ASP B 238 -29.94 -36.00 15.17
N LYS B 239 -30.06 -37.28 15.55
CA LYS B 239 -31.10 -38.17 15.04
C LYS B 239 -31.32 -38.07 13.52
N PRO B 240 -30.26 -38.30 12.73
CA PRO B 240 -30.41 -38.21 11.27
C PRO B 240 -31.33 -39.30 10.73
N SER B 241 -32.08 -39.00 9.68
CA SER B 241 -33.00 -39.98 9.11
C SER B 241 -32.43 -40.54 7.82
N TYR B 242 -32.58 -41.85 7.65
CA TYR B 242 -32.06 -42.55 6.49
C TYR B 242 -33.08 -42.62 5.36
N GLU B 243 -34.25 -42.03 5.58
CA GLU B 243 -35.31 -42.04 4.59
C GLU B 243 -35.20 -40.87 3.62
N ARG B 244 -34.92 -39.68 4.15
CA ARG B 244 -34.77 -38.49 3.33
C ARG B 244 -33.57 -37.65 3.76
N GLU B 245 -32.98 -36.92 2.81
CA GLU B 245 -31.86 -36.04 3.11
C GLU B 245 -32.34 -34.86 3.95
N PRO B 246 -31.41 -34.23 4.70
CA PRO B 246 -31.81 -33.11 5.56
C PRO B 246 -32.29 -31.90 4.77
N HIS B 247 -33.10 -31.06 5.41
CA HIS B 247 -33.45 -29.78 4.84
C HIS B 247 -32.20 -28.92 4.80
N GLU B 248 -32.08 -28.07 3.80
CA GLU B 248 -30.85 -27.30 3.57
C GLU B 248 -30.52 -26.38 4.76
N LEU B 249 -31.54 -25.97 5.48
CA LEU B 249 -31.36 -25.05 6.60
C LEU B 249 -31.01 -25.80 7.89
N GLU B 250 -31.00 -27.13 7.83
CA GLU B 250 -30.66 -27.92 9.01
C GLU B 250 -29.19 -27.75 9.38
N LEU B 251 -28.92 -27.69 10.68
CA LEU B 251 -27.55 -27.59 11.19
C LEU B 251 -26.70 -28.74 10.68
N PHE B 252 -27.20 -29.96 10.85
CA PHE B 252 -26.46 -31.14 10.43
C PHE B 252 -26.87 -31.55 9.01
N ARG B 253 -26.62 -30.65 8.08
CA ARG B 253 -26.93 -30.87 6.67
C ARG B 253 -25.94 -31.84 6.03
N MET B 254 -24.66 -31.49 6.10
CA MET B 254 -23.57 -32.31 5.55
C MET B 254 -23.59 -33.72 6.11
N THR B 255 -23.41 -33.84 7.42
CA THR B 255 -23.35 -35.12 8.10
C THR B 255 -24.64 -35.93 7.92
N GLY B 256 -25.76 -35.23 7.92
CA GLY B 256 -27.06 -35.85 7.72
C GLY B 256 -27.12 -36.52 6.37
N LYS B 257 -26.72 -35.78 5.33
CA LYS B 257 -26.69 -36.32 3.98
C LYS B 257 -25.75 -37.52 3.89
N THR B 258 -24.59 -37.41 4.54
CA THR B 258 -23.62 -38.49 4.60
C THR B 258 -24.23 -39.74 5.21
N TYR B 259 -24.95 -39.55 6.31
CA TYR B 259 -25.62 -40.66 6.99
C TYR B 259 -26.63 -41.33 6.08
N TYR B 260 -27.42 -40.51 5.38
CA TYR B 260 -28.46 -41.01 4.47
C TYR B 260 -27.86 -41.88 3.38
N ARG B 261 -26.78 -41.40 2.77
N ARG B 261 -26.77 -41.41 2.78
CA ARG B 261 -26.13 -42.11 1.67
CA ARG B 261 -26.15 -42.12 1.67
C ARG B 261 -25.45 -43.37 2.17
C ARG B 261 -25.42 -43.37 2.15
N LEU B 262 -24.71 -43.26 3.26
CA LEU B 262 -24.01 -44.41 3.83
C LEU B 262 -24.98 -45.52 4.23
N HIS B 263 -26.06 -45.14 4.92
CA HIS B 263 -27.09 -46.09 5.31
C HIS B 263 -27.77 -46.71 4.10
N GLN B 264 -28.01 -45.89 3.09
CA GLN B 264 -28.64 -46.34 1.85
C GLN B 264 -27.83 -47.44 1.17
N LYS B 265 -26.52 -47.23 1.10
CA LYS B 265 -25.64 -48.20 0.44
C LYS B 265 -25.46 -49.43 1.31
N ALA B 266 -25.51 -49.24 2.62
CA ALA B 266 -25.41 -50.36 3.56
C ALA B 266 -26.61 -51.29 3.40
N LYS B 267 -27.79 -50.69 3.30
CA LYS B 267 -29.01 -51.45 3.05
C LYS B 267 -28.98 -52.04 1.64
N GLU B 268 -28.33 -51.32 0.73
CA GLU B 268 -28.20 -51.77 -0.66
C GLU B 268 -27.43 -53.08 -0.77
N LEU B 269 -26.44 -53.25 0.09
CA LEU B 269 -25.59 -54.44 0.05
C LEU B 269 -25.99 -55.45 1.13
N ASN B 270 -27.16 -55.22 1.71
CA ASN B 270 -27.75 -56.12 2.70
C ASN B 270 -26.83 -56.38 3.89
N LEU B 271 -26.12 -55.34 4.32
CA LEU B 271 -25.37 -55.41 5.57
C LEU B 271 -26.32 -55.53 6.75
N ASP B 272 -25.91 -56.28 7.77
CA ASP B 272 -26.62 -56.25 9.03
C ASP B 272 -26.17 -54.99 9.77
N ILE B 273 -27.11 -54.11 10.05
CA ILE B 273 -26.77 -52.77 10.53
C ILE B 273 -27.14 -52.54 11.98
N THR B 274 -26.20 -51.98 12.74
CA THR B 274 -26.41 -51.66 14.15
C THR B 274 -26.26 -50.15 14.39
N TYR B 275 -27.27 -49.53 14.98
CA TYR B 275 -27.23 -48.09 15.21
C TYR B 275 -27.07 -47.76 16.69
N LYS B 276 -26.14 -46.88 17.01
CA LYS B 276 -25.96 -46.40 18.38
C LYS B 276 -25.91 -44.87 18.42
N GLU B 277 -26.75 -44.28 19.27
CA GLU B 277 -26.81 -42.83 19.38
C GLU B 277 -26.43 -42.40 20.78
N LEU B 278 -25.56 -41.39 20.88
CA LEU B 278 -25.10 -40.91 22.18
C LEU B 278 -25.89 -39.68 22.63
N SER B 279 -26.94 -39.91 23.40
CA SER B 279 -27.82 -38.84 23.86
C SER B 279 -27.12 -37.91 24.84
N GLY B 280 -26.36 -38.50 25.76
CA GLY B 280 -25.70 -37.72 26.80
C GLY B 280 -24.59 -36.84 26.25
N THR B 281 -24.29 -35.77 26.99
CA THR B 281 -23.17 -34.91 26.69
C THR B 281 -22.02 -35.20 27.66
N GLU B 282 -20.90 -35.66 27.12
CA GLU B 282 -19.77 -36.04 27.97
C GLU B 282 -18.70 -34.95 28.01
N ARG B 283 -18.63 -34.15 26.96
CA ARG B 283 -17.58 -33.13 26.86
C ARG B 283 -17.79 -31.97 27.83
N HIS B 284 -19.03 -31.54 28.00
CA HIS B 284 -19.30 -30.35 28.80
C HIS B 284 -19.99 -30.65 30.12
N THR B 285 -19.78 -31.86 30.64
CA THR B 285 -20.35 -32.26 31.93
C THR B 285 -19.82 -31.34 33.04
N LYS B 286 -18.58 -30.90 32.88
CA LYS B 286 -17.94 -30.02 33.84
C LYS B 286 -18.44 -28.58 33.77
N THR B 287 -18.66 -28.10 32.56
CA THR B 287 -18.99 -26.69 32.34
C THR B 287 -20.37 -26.51 31.70
N PRO B 288 -21.27 -25.80 32.40
CA PRO B 288 -22.67 -25.60 32.00
C PRO B 288 -22.85 -24.71 30.76
N GLU B 289 -22.19 -23.55 30.75
CA GLU B 289 -22.41 -22.54 29.70
C GLU B 289 -22.23 -23.11 28.29
N LEU B 290 -21.19 -23.91 28.11
CA LEU B 290 -20.87 -24.46 26.80
C LEU B 290 -21.84 -25.56 26.41
N ALA B 291 -22.37 -26.26 27.40
CA ALA B 291 -23.40 -27.27 27.17
C ALA B 291 -24.67 -26.57 26.71
N HIS B 292 -24.94 -25.42 27.30
CA HIS B 292 -26.09 -24.60 26.93
C HIS B 292 -25.93 -24.09 25.50
N LEU B 293 -24.71 -23.66 25.19
CA LEU B 293 -24.39 -23.15 23.86
C LEU B 293 -24.52 -24.24 22.80
N GLU B 294 -23.99 -25.42 23.11
CA GLU B 294 -24.05 -26.55 22.19
C GLU B 294 -25.49 -27.00 21.95
N ALA B 295 -26.26 -27.07 23.03
CA ALA B 295 -27.64 -27.55 22.96
C ALA B 295 -28.58 -26.52 22.34
N GLN B 296 -28.37 -25.24 22.67
CA GLN B 296 -29.26 -24.17 22.23
C GLN B 296 -28.74 -23.38 21.03
N TYR B 297 -27.73 -23.92 20.35
CA TYR B 297 -27.12 -23.25 19.21
C TYR B 297 -28.15 -22.97 18.13
N GLU B 298 -28.73 -24.03 17.59
CA GLU B 298 -29.68 -23.96 16.49
C GLU B 298 -31.06 -23.46 16.89
N ALA B 299 -31.40 -23.65 18.17
CA ALA B 299 -32.76 -23.45 18.67
C ALA B 299 -33.34 -22.08 18.37
N ARG B 300 -34.56 -22.06 17.83
CA ARG B 300 -35.25 -20.82 17.53
C ARG B 300 -36.72 -20.90 18.00
N PRO B 301 -37.11 -20.01 18.92
CA PRO B 301 -36.26 -18.97 19.52
C PRO B 301 -35.36 -19.55 20.62
N ALA B 302 -34.18 -18.96 20.78
CA ALA B 302 -33.21 -19.47 21.74
C ALA B 302 -33.61 -19.14 23.16
N ILE B 303 -33.45 -20.09 24.08
CA ILE B 303 -33.75 -19.85 25.48
C ILE B 303 -32.52 -19.23 26.13
N PRO B 304 -32.72 -18.13 26.85
CA PRO B 304 -31.59 -17.45 27.51
C PRO B 304 -30.95 -18.31 28.58
N TYR B 305 -29.76 -17.90 29.00
CA TYR B 305 -29.01 -18.56 30.06
C TYR B 305 -29.06 -17.65 31.29
N ALA B 306 -29.53 -18.19 32.41
CA ALA B 306 -29.81 -17.35 33.58
C ALA B 306 -28.69 -17.39 34.63
N GLU B 307 -27.80 -18.37 34.53
CA GLU B 307 -26.72 -18.50 35.50
C GLU B 307 -25.57 -17.51 35.28
N LYS B 308 -24.58 -17.62 36.16
CA LYS B 308 -23.38 -16.79 36.14
C LYS B 308 -22.51 -17.04 34.91
N GLN B 309 -21.74 -16.03 34.52
CA GLN B 309 -20.77 -16.14 33.44
C GLN B 309 -19.35 -16.41 33.96
N GLU B 310 -18.72 -17.45 33.44
CA GLU B 310 -17.37 -17.80 33.87
C GLU B 310 -16.50 -18.30 32.72
N ALA B 311 -17.07 -19.16 31.89
CA ALA B 311 -16.28 -19.90 30.91
C ALA B 311 -16.54 -19.50 29.46
N LEU B 312 -17.54 -18.64 29.23
CA LEU B 312 -17.79 -18.14 27.89
C LEU B 312 -17.60 -16.63 27.85
N THR B 313 -16.61 -16.19 27.08
CA THR B 313 -16.24 -14.78 27.01
C THR B 313 -16.22 -14.27 25.57
N VAL B 314 -17.00 -13.23 25.30
CA VAL B 314 -16.93 -12.52 24.03
C VAL B 314 -16.01 -11.32 24.22
N MET B 315 -15.03 -11.17 23.33
CA MET B 315 -14.03 -10.13 23.49
C MET B 315 -13.96 -9.24 22.27
N GLN B 316 -13.90 -7.93 22.50
CA GLN B 316 -13.77 -6.97 21.40
C GLN B 316 -12.39 -6.35 21.42
N ALA B 317 -11.72 -6.36 20.27
CA ALA B 317 -10.37 -5.82 20.16
C ALA B 317 -10.31 -4.56 19.31
N ALA B 318 -9.39 -3.67 19.64
CA ALA B 318 -9.18 -2.45 18.88
C ALA B 318 -8.72 -2.77 17.46
N ASN B 319 -7.94 -3.85 17.34
CA ASN B 319 -7.48 -4.35 16.06
C ASN B 319 -7.05 -5.80 16.16
N ARG B 320 -6.33 -6.29 15.15
CA ARG B 320 -5.90 -7.69 15.13
C ARG B 320 -4.66 -7.87 15.98
N ARG B 321 -3.81 -6.86 16.00
CA ARG B 321 -2.64 -6.84 16.86
C ARG B 321 -3.05 -6.93 18.32
N ALA B 322 -4.01 -6.09 18.70
CA ALA B 322 -4.52 -6.05 20.07
C ALA B 322 -5.27 -7.32 20.42
N GLU B 323 -5.95 -7.88 19.42
CA GLU B 323 -6.64 -9.14 19.59
C GLU B 323 -5.65 -10.22 19.96
N LEU B 324 -4.54 -10.27 19.23
CA LEU B 324 -3.52 -11.30 19.44
C LEU B 324 -2.78 -11.14 20.77
N GLU B 325 -2.34 -9.92 21.07
CA GLU B 325 -1.65 -9.66 22.33
C GLU B 325 -2.58 -9.91 23.51
N GLY B 326 -3.86 -9.56 23.34
CA GLY B 326 -4.86 -9.80 24.36
C GLY B 326 -4.94 -11.28 24.70
N ILE B 327 -5.16 -12.08 23.66
CA ILE B 327 -5.26 -13.52 23.79
C ILE B 327 -3.98 -14.10 24.39
N ALA B 328 -2.86 -13.46 24.08
CA ALA B 328 -1.57 -13.85 24.66
C ALA B 328 -1.61 -13.69 26.17
N ARG B 329 -2.15 -12.56 26.64
CA ARG B 329 -2.26 -12.30 28.07
C ARG B 329 -3.21 -13.28 28.74
N GLU B 330 -4.30 -13.60 28.05
CA GLU B 330 -5.29 -14.52 28.58
C GLU B 330 -4.71 -15.92 28.71
N ILE B 331 -3.93 -16.31 27.71
CA ILE B 331 -3.26 -17.60 27.73
C ILE B 331 -2.26 -17.66 28.87
N HIS B 332 -1.54 -16.57 29.08
CA HIS B 332 -0.55 -16.51 30.16
C HIS B 332 -1.23 -16.62 31.53
N ALA B 333 -2.37 -15.96 31.68
CA ALA B 333 -3.17 -16.09 32.88
C ALA B 333 -3.59 -17.54 33.04
N LEU B 334 -4.13 -18.12 31.97
CA LEU B 334 -4.65 -19.48 32.00
C LEU B 334 -3.61 -20.54 32.38
N VAL B 335 -2.34 -20.26 32.11
CA VAL B 335 -1.29 -21.22 32.44
C VAL B 335 -0.64 -20.89 33.79
N ARG B 336 -0.64 -19.61 34.15
CA ARG B 336 -0.05 -19.19 35.42
C ARG B 336 -0.98 -19.45 36.60
N GLU B 337 -2.28 -19.18 36.41
CA GLU B 337 -3.22 -19.20 37.53
C GLU B 337 -4.22 -20.35 37.51
N LYS B 338 -4.62 -20.79 36.32
CA LYS B 338 -5.71 -21.76 36.23
C LYS B 338 -5.23 -23.17 35.94
N GLY B 339 -3.93 -23.40 36.09
CA GLY B 339 -3.37 -24.73 35.96
C GLY B 339 -3.59 -25.41 34.63
N TYR B 340 -3.83 -24.62 33.59
CA TYR B 340 -3.86 -25.14 32.23
C TYR B 340 -2.43 -25.23 31.69
N ARG B 341 -2.21 -26.16 30.76
CA ARG B 341 -0.96 -26.19 30.02
C ARG B 341 -1.21 -25.63 28.63
N TYR B 342 -0.14 -25.23 27.95
CA TYR B 342 -0.23 -24.63 26.63
C TYR B 342 -0.95 -25.55 25.64
N LYS B 343 -0.77 -26.86 25.79
CA LYS B 343 -1.35 -27.85 24.88
C LYS B 343 -2.87 -27.90 24.99
N ASP B 344 -3.40 -27.34 26.07
CA ASP B 344 -4.83 -27.37 26.30
C ASP B 344 -5.54 -26.24 25.56
N VAL B 345 -4.77 -25.25 25.11
CA VAL B 345 -5.31 -24.07 24.43
C VAL B 345 -5.32 -24.25 22.92
N ALA B 346 -6.33 -23.68 22.26
CA ALA B 346 -6.37 -23.67 20.81
C ALA B 346 -6.90 -22.33 20.29
N ILE B 347 -6.23 -21.82 19.26
CA ILE B 347 -6.68 -20.61 18.58
C ILE B 347 -7.13 -20.95 17.18
N LEU B 348 -8.41 -20.68 16.88
CA LEU B 348 -8.95 -20.93 15.55
C LEU B 348 -9.28 -19.63 14.82
N ALA B 349 -9.11 -19.66 13.50
CA ALA B 349 -9.49 -18.54 12.66
C ALA B 349 -10.17 -19.06 11.41
N ARG B 350 -11.12 -18.29 10.89
CA ARG B 350 -11.78 -18.66 9.64
C ARG B 350 -10.85 -18.32 8.49
N GLN B 351 -10.12 -17.22 8.64
CA GLN B 351 -9.20 -16.75 7.61
C GLN B 351 -7.81 -16.56 8.22
N PRO B 352 -7.08 -17.67 8.41
CA PRO B 352 -5.81 -17.70 9.14
C PRO B 352 -4.78 -16.72 8.57
N GLU B 353 -4.84 -16.52 7.26
CA GLU B 353 -3.92 -15.63 6.55
C GLU B 353 -3.96 -14.23 7.14
N ASP B 354 -5.08 -13.87 7.73
CA ASP B 354 -5.23 -12.57 8.37
C ASP B 354 -4.40 -12.49 9.65
N TYR B 355 -4.03 -13.64 10.20
CA TYR B 355 -3.42 -13.63 11.53
C TYR B 355 -2.03 -14.27 11.67
N LYS B 356 -1.72 -15.27 10.86
CA LYS B 356 -0.52 -16.10 11.07
C LYS B 356 0.79 -15.34 11.28
N ASP B 357 1.15 -14.43 10.38
CA ASP B 357 2.39 -13.68 10.49
C ASP B 357 2.50 -12.94 11.81
N MET B 358 1.38 -12.37 12.24
CA MET B 358 1.35 -11.59 13.46
C MET B 358 1.35 -12.51 14.68
N VAL B 359 0.76 -13.69 14.54
CA VAL B 359 0.77 -14.68 15.62
C VAL B 359 2.19 -15.07 15.99
N LYS B 360 3.00 -15.35 14.96
CA LYS B 360 4.38 -15.78 15.14
C LYS B 360 5.16 -14.77 15.96
N GLU B 361 5.04 -13.50 15.61
CA GLU B 361 5.80 -12.45 16.28
C GLU B 361 5.28 -12.15 17.68
N VAL B 362 3.97 -12.10 17.84
CA VAL B 362 3.37 -11.80 19.14
C VAL B 362 3.70 -12.90 20.14
N PHE B 363 3.40 -14.14 19.77
CA PHE B 363 3.68 -15.29 20.65
C PHE B 363 5.18 -15.46 20.86
N ALA B 364 5.97 -14.88 19.97
CA ALA B 364 7.42 -14.84 20.16
C ALA B 364 7.73 -13.93 21.35
N ASP B 365 7.03 -12.79 21.38
CA ASP B 365 7.27 -11.78 22.40
C ASP B 365 6.63 -12.14 23.73
N TYR B 366 5.57 -12.92 23.69
CA TYR B 366 4.88 -13.31 24.91
C TYR B 366 5.29 -14.71 25.35
N GLU B 367 6.33 -15.23 24.70
CA GLU B 367 6.95 -16.50 25.07
C GLU B 367 5.97 -17.67 25.10
N ILE B 368 5.09 -17.72 24.11
CA ILE B 368 4.05 -18.75 24.03
C ILE B 368 4.33 -19.72 22.89
N PRO B 369 4.68 -20.97 23.23
CA PRO B 369 4.98 -22.00 22.24
C PRO B 369 3.75 -22.38 21.44
N TYR B 370 3.90 -22.52 20.13
CA TYR B 370 2.75 -22.74 19.27
C TYR B 370 3.03 -23.68 18.11
N PHE B 371 1.98 -24.33 17.64
CA PHE B 371 2.03 -25.10 16.39
C PHE B 371 1.01 -24.57 15.41
N ILE B 372 1.48 -24.11 14.26
CA ILE B 372 0.58 -23.59 13.23
C ILE B 372 0.22 -24.70 12.25
N ASP B 373 -1.07 -24.90 12.03
CA ASP B 373 -1.55 -25.94 11.13
C ASP B 373 -1.51 -25.45 9.68
N GLY B 374 -0.32 -25.24 9.15
CA GLY B 374 -0.14 -24.78 7.79
C GLY B 374 1.32 -24.68 7.39
N LYS B 375 1.59 -24.81 6.09
CA LYS B 375 2.96 -24.76 5.58
C LYS B 375 3.35 -23.35 5.21
N ALA B 376 4.63 -23.04 5.34
CA ALA B 376 5.14 -21.70 5.04
C ALA B 376 5.68 -21.60 3.63
N SER B 377 5.72 -20.38 3.11
CA SER B 377 6.20 -20.14 1.75
C SER B 377 7.72 -20.16 1.65
N MET B 378 8.23 -20.50 0.48
CA MET B 378 9.67 -20.46 0.23
C MET B 378 10.08 -19.15 -0.43
N LEU B 379 9.09 -18.28 -0.64
CA LEU B 379 9.29 -17.07 -1.44
C LEU B 379 10.28 -16.08 -0.84
N ASN B 380 10.67 -16.29 0.41
CA ASN B 380 11.67 -15.45 1.06
C ASN B 380 13.07 -16.06 1.04
N HIS B 381 13.16 -17.33 0.61
CA HIS B 381 14.43 -18.04 0.58
C HIS B 381 15.36 -17.48 -0.48
N PRO B 382 16.67 -17.44 -0.20
CA PRO B 382 17.65 -16.90 -1.14
C PRO B 382 17.73 -17.67 -2.46
N LEU B 383 17.49 -18.98 -2.42
CA LEU B 383 17.59 -19.81 -3.62
C LEU B 383 16.51 -19.46 -4.62
N ILE B 384 15.27 -19.42 -4.14
CA ILE B 384 14.11 -19.11 -4.98
C ILE B 384 14.28 -17.75 -5.65
N GLU B 385 14.62 -16.74 -4.86
CA GLU B 385 14.80 -15.39 -5.37
C GLU B 385 16.00 -15.31 -6.32
N PHE B 386 17.02 -16.13 -6.04
CA PHE B 386 18.22 -16.20 -6.88
C PHE B 386 17.84 -16.62 -8.30
N ILE B 387 17.09 -17.71 -8.38
CA ILE B 387 16.62 -18.23 -9.67
C ILE B 387 15.75 -17.21 -10.39
N ARG B 388 14.71 -16.74 -9.71
CA ARG B 388 13.79 -15.75 -10.28
C ARG B 388 14.51 -14.49 -10.78
N SER B 389 15.32 -13.88 -9.92
CA SER B 389 16.00 -12.64 -10.28
C SER B 389 17.00 -12.86 -11.41
N SER B 390 17.59 -14.06 -11.46
CA SER B 390 18.54 -14.39 -12.51
C SER B 390 17.84 -14.38 -13.86
N LEU B 391 16.72 -15.07 -13.94
CA LEU B 391 15.91 -15.09 -15.16
C LEU B 391 15.46 -13.68 -15.54
N ASP B 392 15.25 -12.85 -14.52
CA ASP B 392 14.90 -11.45 -14.71
C ASP B 392 16.08 -10.67 -15.29
N VAL B 393 17.29 -11.06 -14.92
CA VAL B 393 18.48 -10.43 -15.50
C VAL B 393 18.53 -10.69 -17.01
N LEU B 394 18.20 -11.93 -17.38
CA LEU B 394 18.19 -12.35 -18.78
C LEU B 394 17.08 -11.63 -19.55
N LYS B 395 15.86 -11.74 -19.04
CA LYS B 395 14.69 -11.19 -19.73
C LYS B 395 14.74 -9.69 -19.95
N GLY B 396 15.12 -8.92 -18.93
CA GLY B 396 15.07 -7.48 -19.05
C GLY B 396 16.38 -6.83 -19.46
N ASN B 397 17.34 -7.65 -19.88
CA ASN B 397 18.67 -7.19 -20.28
C ASN B 397 19.38 -6.40 -19.18
N TRP B 398 19.72 -7.12 -18.11
CA TRP B 398 20.55 -6.60 -17.02
C TRP B 398 20.12 -5.21 -16.53
N ARG B 399 18.84 -5.06 -16.18
CA ARG B 399 18.38 -3.85 -15.52
C ARG B 399 18.96 -3.78 -14.11
N TYR B 400 19.03 -2.58 -13.56
CA TYR B 400 19.62 -2.36 -12.24
C TYR B 400 19.00 -3.25 -11.16
N GLU B 401 17.68 -3.15 -11.01
CA GLU B 401 16.98 -3.83 -9.91
C GLU B 401 17.14 -5.34 -9.97
N ALA B 402 17.00 -5.91 -11.17
CA ALA B 402 17.12 -7.35 -11.33
C ALA B 402 18.51 -7.83 -10.94
N VAL B 403 19.55 -7.23 -11.53
CA VAL B 403 20.92 -7.63 -11.25
C VAL B 403 21.24 -7.61 -9.75
N PHE B 404 20.83 -6.54 -9.08
CA PHE B 404 21.23 -6.39 -7.69
C PHE B 404 20.30 -7.14 -6.74
N ARG B 405 19.10 -7.48 -7.18
CA ARG B 405 18.32 -8.48 -6.45
C ARG B 405 19.13 -9.77 -6.44
N CYS B 406 19.55 -10.19 -7.63
CA CYS B 406 20.33 -11.41 -7.81
C CYS B 406 21.61 -11.43 -6.97
N VAL B 407 22.40 -10.38 -7.11
CA VAL B 407 23.64 -10.26 -6.34
C VAL B 407 23.36 -10.32 -4.84
N LYS B 408 22.33 -9.60 -4.40
CA LYS B 408 22.05 -9.48 -2.97
C LYS B 408 21.56 -10.76 -2.29
N THR B 409 21.18 -11.77 -3.07
CA THR B 409 20.77 -13.06 -2.49
C THR B 409 22.01 -13.76 -1.98
N GLU B 410 23.16 -13.21 -2.41
CA GLU B 410 24.48 -13.60 -1.94
C GLU B 410 24.98 -14.93 -2.48
N LEU B 411 24.21 -15.57 -3.34
CA LEU B 411 24.62 -16.87 -3.86
C LEU B 411 25.66 -16.74 -4.96
N LEU B 412 25.79 -15.54 -5.51
CA LEU B 412 26.83 -15.26 -6.49
C LEU B 412 28.17 -15.01 -5.81
N PHE B 413 28.18 -14.93 -4.48
CA PHE B 413 29.38 -14.57 -3.74
C PHE B 413 30.48 -15.60 -3.93
N PRO B 414 31.73 -15.14 -4.11
CA PRO B 414 32.91 -15.99 -4.30
C PRO B 414 33.11 -16.96 -3.14
N LEU B 415 33.14 -18.26 -3.45
CA LEU B 415 33.22 -19.31 -2.44
C LEU B 415 34.33 -19.09 -1.41
N ASN B 416 33.99 -19.31 -0.15
CA ASN B 416 34.94 -19.24 0.96
C ASN B 416 35.63 -17.89 1.09
N GLU B 417 34.95 -16.83 0.64
CA GLU B 417 35.35 -15.47 0.97
C GLU B 417 34.44 -14.93 2.06
N PRO B 418 34.96 -14.04 2.93
CA PRO B 418 34.14 -13.52 4.02
C PRO B 418 32.95 -12.69 3.51
N LYS B 419 31.73 -13.13 3.82
CA LYS B 419 30.53 -12.54 3.24
C LYS B 419 30.38 -11.05 3.58
N ALA B 420 30.90 -10.65 4.74
CA ALA B 420 30.81 -9.27 5.17
C ALA B 420 31.61 -8.34 4.27
N LYS B 421 32.84 -8.74 3.97
CA LYS B 421 33.73 -7.96 3.12
C LYS B 421 33.21 -7.93 1.68
N VAL B 422 32.84 -9.09 1.17
CA VAL B 422 32.21 -9.19 -0.15
C VAL B 422 31.00 -8.26 -0.23
N ARG B 423 30.21 -8.24 0.84
CA ARG B 423 29.01 -7.41 0.88
C ARG B 423 29.34 -5.93 0.71
N GLU B 424 30.37 -5.49 1.42
CA GLU B 424 30.77 -4.09 1.40
C GLU B 424 31.26 -3.71 0.03
N GLN B 425 31.96 -4.64 -0.62
CA GLN B 425 32.44 -4.43 -1.99
C GLN B 425 31.26 -4.30 -2.96
N VAL B 426 30.32 -5.23 -2.87
CA VAL B 426 29.10 -5.17 -3.68
C VAL B 426 28.36 -3.86 -3.45
N ASP B 427 28.33 -3.41 -2.20
CA ASP B 427 27.66 -2.17 -1.84
C ASP B 427 28.20 -0.98 -2.62
N GLN B 428 29.52 -0.90 -2.68
CA GLN B 428 30.18 0.22 -3.34
C GLN B 428 30.07 0.09 -4.87
N LEU B 429 29.98 -1.15 -5.33
CA LEU B 429 29.68 -1.41 -6.74
C LEU B 429 28.27 -0.93 -7.04
N GLU B 430 27.35 -1.17 -6.12
CA GLU B 430 25.96 -0.79 -6.31
C GLU B 430 25.78 0.71 -6.37
N ASN B 431 26.42 1.42 -5.45
CA ASN B 431 26.41 2.88 -5.47
C ASN B 431 26.96 3.39 -6.80
N TYR B 432 28.00 2.70 -7.28
CA TYR B 432 28.65 3.04 -8.53
C TYR B 432 27.69 2.87 -9.70
N CYS B 433 27.02 1.72 -9.76
CA CYS B 433 26.07 1.45 -10.82
C CYS B 433 24.95 2.50 -10.85
N ILE B 434 24.47 2.86 -9.67
CA ILE B 434 23.42 3.87 -9.53
C ILE B 434 23.90 5.22 -10.07
N ALA B 435 25.11 5.58 -9.69
CA ALA B 435 25.65 6.89 -10.06
C ALA B 435 25.98 7.00 -11.55
N TYR B 436 26.37 5.89 -12.16
CA TYR B 436 26.81 5.91 -13.56
C TYR B 436 25.79 5.33 -14.51
N GLY B 437 24.65 4.89 -13.98
CA GLY B 437 23.56 4.38 -14.80
C GLY B 437 23.92 3.14 -15.58
N ILE B 438 24.60 2.20 -14.93
CA ILE B 438 25.05 0.98 -15.58
C ILE B 438 23.93 -0.04 -15.74
N LYS B 439 23.74 -0.52 -16.97
CA LYS B 439 22.69 -1.48 -17.28
C LYS B 439 22.94 -2.12 -18.65
N GLY B 440 22.46 -3.35 -18.82
CA GLY B 440 22.54 -4.05 -20.09
C GLY B 440 23.94 -4.33 -20.57
N ASP B 441 24.19 -4.04 -21.85
CA ASP B 441 25.46 -4.33 -22.52
C ASP B 441 26.70 -3.88 -21.76
N ARG B 442 26.58 -2.76 -21.03
CA ARG B 442 27.71 -2.18 -20.31
C ARG B 442 28.32 -3.17 -19.30
N TRP B 443 27.48 -4.06 -18.78
CA TRP B 443 27.96 -5.12 -17.90
C TRP B 443 28.90 -6.07 -18.63
N THR B 444 28.49 -6.49 -19.83
CA THR B 444 29.21 -7.54 -20.55
C THR B 444 30.15 -6.98 -21.61
N LYS B 445 30.26 -5.66 -21.69
CA LYS B 445 31.29 -5.03 -22.50
C LYS B 445 32.67 -5.38 -21.96
N GLY B 446 33.69 -5.31 -22.81
CA GLY B 446 35.05 -5.59 -22.39
C GLY B 446 35.62 -4.49 -21.52
N ASP B 447 35.21 -3.26 -21.81
CA ASP B 447 35.73 -2.07 -21.12
C ASP B 447 35.64 -2.18 -19.60
N ARG B 448 36.73 -1.81 -18.92
CA ARG B 448 36.69 -1.67 -17.47
C ARG B 448 35.73 -0.55 -17.08
N PHE B 449 35.06 -0.73 -15.94
CA PHE B 449 34.34 0.38 -15.32
C PHE B 449 35.36 1.44 -14.89
N GLN B 450 35.23 2.65 -15.42
CA GLN B 450 36.14 3.72 -15.03
C GLN B 450 35.57 4.53 -13.87
N TYR B 451 36.44 4.93 -12.95
CA TYR B 451 36.00 5.63 -11.75
C TYR B 451 36.76 6.91 -11.46
N ARG B 452 36.03 8.02 -11.34
CA ARG B 452 36.59 9.27 -10.85
C ARG B 452 35.77 9.75 -9.65
N ARG B 453 36.45 10.17 -8.60
CA ARG B 453 35.80 10.65 -7.39
C ARG B 453 35.02 11.92 -7.66
N PHE B 454 35.60 12.80 -8.47
CA PHE B 454 34.94 14.03 -8.89
C PHE B 454 35.40 14.44 -10.28
N VAL B 455 34.45 14.81 -11.13
CA VAL B 455 34.77 15.33 -12.44
C VAL B 455 34.33 16.79 -12.55
N SER B 456 35.26 17.66 -12.95
CA SER B 456 34.95 19.06 -13.13
C SER B 456 35.03 19.46 -14.61
N LEU B 457 34.09 20.29 -15.04
CA LEU B 457 34.03 20.72 -16.44
C LEU B 457 35.18 21.63 -16.82
N ASP B 458 35.39 22.66 -16.00
CA ASP B 458 36.41 23.67 -16.27
C ASP B 458 37.82 23.09 -16.31
N ASP B 459 38.15 22.27 -15.32
CA ASP B 459 39.49 21.73 -15.20
C ASP B 459 39.51 20.21 -15.37
N ASP B 460 40.44 19.74 -16.20
CA ASP B 460 40.57 18.31 -16.52
C ASP B 460 41.69 17.68 -15.69
N PHE B 461 41.39 16.57 -15.02
CA PHE B 461 42.32 16.01 -14.06
C PHE B 461 42.79 14.59 -14.36
N ALA B 462 44.03 14.30 -13.96
CA ALA B 462 44.57 12.95 -14.03
C ALA B 462 44.12 12.13 -12.83
N GLN B 463 43.95 10.82 -13.04
CA GLN B 463 43.36 9.95 -12.05
C GLN B 463 44.25 9.77 -10.82
N THR B 464 43.72 10.11 -9.65
CA THR B 464 44.46 9.94 -8.40
C THR B 464 44.69 8.47 -8.09
N ASP B 465 45.47 8.21 -7.04
CA ASP B 465 45.84 6.83 -6.72
C ASP B 465 44.73 6.13 -5.97
N GLN B 466 44.02 6.87 -5.12
CA GLN B 466 42.85 6.32 -4.43
C GLN B 466 41.81 5.88 -5.45
N GLU B 467 41.60 6.71 -6.46
CA GLU B 467 40.67 6.41 -7.54
C GLU B 467 41.04 5.12 -8.28
N ILE B 468 42.35 4.89 -8.42
CA ILE B 468 42.84 3.68 -9.08
C ILE B 468 42.53 2.47 -8.23
N GLU B 469 42.76 2.61 -6.93
CA GLU B 469 42.48 1.55 -5.95
C GLU B 469 41.00 1.18 -5.99
N MET B 470 40.16 2.20 -6.00
CA MET B 470 38.71 2.01 -6.06
C MET B 470 38.29 1.32 -7.36
N GLU B 471 38.79 1.84 -8.48
CA GLU B 471 38.47 1.31 -9.80
C GLU B 471 38.81 -0.17 -9.86
N ASN B 472 39.95 -0.52 -9.27
CA ASN B 472 40.37 -1.92 -9.22
C ASN B 472 39.38 -2.79 -8.45
N MET B 473 38.91 -2.27 -7.32
CA MET B 473 37.98 -3.00 -6.46
C MET B 473 36.66 -3.18 -7.18
N LEU B 474 36.15 -2.09 -7.76
CA LEU B 474 34.89 -2.15 -8.50
C LEU B 474 34.92 -3.19 -9.60
N ASN B 475 35.96 -3.16 -10.42
CA ASN B 475 36.09 -4.09 -11.54
C ASN B 475 36.36 -5.53 -11.10
N ASP B 476 37.02 -5.68 -9.97
CA ASP B 476 37.28 -7.01 -9.43
C ASP B 476 35.98 -7.66 -8.97
N THR B 477 35.10 -6.84 -8.40
CA THR B 477 33.80 -7.31 -7.94
C THR B 477 32.93 -7.68 -9.13
N ARG B 478 32.94 -6.81 -10.13
CA ARG B 478 32.21 -7.04 -11.37
C ARG B 478 32.63 -8.36 -12.03
N ASP B 479 33.93 -8.63 -12.00
CA ASP B 479 34.49 -9.79 -12.69
C ASP B 479 34.10 -11.12 -12.08
N TRP B 480 33.59 -11.13 -10.86
CA TRP B 480 33.04 -12.37 -10.31
C TRP B 480 31.53 -12.39 -10.35
N ILE B 481 30.92 -11.23 -10.62
CA ILE B 481 29.47 -11.16 -10.77
C ILE B 481 29.05 -11.62 -12.17
N VAL B 482 29.69 -11.05 -13.18
CA VAL B 482 29.23 -11.19 -14.57
C VAL B 482 29.29 -12.61 -15.19
N PRO B 483 30.43 -13.32 -15.10
CA PRO B 483 30.51 -14.61 -15.81
C PRO B 483 29.37 -15.62 -15.57
N PRO B 484 29.01 -15.94 -14.32
CA PRO B 484 28.00 -16.99 -14.14
C PRO B 484 26.65 -16.57 -14.75
N LEU B 485 26.38 -15.27 -14.63
CA LEU B 485 25.17 -14.68 -15.18
C LEU B 485 25.25 -14.58 -16.70
N PHE B 486 26.42 -14.18 -17.19
CA PHE B 486 26.65 -14.06 -18.63
C PHE B 486 26.58 -15.43 -19.30
N GLN B 487 27.23 -16.42 -18.70
CA GLN B 487 27.23 -17.77 -19.26
C GLN B 487 25.81 -18.33 -19.30
N LEU B 488 25.04 -18.06 -18.24
CA LEU B 488 23.65 -18.49 -18.18
C LEU B 488 22.85 -17.88 -19.34
N GLN B 489 23.06 -16.59 -19.59
CA GLN B 489 22.38 -15.91 -20.67
C GLN B 489 22.72 -16.52 -22.03
N LYS B 490 24.00 -16.85 -22.21
CA LYS B 490 24.48 -17.43 -23.47
C LYS B 490 23.88 -18.82 -23.68
N ARG B 491 24.04 -19.68 -22.69
CA ARG B 491 23.45 -21.02 -22.71
C ARG B 491 21.95 -20.96 -23.00
N MET B 492 21.29 -19.94 -22.46
CA MET B 492 19.84 -19.84 -22.49
C MET B 492 19.33 -19.46 -23.88
N LYS B 493 19.98 -18.49 -24.52
CA LYS B 493 19.63 -18.13 -25.91
C LYS B 493 19.75 -19.34 -26.82
N LYS B 494 20.76 -20.16 -26.55
CA LYS B 494 21.08 -21.30 -27.39
C LYS B 494 20.14 -22.48 -27.14
N ALA B 495 19.59 -22.55 -25.93
CA ALA B 495 18.70 -23.65 -25.54
C ALA B 495 17.29 -23.44 -26.09
N LYS B 496 16.79 -24.43 -26.82
CA LYS B 496 15.49 -24.31 -27.48
C LYS B 496 14.39 -25.07 -26.75
N THR B 497 14.72 -26.23 -26.19
CA THR B 497 13.71 -27.06 -25.52
C THR B 497 13.74 -26.88 -24.01
N VAL B 498 12.63 -27.25 -23.37
CA VAL B 498 12.49 -27.14 -21.92
C VAL B 498 13.64 -27.80 -21.17
N GLN B 499 14.06 -28.97 -21.64
CA GLN B 499 15.11 -29.72 -20.96
C GLN B 499 16.46 -29.03 -21.03
N GLU B 500 16.79 -28.44 -22.18
CA GLU B 500 18.11 -27.82 -22.31
C GLU B 500 18.14 -26.45 -21.63
N LYS B 501 16.97 -25.85 -21.43
CA LYS B 501 16.90 -24.64 -20.63
C LYS B 501 16.98 -24.98 -19.15
N ALA B 502 16.31 -26.07 -18.76
CA ALA B 502 16.38 -26.56 -17.39
C ALA B 502 17.80 -26.97 -17.04
N GLU B 503 18.48 -27.56 -18.02
CA GLU B 503 19.86 -27.99 -17.85
C GLU B 503 20.79 -26.77 -17.78
N ALA B 504 20.47 -25.76 -18.57
CA ALA B 504 21.22 -24.51 -18.55
C ALA B 504 21.14 -23.91 -17.14
N LEU B 505 19.92 -23.84 -16.63
CA LEU B 505 19.67 -23.28 -15.31
C LEU B 505 20.32 -24.09 -14.21
N TYR B 506 20.16 -25.41 -14.24
CA TYR B 506 20.75 -26.24 -13.19
C TYR B 506 22.27 -26.12 -13.20
N ARG B 507 22.85 -26.08 -14.40
CA ARG B 507 24.28 -25.91 -14.55
C ARG B 507 24.70 -24.58 -13.94
N TYR B 508 23.86 -23.57 -14.11
CA TYR B 508 24.10 -22.26 -13.51
C TYR B 508 24.20 -22.36 -12.00
N LEU B 509 23.33 -23.18 -11.41
CA LEU B 509 23.32 -23.39 -9.98
C LEU B 509 24.56 -24.17 -9.55
N GLU B 510 24.91 -25.18 -10.33
CA GLU B 510 26.06 -26.02 -10.02
C GLU B 510 27.38 -25.25 -10.06
N GLU B 511 27.53 -24.40 -11.07
CA GLU B 511 28.79 -23.68 -11.29
C GLU B 511 29.04 -22.61 -10.23
N THR B 512 27.96 -22.03 -9.69
CA THR B 512 28.09 -21.04 -8.64
C THR B 512 28.20 -21.71 -7.28
N ASP B 513 28.37 -23.03 -7.28
CA ASP B 513 28.49 -23.81 -6.05
C ASP B 513 27.35 -23.54 -5.07
N VAL B 514 26.12 -23.54 -5.58
CA VAL B 514 24.95 -23.27 -4.74
C VAL B 514 24.69 -24.31 -3.65
N PRO B 515 24.76 -25.61 -3.98
CA PRO B 515 24.54 -26.58 -2.90
C PRO B 515 25.52 -26.44 -1.74
N LEU B 516 26.79 -26.15 -2.05
CA LEU B 516 27.81 -26.02 -1.01
C LEU B 516 27.53 -24.80 -0.15
N LYS B 517 27.17 -23.69 -0.79
CA LYS B 517 26.88 -22.47 -0.06
C LYS B 517 25.68 -22.64 0.85
N LEU B 518 24.65 -23.32 0.34
CA LEU B 518 23.45 -23.60 1.12
C LEU B 518 23.75 -24.53 2.30
N ASP B 519 24.65 -25.48 2.07
CA ASP B 519 25.01 -26.43 3.13
C ASP B 519 25.81 -25.73 4.21
N GLN B 520 26.71 -24.83 3.80
CA GLN B 520 27.41 -23.96 4.76
C GLN B 520 26.40 -23.22 5.62
N GLU B 521 25.37 -22.69 4.96
CA GLU B 521 24.30 -21.98 5.64
C GLU B 521 23.59 -22.86 6.66
N ARG B 522 23.31 -24.09 6.26
CA ARG B 522 22.70 -25.05 7.17
C ARG B 522 23.50 -25.19 8.46
N GLN B 523 24.81 -25.38 8.30
CA GLN B 523 25.70 -25.57 9.45
C GLN B 523 25.79 -24.33 10.33
N ARG B 524 25.97 -23.17 9.69
CA ARG B 524 26.03 -21.91 10.41
C ARG B 524 24.79 -21.75 11.29
N ALA B 525 23.63 -22.02 10.71
CA ALA B 525 22.35 -21.94 11.44
C ALA B 525 22.27 -22.94 12.58
N GLU B 526 22.65 -24.19 12.31
CA GLU B 526 22.64 -25.24 13.33
C GLU B 526 23.51 -24.87 14.51
N ASP B 527 24.70 -24.34 14.23
CA ASP B 527 25.59 -23.87 15.28
C ASP B 527 24.89 -22.82 16.15
N ASP B 528 24.10 -21.97 15.52
CA ASP B 528 23.37 -20.93 16.23
C ASP B 528 22.13 -21.51 16.89
N GLY B 529 21.87 -22.78 16.61
CA GLY B 529 20.75 -23.49 17.22
C GLY B 529 19.46 -23.46 16.42
N ARG B 530 19.42 -22.62 15.38
CA ARG B 530 18.27 -22.53 14.51
C ARG B 530 18.08 -23.80 13.67
N ILE B 531 17.58 -24.86 14.29
CA ILE B 531 17.47 -26.16 13.63
C ILE B 531 16.50 -26.13 12.45
N ILE B 532 15.35 -25.48 12.65
CA ILE B 532 14.30 -25.45 11.64
C ILE B 532 14.72 -24.62 10.44
N GLU B 533 15.22 -23.41 10.69
CA GLU B 533 15.70 -22.53 9.64
C GLU B 533 16.84 -23.15 8.85
N ALA B 534 17.61 -24.01 9.51
CA ALA B 534 18.69 -24.73 8.85
C ALA B 534 18.11 -25.85 7.99
N GLN B 535 17.09 -26.52 8.51
CA GLN B 535 16.48 -27.66 7.82
C GLN B 535 15.85 -27.24 6.50
N GLN B 536 15.48 -25.96 6.38
CA GLN B 536 14.67 -25.52 5.25
C GLN B 536 15.49 -25.25 4.01
N HIS B 537 16.81 -25.14 4.17
CA HIS B 537 17.68 -24.94 3.02
C HIS B 537 17.63 -26.13 2.08
N GLN B 538 17.82 -27.33 2.62
CA GLN B 538 17.75 -28.56 1.83
C GLN B 538 16.37 -28.71 1.19
N GLN B 539 15.36 -28.24 1.90
CA GLN B 539 13.98 -28.28 1.39
C GLN B 539 13.88 -27.42 0.14
N ALA B 540 14.47 -26.23 0.19
CA ALA B 540 14.48 -25.32 -0.94
C ALA B 540 15.13 -25.99 -2.16
N TRP B 541 16.28 -26.63 -1.93
CA TRP B 541 17.01 -27.28 -3.01
C TRP B 541 16.21 -28.42 -3.62
N ASP B 542 15.75 -29.33 -2.77
CA ASP B 542 14.96 -30.48 -3.23
C ASP B 542 13.72 -30.02 -3.96
N ALA B 543 13.11 -28.93 -3.51
CA ALA B 543 11.93 -28.38 -4.15
C ALA B 543 12.22 -27.92 -5.57
N VAL B 544 13.29 -27.15 -5.71
CA VAL B 544 13.71 -26.65 -7.02
C VAL B 544 14.03 -27.78 -7.97
N ILE B 545 14.80 -28.76 -7.50
CA ILE B 545 15.18 -29.90 -8.33
C ILE B 545 13.96 -30.66 -8.82
N GLN B 546 12.98 -30.85 -7.92
CA GLN B 546 11.76 -31.55 -8.27
C GLN B 546 10.97 -30.76 -9.31
N LEU B 547 10.95 -29.45 -9.15
CA LEU B 547 10.27 -28.56 -10.09
C LEU B 547 10.81 -28.77 -11.49
N LEU B 548 12.13 -28.64 -11.61
CA LEU B 548 12.83 -28.85 -12.89
C LEU B 548 12.57 -30.26 -13.43
N GLU B 549 12.71 -31.26 -12.57
CA GLU B 549 12.49 -32.65 -12.96
C GLU B 549 11.13 -32.85 -13.61
N GLU B 550 10.08 -32.40 -12.93
CA GLU B 550 8.71 -32.48 -13.46
C GLU B 550 8.58 -31.75 -14.79
N PHE B 551 9.13 -30.54 -14.86
CA PHE B 551 9.03 -29.72 -16.05
C PHE B 551 9.56 -30.46 -17.27
N VAL B 552 10.73 -31.08 -17.14
CA VAL B 552 11.28 -31.85 -18.24
C VAL B 552 10.56 -33.18 -18.40
N GLU B 553 9.82 -33.60 -17.38
CA GLU B 553 9.08 -34.84 -17.49
C GLU B 553 7.84 -34.68 -18.36
N MET B 554 7.20 -33.52 -18.27
CA MET B 554 5.97 -33.28 -19.02
C MET B 554 6.20 -32.56 -20.34
N MET B 555 7.22 -31.70 -20.39
CA MET B 555 7.48 -30.89 -21.57
C MET B 555 8.94 -30.90 -22.01
N GLY B 556 9.71 -31.90 -21.59
CA GLY B 556 11.14 -31.94 -21.81
C GLY B 556 11.64 -31.70 -23.22
N ASP B 557 10.92 -32.24 -24.20
CA ASP B 557 11.37 -32.16 -25.59
C ASP B 557 10.71 -31.01 -26.35
N ASP B 558 9.62 -30.48 -25.82
CA ASP B 558 8.94 -29.34 -26.42
C ASP B 558 9.84 -28.11 -26.44
N GLU B 559 9.90 -27.43 -27.59
CA GLU B 559 10.56 -26.14 -27.66
C GLU B 559 9.64 -25.06 -27.10
N ILE B 560 10.14 -24.27 -26.16
CA ILE B 560 9.37 -23.11 -25.70
C ILE B 560 10.25 -21.87 -25.58
N SER B 561 9.60 -20.71 -25.59
CA SER B 561 10.29 -19.44 -25.44
C SER B 561 10.76 -19.18 -24.01
N LEU B 562 11.73 -18.28 -23.86
CA LEU B 562 12.26 -17.96 -22.54
C LEU B 562 11.19 -17.37 -21.65
N ASP B 563 10.26 -16.63 -22.27
CA ASP B 563 9.18 -15.99 -21.53
C ASP B 563 8.23 -17.03 -20.94
N LEU B 564 7.87 -18.02 -21.74
CA LEU B 564 6.99 -19.08 -21.26
C LEU B 564 7.71 -19.90 -20.18
N PHE B 565 9.01 -20.15 -20.39
CA PHE B 565 9.80 -20.88 -19.41
C PHE B 565 9.85 -20.16 -18.07
N GLN B 566 10.24 -18.89 -18.09
CA GLN B 566 10.30 -18.10 -16.87
C GLN B 566 8.94 -18.04 -16.19
N GLN B 567 7.90 -17.88 -17.00
CA GLN B 567 6.53 -17.82 -16.52
C GLN B 567 6.17 -19.09 -15.73
N MET B 568 6.50 -20.25 -16.30
CA MET B 568 6.19 -21.52 -15.67
C MET B 568 7.02 -21.76 -14.42
N ILE B 569 8.30 -21.44 -14.50
CA ILE B 569 9.21 -21.56 -13.36
C ILE B 569 8.71 -20.70 -12.21
N GLU B 570 8.25 -19.49 -12.54
CA GLU B 570 7.74 -18.55 -11.55
C GLU B 570 6.43 -19.07 -10.95
N ALA B 571 5.56 -19.61 -11.78
CA ALA B 571 4.30 -20.18 -11.34
C ALA B 571 4.57 -21.33 -10.38
N GLY B 572 5.60 -22.11 -10.67
CA GLY B 572 5.99 -23.22 -9.83
C GLY B 572 6.51 -22.77 -8.48
N ALA B 573 7.42 -21.81 -8.50
CA ALA B 573 8.05 -21.31 -7.28
C ALA B 573 7.04 -20.60 -6.36
N GLU B 574 5.97 -20.08 -6.94
CA GLU B 574 4.95 -19.39 -6.17
C GLU B 574 4.19 -20.38 -5.29
N SER B 575 4.09 -21.62 -5.76
CA SER B 575 3.34 -22.64 -5.04
C SER B 575 4.17 -23.38 -4.01
N LEU B 576 5.50 -23.30 -4.14
CA LEU B 576 6.42 -24.00 -3.24
C LEU B 576 6.16 -23.69 -1.76
N THR B 577 6.16 -24.73 -0.93
CA THR B 577 6.01 -24.55 0.51
C THR B 577 6.96 -25.46 1.29
N PHE B 578 7.49 -24.96 2.39
CA PHE B 578 8.27 -25.79 3.30
C PHE B 578 7.36 -26.82 3.96
N SER B 579 7.95 -27.90 4.46
CA SER B 579 7.19 -28.91 5.18
C SER B 579 6.64 -28.32 6.47
N LEU B 580 5.66 -29.01 7.07
CA LEU B 580 5.13 -28.59 8.36
C LEU B 580 6.13 -28.86 9.47
N ILE B 581 6.37 -27.85 10.31
CA ILE B 581 7.17 -28.05 11.52
C ILE B 581 6.49 -29.09 12.40
N PRO B 582 7.20 -30.18 12.73
CA PRO B 582 6.60 -31.24 13.54
C PRO B 582 6.18 -30.74 14.93
N PRO B 583 5.02 -31.19 15.43
CA PRO B 583 4.48 -30.80 16.72
C PRO B 583 5.42 -31.15 17.88
N ALA B 584 5.41 -30.33 18.92
CA ALA B 584 6.18 -30.60 20.12
C ALA B 584 5.28 -31.19 21.21
N LEU B 585 5.82 -31.35 22.41
CA LEU B 585 5.09 -31.99 23.49
C LEU B 585 4.12 -31.05 24.21
N ASP B 586 4.38 -29.75 24.12
CA ASP B 586 3.53 -28.78 24.78
C ASP B 586 3.45 -27.46 24.01
N GLN B 587 2.47 -27.37 23.10
CA GLN B 587 2.27 -26.20 22.27
C GLN B 587 0.84 -25.70 22.25
N VAL B 588 0.68 -24.39 22.21
CA VAL B 588 -0.61 -23.82 21.86
C VAL B 588 -0.90 -24.18 20.40
N PHE B 589 -2.12 -24.61 20.12
CA PHE B 589 -2.50 -24.98 18.76
C PHE B 589 -3.18 -23.82 18.03
N VAL B 590 -2.55 -23.33 16.97
CA VAL B 590 -3.17 -22.27 16.17
C VAL B 590 -3.50 -22.78 14.78
N GLY B 591 -4.78 -22.76 14.43
CA GLY B 591 -5.24 -23.35 13.18
C GLY B 591 -6.50 -22.72 12.60
N ASN B 592 -7.26 -23.47 11.82
CA ASN B 592 -8.44 -22.94 11.13
C ASN B 592 -9.76 -23.63 11.51
N MET B 593 -10.80 -23.34 10.74
CA MET B 593 -12.15 -23.81 11.06
C MET B 593 -12.74 -24.78 10.03
N ASP B 594 -12.13 -24.86 8.86
CA ASP B 594 -12.63 -25.78 7.83
C ASP B 594 -11.97 -27.15 7.91
N LEU B 595 -10.64 -27.18 8.09
CA LEU B 595 -9.91 -28.43 7.97
C LEU B 595 -9.29 -28.94 9.28
N SER B 596 -8.99 -28.03 10.19
CA SER B 596 -8.35 -28.40 11.45
C SER B 596 -9.19 -29.40 12.25
N ARG B 597 -8.51 -30.38 12.85
CA ARG B 597 -9.15 -31.32 13.77
C ARG B 597 -8.37 -31.34 15.09
N MET B 598 -9.09 -31.36 16.21
CA MET B 598 -8.43 -31.44 17.51
C MET B 598 -9.08 -32.49 18.40
N TYR B 599 -8.51 -32.67 19.59
CA TYR B 599 -9.04 -33.59 20.57
C TYR B 599 -8.68 -33.10 21.97
N GLY B 600 -9.57 -33.32 22.92
CA GLY B 600 -9.32 -33.01 24.31
C GLY B 600 -8.99 -31.55 24.59
N THR B 601 -9.47 -30.65 23.75
CA THR B 601 -9.21 -29.24 23.92
C THR B 601 -9.91 -28.70 25.16
N SER B 602 -9.18 -27.95 25.98
CA SER B 602 -9.74 -27.39 27.21
C SER B 602 -10.23 -25.96 26.97
N CYS B 603 -9.46 -25.20 26.21
CA CYS B 603 -9.81 -23.81 25.92
C CYS B 603 -9.67 -23.48 24.44
N THR B 604 -10.63 -22.71 23.92
CA THR B 604 -10.62 -22.35 22.51
C THR B 604 -10.88 -20.85 22.30
N PHE B 605 -9.97 -20.20 21.58
CA PHE B 605 -10.19 -18.83 21.14
C PHE B 605 -10.60 -18.84 19.68
N VAL B 606 -11.81 -18.35 19.39
CA VAL B 606 -12.21 -18.16 18.00
C VAL B 606 -11.94 -16.70 17.65
N LEU B 607 -11.23 -16.48 16.55
CA LEU B 607 -10.74 -15.15 16.20
C LEU B 607 -11.50 -14.52 15.04
N GLY B 608 -11.35 -13.20 14.92
CA GLY B 608 -11.89 -12.44 13.80
C GLY B 608 -13.33 -12.76 13.48
N ALA B 609 -14.19 -12.74 14.49
CA ALA B 609 -15.61 -12.95 14.28
C ALA B 609 -16.24 -11.70 13.67
N ASN B 610 -15.84 -11.38 12.45
CA ASN B 610 -16.32 -10.17 11.78
C ASN B 610 -17.35 -10.46 10.71
N ASP B 611 -18.12 -9.44 10.37
CA ASP B 611 -19.11 -9.54 9.30
C ASP B 611 -18.39 -9.69 7.97
N GLY B 612 -18.84 -10.64 7.16
CA GLY B 612 -18.21 -10.94 5.89
C GLY B 612 -17.11 -11.97 6.06
N VAL B 613 -16.67 -12.15 7.30
CA VAL B 613 -15.61 -13.10 7.61
C VAL B 613 -16.17 -14.39 8.18
N LEU B 614 -17.06 -14.26 9.16
CA LEU B 614 -17.64 -15.39 9.85
C LEU B 614 -19.15 -15.17 10.03
N PRO B 615 -19.98 -15.84 9.23
CA PRO B 615 -19.66 -16.87 8.24
C PRO B 615 -18.91 -16.31 7.03
N ALA B 616 -18.29 -17.19 6.26
CA ALA B 616 -17.45 -16.75 5.16
C ALA B 616 -18.24 -16.61 3.87
N ARG B 617 -18.10 -15.46 3.23
CA ARG B 617 -18.57 -15.30 1.86
C ARG B 617 -17.73 -16.16 0.92
N PRO B 618 -18.35 -17.19 0.34
CA PRO B 618 -17.61 -18.07 -0.57
C PRO B 618 -17.38 -17.39 -1.92
N ASP B 619 -16.28 -17.71 -2.58
CA ASP B 619 -16.08 -17.17 -3.91
C ASP B 619 -16.44 -18.23 -4.93
N GLU B 620 -17.49 -17.94 -5.69
CA GLU B 620 -18.05 -18.84 -6.68
C GLU B 620 -17.05 -19.19 -7.79
N ASN B 621 -16.23 -18.21 -8.12
CA ASN B 621 -15.45 -18.20 -9.35
C ASN B 621 -14.58 -19.44 -9.57
N GLY B 622 -15.01 -20.25 -10.53
CA GLY B 622 -14.22 -21.36 -11.05
C GLY B 622 -14.63 -21.51 -12.50
N VAL B 623 -14.31 -22.64 -13.11
CA VAL B 623 -14.80 -22.91 -14.46
C VAL B 623 -16.33 -23.01 -14.46
N LEU B 624 -16.88 -23.62 -13.41
CA LEU B 624 -18.31 -23.84 -13.32
C LEU B 624 -18.95 -22.92 -12.29
N SER B 625 -19.94 -22.16 -12.72
CA SER B 625 -20.65 -21.22 -11.87
C SER B 625 -21.59 -21.93 -10.89
N ASP B 626 -22.10 -21.19 -9.91
CA ASP B 626 -23.07 -21.73 -8.97
C ASP B 626 -24.34 -22.19 -9.69
N ASP B 627 -24.78 -21.37 -10.64
CA ASP B 627 -25.95 -21.70 -11.45
C ASP B 627 -25.64 -22.83 -12.41
N ASP B 628 -24.39 -22.88 -12.89
CA ASP B 628 -23.92 -24.01 -13.70
C ASP B 628 -24.02 -25.30 -12.91
N ARG B 629 -23.51 -25.28 -11.69
CA ARG B 629 -23.52 -26.45 -10.81
C ARG B 629 -24.94 -26.84 -10.43
N GLU B 630 -25.73 -25.85 -10.04
CA GLU B 630 -27.11 -26.10 -9.62
C GLU B 630 -27.93 -26.74 -10.74
N TRP B 631 -27.72 -26.29 -11.98
CA TRP B 631 -28.42 -26.89 -13.10
C TRP B 631 -27.87 -28.27 -13.40
N LEU B 632 -26.55 -28.42 -13.24
CA LEU B 632 -25.91 -29.71 -13.48
C LEU B 632 -26.45 -30.77 -12.53
N LYS B 633 -26.97 -30.33 -11.39
CA LYS B 633 -27.57 -31.24 -10.42
C LYS B 633 -28.88 -31.78 -10.94
N THR B 634 -29.69 -30.89 -11.54
CA THR B 634 -31.02 -31.29 -12.01
C THR B 634 -30.97 -32.29 -13.15
N ILE B 635 -29.90 -32.26 -13.94
CA ILE B 635 -29.77 -33.22 -15.03
C ILE B 635 -29.09 -34.49 -14.53
N GLY B 636 -28.79 -34.50 -13.23
CA GLY B 636 -28.36 -35.74 -12.58
C GLY B 636 -26.88 -35.93 -12.38
N VAL B 637 -26.10 -34.87 -12.55
CA VAL B 637 -24.67 -34.94 -12.30
C VAL B 637 -24.32 -34.20 -11.02
N GLU B 638 -23.59 -34.88 -10.13
CA GLU B 638 -23.24 -34.32 -8.84
C GLU B 638 -21.77 -33.91 -8.76
N LEU B 639 -21.53 -32.65 -8.40
CA LEU B 639 -20.18 -32.15 -8.23
C LEU B 639 -19.99 -31.63 -6.81
N SER B 640 -18.92 -30.87 -6.60
CA SER B 640 -18.66 -30.29 -5.29
C SER B 640 -19.71 -29.25 -4.92
N SER B 641 -19.79 -28.91 -3.64
CA SER B 641 -20.73 -27.92 -3.16
C SER B 641 -20.47 -26.55 -3.79
N GLY B 642 -21.52 -25.97 -4.38
CA GLY B 642 -21.44 -24.60 -4.84
C GLY B 642 -21.50 -23.68 -3.64
N GLY B 643 -21.16 -22.41 -3.85
CA GLY B 643 -21.08 -21.44 -2.77
C GLY B 643 -22.33 -21.33 -1.92
N ARG B 644 -23.49 -21.47 -2.55
CA ARG B 644 -24.79 -21.39 -1.88
C ARG B 644 -24.85 -22.31 -0.66
N GLU B 645 -24.49 -23.57 -0.88
CA GLU B 645 -24.51 -24.58 0.16
C GLU B 645 -23.48 -24.29 1.24
N ARG B 646 -22.25 -24.02 0.82
CA ARG B 646 -21.15 -23.75 1.73
C ARG B 646 -21.47 -22.66 2.73
N LEU B 647 -22.10 -21.59 2.23
CA LEU B 647 -22.52 -20.48 3.08
C LEU B 647 -23.44 -20.95 4.21
N LEU B 648 -24.22 -22.00 3.93
CA LEU B 648 -25.10 -22.58 4.94
C LEU B 648 -24.33 -23.50 5.88
N ASP B 649 -23.33 -24.20 5.34
CA ASP B 649 -22.54 -25.13 6.14
C ASP B 649 -21.65 -24.39 7.12
N GLU B 650 -21.56 -23.08 6.94
CA GLU B 650 -20.81 -22.21 7.82
C GLU B 650 -21.36 -22.29 9.24
N HIS B 651 -22.65 -22.53 9.35
CA HIS B 651 -23.31 -22.69 10.64
C HIS B 651 -22.80 -23.92 11.37
N PHE B 652 -22.62 -25.02 10.64
CA PHE B 652 -22.09 -26.25 11.22
C PHE B 652 -20.63 -26.08 11.63
N LEU B 653 -19.87 -25.36 10.80
CA LEU B 653 -18.47 -25.06 11.09
C LEU B 653 -18.36 -24.30 12.40
N ILE B 654 -19.11 -23.21 12.50
CA ILE B 654 -19.14 -22.38 13.70
C ILE B 654 -19.62 -23.19 14.91
N TYR B 655 -20.54 -24.12 14.66
CA TYR B 655 -21.06 -25.00 15.72
C TYR B 655 -19.96 -25.91 16.28
N MET B 656 -19.17 -26.49 15.38
CA MET B 656 -18.08 -27.38 15.78
C MET B 656 -16.99 -26.60 16.48
N ALA B 657 -16.78 -25.36 16.03
CA ALA B 657 -15.76 -24.49 16.61
C ALA B 657 -16.13 -24.07 18.02
N PHE B 658 -17.43 -23.82 18.23
CA PHE B 658 -17.91 -23.33 19.51
C PHE B 658 -17.99 -24.44 20.56
N SER B 659 -18.37 -25.63 20.12
CA SER B 659 -18.49 -26.76 21.04
C SER B 659 -17.24 -27.61 21.12
N SER B 660 -16.13 -27.09 20.62
CA SER B 660 -14.87 -27.83 20.63
C SER B 660 -14.20 -27.87 22.02
N PRO B 661 -14.21 -26.75 22.77
CA PRO B 661 -13.55 -26.90 24.06
C PRO B 661 -14.43 -27.55 25.14
N SER B 662 -13.81 -27.96 26.24
CA SER B 662 -14.52 -28.58 27.34
C SER B 662 -14.71 -27.59 28.48
N ASP B 663 -13.74 -26.71 28.66
CA ASP B 663 -13.75 -25.80 29.80
C ASP B 663 -14.18 -24.40 29.41
N ARG B 664 -13.44 -23.76 28.52
CA ARG B 664 -13.68 -22.33 28.22
C ARG B 664 -13.68 -22.02 26.72
N LEU B 665 -14.50 -21.05 26.33
CA LEU B 665 -14.57 -20.61 24.94
C LEU B 665 -14.55 -19.09 24.83
N TYR B 666 -13.63 -18.58 24.02
CA TYR B 666 -13.53 -17.15 23.76
C TYR B 666 -13.93 -16.85 22.33
N VAL B 667 -14.71 -15.78 22.14
CA VAL B 667 -15.05 -15.36 20.79
C VAL B 667 -14.69 -13.89 20.62
N SER B 668 -13.61 -13.64 19.90
CA SER B 668 -13.09 -12.30 19.72
C SER B 668 -13.30 -11.75 18.32
N TYR B 669 -13.28 -10.43 18.20
CA TYR B 669 -13.41 -9.75 16.93
C TYR B 669 -12.81 -8.34 17.05
N PRO B 670 -12.03 -7.94 16.05
CA PRO B 670 -11.46 -6.60 15.96
C PRO B 670 -12.44 -5.61 15.34
N ILE B 671 -12.39 -4.36 15.77
CA ILE B 671 -13.30 -3.33 15.24
C ILE B 671 -12.70 -2.56 14.07
N ALA B 672 -11.37 -2.61 13.93
CA ALA B 672 -10.72 -1.79 12.92
C ALA B 672 -9.66 -2.55 12.13
N ASP B 673 -9.30 -1.99 10.98
CA ASP B 673 -8.24 -2.52 10.12
C ASP B 673 -6.85 -2.19 10.66
N ALA B 674 -5.84 -2.60 9.91
CA ALA B 674 -4.49 -2.14 10.15
C ALA B 674 -4.41 -0.67 9.72
N GLU B 675 -5.23 -0.33 8.72
CA GLU B 675 -5.28 1.04 8.20
C GLU B 675 -6.32 1.90 8.91
N GLY B 676 -7.09 1.28 9.80
CA GLY B 676 -8.09 2.00 10.58
C GLY B 676 -9.48 1.91 10.00
N LYS B 677 -9.63 1.12 8.94
CA LYS B 677 -10.93 0.87 8.35
C LYS B 677 -11.81 0.10 9.34
N THR B 678 -13.06 0.52 9.46
CA THR B 678 -13.96 -0.06 10.46
C THR B 678 -14.41 -1.48 10.10
N LEU B 679 -14.23 -2.39 11.05
CA LEU B 679 -14.71 -3.77 10.92
C LEU B 679 -15.94 -3.98 11.79
N LEU B 680 -16.93 -4.68 11.26
CA LEU B 680 -18.17 -4.91 11.99
C LEU B 680 -18.16 -6.25 12.67
N PRO B 681 -18.82 -6.36 13.83
CA PRO B 681 -19.03 -7.63 14.51
C PRO B 681 -20.02 -8.49 13.72
N SER B 682 -19.78 -9.78 13.64
CA SER B 682 -20.65 -10.65 12.86
C SER B 682 -22.00 -10.86 13.56
N MET B 683 -22.92 -11.52 12.87
CA MET B 683 -24.23 -11.84 13.45
C MET B 683 -24.07 -12.74 14.66
N ILE B 684 -22.99 -13.52 14.66
CA ILE B 684 -22.73 -14.50 15.69
C ILE B 684 -22.56 -13.86 17.07
N VAL B 685 -21.97 -12.67 17.08
CA VAL B 685 -21.81 -11.92 18.33
C VAL B 685 -23.16 -11.55 18.91
N LYS B 686 -24.07 -11.12 18.04
CA LYS B 686 -25.42 -10.75 18.47
C LYS B 686 -26.18 -11.97 18.96
N ARG B 687 -26.11 -13.04 18.16
CA ARG B 687 -26.71 -14.32 18.50
C ARG B 687 -26.23 -14.79 19.87
N LEU B 688 -24.93 -14.63 20.13
CA LEU B 688 -24.37 -14.98 21.43
C LEU B 688 -24.87 -14.06 22.53
N GLU B 689 -25.10 -12.80 22.18
CA GLU B 689 -25.66 -11.83 23.12
C GLU B 689 -27.09 -12.21 23.48
N GLU B 690 -27.76 -12.91 22.57
CA GLU B 690 -29.12 -13.37 22.82
C GLU B 690 -29.14 -14.60 23.73
N LEU B 691 -28.24 -15.55 23.47
CA LEU B 691 -28.19 -16.77 24.26
C LEU B 691 -27.58 -16.54 25.64
N PHE B 692 -26.81 -15.47 25.79
CA PHE B 692 -26.18 -15.16 27.07
C PHE B 692 -26.30 -13.67 27.38
N PRO B 693 -27.53 -13.21 27.64
CA PRO B 693 -27.88 -11.78 27.73
C PRO B 693 -27.30 -11.06 28.94
N HIS B 694 -26.74 -11.79 29.90
CA HIS B 694 -26.20 -11.18 31.10
C HIS B 694 -24.67 -11.30 31.13
N HIS B 695 -24.13 -11.86 30.07
CA HIS B 695 -22.68 -11.96 29.93
C HIS B 695 -22.09 -10.62 29.55
N LYS B 696 -20.99 -10.24 30.20
CA LYS B 696 -20.31 -8.99 29.92
C LYS B 696 -19.21 -9.18 28.87
N GLU B 697 -19.15 -8.27 27.90
CA GLU B 697 -18.16 -8.34 26.83
C GLU B 697 -16.84 -7.70 27.26
N ARG B 698 -15.73 -8.41 27.04
CA ARG B 698 -14.43 -7.93 27.48
C ARG B 698 -13.70 -7.18 26.39
N LEU B 699 -12.90 -6.19 26.80
CA LEU B 699 -12.21 -5.32 25.88
C LEU B 699 -10.72 -5.68 25.74
N LEU B 700 -10.26 -5.85 24.50
CA LEU B 700 -8.86 -6.17 24.24
C LEU B 700 -8.13 -5.00 23.60
N THR B 701 -7.31 -4.31 24.37
CA THR B 701 -6.62 -3.11 23.87
C THR B 701 -5.15 -3.08 24.28
N ASN B 702 -4.35 -2.34 23.52
CA ASN B 702 -2.97 -2.09 23.89
C ASN B 702 -2.86 -0.80 24.68
N GLU B 703 -4.00 -0.38 25.20
CA GLU B 703 -4.07 0.74 26.12
C GLU B 703 -4.65 0.24 27.44
N PRO B 704 -3.78 -0.19 28.36
CA PRO B 704 -4.20 -0.82 29.63
C PRO B 704 -5.09 0.10 30.48
N GLU B 705 -4.90 1.41 30.33
CA GLU B 705 -5.69 2.38 31.08
C GLU B 705 -7.20 2.16 30.89
N GLN B 706 -7.56 1.62 29.74
CA GLN B 706 -8.97 1.42 29.40
C GLN B 706 -9.59 0.18 30.05
N VAL B 707 -8.82 -0.57 30.84
CA VAL B 707 -9.38 -1.73 31.52
C VAL B 707 -9.09 -1.67 33.03
N SER B 708 -9.65 -2.63 33.76
CA SER B 708 -9.53 -2.65 35.22
C SER B 708 -8.12 -3.01 35.65
N ASP B 709 -7.77 -2.63 36.88
CA ASP B 709 -6.44 -2.88 37.43
C ASP B 709 -6.09 -4.36 37.42
N GLU B 710 -7.10 -5.20 37.61
CA GLU B 710 -6.91 -6.63 37.60
C GLU B 710 -6.52 -7.11 36.21
N GLU B 711 -7.13 -6.49 35.20
CA GLU B 711 -6.82 -6.80 33.81
C GLU B 711 -5.49 -6.19 33.39
N GLN B 712 -5.18 -5.01 33.91
CA GLN B 712 -3.90 -4.36 33.63
C GLN B 712 -2.76 -5.19 34.21
N LEU B 713 -3.05 -5.89 35.31
CA LEU B 713 -2.07 -6.78 35.93
C LEU B 713 -1.73 -7.94 35.00
N MET B 714 -2.65 -8.29 34.12
CA MET B 714 -2.42 -9.37 33.17
C MET B 714 -1.32 -9.00 32.17
N TYR B 715 -1.05 -7.71 32.04
CA TYR B 715 -0.13 -7.23 31.02
C TYR B 715 1.33 -7.54 31.36
N VAL B 716 1.68 -7.55 32.64
CA VAL B 716 3.06 -7.85 33.03
C VAL B 716 3.33 -9.35 32.97
N VAL B 717 3.64 -9.84 31.78
CA VAL B 717 3.90 -11.26 31.55
C VAL B 717 5.40 -11.60 31.51
N ASN B 718 6.20 -10.65 31.06
CA ASN B 718 7.66 -10.79 31.11
C ASN B 718 8.33 -9.42 31.07
N LYS B 719 9.66 -9.40 31.11
CA LYS B 719 10.40 -8.15 31.27
C LYS B 719 10.27 -7.19 30.09
N SER B 720 10.26 -7.73 28.87
CA SER B 720 10.16 -6.89 27.68
C SER B 720 8.78 -6.28 27.52
N VAL B 721 7.76 -7.13 27.55
CA VAL B 721 6.38 -6.68 27.52
C VAL B 721 6.14 -5.62 28.59
N ALA B 722 6.65 -5.88 29.79
CA ALA B 722 6.50 -4.96 30.91
C ALA B 722 7.17 -3.62 30.67
N GLN B 723 8.41 -3.68 30.19
CA GLN B 723 9.17 -2.48 29.86
C GLN B 723 8.41 -1.66 28.84
N SER B 724 7.94 -2.33 27.78
CA SER B 724 7.25 -1.68 26.68
C SER B 724 5.99 -0.92 27.13
N PHE B 725 5.17 -1.58 27.93
CA PHE B 725 3.94 -0.98 28.41
C PHE B 725 4.21 0.09 29.46
N THR B 726 5.24 -0.12 30.28
CA THR B 726 5.53 0.81 31.37
C THR B 726 5.96 2.19 30.86
N ALA B 727 6.75 2.20 29.80
CA ALA B 727 7.25 3.45 29.23
C ALA B 727 6.10 4.30 28.74
N SER B 728 5.14 3.66 28.09
CA SER B 728 3.99 4.40 27.57
C SER B 728 3.10 4.88 28.70
N GLN B 729 2.95 4.04 29.73
CA GLN B 729 2.17 4.41 30.91
C GLN B 729 2.83 5.60 31.62
N LEU B 730 4.15 5.62 31.61
CA LEU B 730 4.88 6.73 32.20
C LEU B 730 4.59 8.02 31.45
N ARG B 731 4.54 7.93 30.12
CA ARG B 731 4.23 9.09 29.27
C ARG B 731 2.86 9.63 29.63
N LEU B 732 1.87 8.75 29.57
CA LEU B 732 0.50 9.06 29.94
C LEU B 732 0.43 9.73 31.31
N TRP B 733 1.22 9.22 32.25
CA TRP B 733 1.30 9.78 33.59
C TRP B 733 1.80 11.22 33.58
N THR B 734 2.82 11.50 32.76
CA THR B 734 3.38 12.86 32.69
C THR B 734 2.34 13.85 32.15
N ARG B 735 1.36 13.31 31.44
CA ARG B 735 0.29 14.11 30.85
C ARG B 735 -0.85 14.26 31.83
N GLU B 736 -0.51 14.14 33.11
CA GLU B 736 -1.44 14.31 34.22
C GLU B 736 -2.63 13.37 34.11
N TYR B 737 -2.35 12.08 34.09
CA TYR B 737 -3.36 11.03 34.09
C TYR B 737 -2.99 10.00 35.14
N ASP B 738 -3.99 9.45 35.83
CA ASP B 738 -3.72 8.46 36.85
C ASP B 738 -3.52 7.07 36.27
N ILE B 739 -2.28 6.67 36.08
CA ILE B 739 -1.97 5.31 35.65
C ILE B 739 -2.14 4.35 36.83
N SER B 740 -2.41 3.09 36.52
CA SER B 740 -2.67 2.08 37.54
C SER B 740 -1.51 1.87 38.50
N ASP B 741 -1.81 1.28 39.65
CA ASP B 741 -0.78 0.92 40.63
C ASP B 741 0.11 -0.17 40.06
N VAL B 742 -0.47 -0.96 39.15
CA VAL B 742 0.24 -2.07 38.51
C VAL B 742 1.55 -1.61 37.88
N TRP B 743 1.56 -0.36 37.42
CA TRP B 743 2.69 0.16 36.68
C TRP B 743 3.75 0.78 37.58
N TRP B 744 3.33 1.20 38.76
CA TRP B 744 4.30 1.68 39.74
C TRP B 744 4.97 0.49 40.39
N SER B 745 4.20 -0.56 40.64
CA SER B 745 4.74 -1.83 41.10
C SER B 745 5.72 -2.39 40.08
N THR B 746 5.27 -2.43 38.82
CA THR B 746 6.07 -2.94 37.72
C THR B 746 7.37 -2.16 37.55
N TYR B 747 7.25 -0.84 37.48
CA TYR B 747 8.43 0.02 37.36
C TYR B 747 9.43 -0.30 38.46
N ASN B 748 8.92 -0.45 39.68
CA ASN B 748 9.78 -0.70 40.84
C ASN B 748 10.53 -2.02 40.75
N VAL B 749 9.84 -3.09 40.37
CA VAL B 749 10.50 -4.38 40.19
C VAL B 749 11.55 -4.27 39.08
N LEU B 750 11.21 -3.56 38.00
CA LEU B 750 12.14 -3.35 36.90
C LEU B 750 13.41 -2.60 37.34
N MET B 751 13.25 -1.71 38.31
CA MET B 751 14.38 -0.94 38.82
C MET B 751 15.17 -1.74 39.86
N SER B 752 14.51 -2.74 40.44
CA SER B 752 15.17 -3.61 41.41
C SER B 752 16.04 -4.63 40.67
N GLU B 753 15.59 -5.05 39.49
CA GLU B 753 16.20 -6.17 38.78
C GLU B 753 17.64 -5.91 38.35
N GLN B 754 18.27 -6.96 37.83
CA GLN B 754 19.71 -6.99 37.60
C GLN B 754 20.22 -5.91 36.64
N ASP B 755 19.65 -5.84 35.45
CA ASP B 755 20.08 -4.83 34.48
C ASP B 755 19.05 -3.74 34.30
N ARG B 756 18.88 -2.94 35.36
CA ARG B 756 17.99 -1.79 35.38
C ARG B 756 18.45 -0.67 34.46
N LEU B 757 19.72 -0.72 34.05
CA LEU B 757 20.30 0.31 33.20
C LEU B 757 19.61 0.33 31.85
N GLN B 758 19.27 -0.86 31.35
CA GLN B 758 18.55 -0.99 30.09
C GLN B 758 17.16 -0.38 30.19
N SER B 759 16.43 -0.75 31.25
CA SER B 759 15.10 -0.22 31.49
C SER B 759 15.17 1.30 31.66
N LYS B 760 16.20 1.76 32.35
CA LYS B 760 16.43 3.19 32.52
C LYS B 760 16.59 3.91 31.18
N LYS B 761 17.43 3.35 30.32
CA LYS B 761 17.64 3.88 28.98
C LYS B 761 16.32 4.00 28.23
N LEU B 762 15.52 2.93 28.29
CA LEU B 762 14.20 2.92 27.67
C LEU B 762 13.34 4.04 28.21
N PHE B 763 13.37 4.24 29.52
CA PHE B 763 12.54 5.24 30.18
C PHE B 763 13.09 6.65 30.04
N SER B 764 14.30 6.78 29.51
CA SER B 764 14.89 8.10 29.31
C SER B 764 14.17 8.84 28.18
N SER B 765 13.24 8.14 27.52
CA SER B 765 12.36 8.74 26.53
C SER B 765 11.44 9.79 27.16
N LEU B 766 11.17 9.62 28.45
CA LEU B 766 10.30 10.50 29.21
C LEU B 766 10.83 11.94 29.22
N PHE B 767 12.14 12.08 29.05
CA PHE B 767 12.80 13.36 29.11
C PHE B 767 13.52 13.63 27.80
N PHE B 768 13.14 12.89 26.77
CA PHE B 768 13.77 13.03 25.47
C PHE B 768 13.50 14.40 24.85
N ARG B 769 14.57 15.07 24.46
CA ARG B 769 14.46 16.25 23.62
C ARG B 769 15.53 16.15 22.53
N ASN B 770 15.27 16.78 21.40
CA ASN B 770 16.21 16.75 20.29
C ASN B 770 17.34 17.76 20.48
N GLU B 771 18.20 17.48 21.45
CA GLU B 771 19.26 18.41 21.84
C GLU B 771 20.58 18.09 21.16
N VAL B 772 21.34 19.12 20.82
CA VAL B 772 22.69 18.92 20.30
C VAL B 772 23.70 19.45 21.31
N LYS B 773 24.76 18.69 21.52
CA LYS B 773 25.83 19.10 22.40
C LYS B 773 26.85 19.89 21.60
N GLN B 774 27.22 21.06 22.10
CA GLN B 774 28.21 21.90 21.44
C GLN B 774 29.54 21.16 21.26
N LEU B 775 30.18 21.35 20.12
CA LEU B 775 31.45 20.71 19.84
C LEU B 775 32.55 21.20 20.80
N GLU B 776 33.28 20.26 21.40
CA GLU B 776 34.40 20.60 22.27
C GLU B 776 35.53 21.26 21.48
N ARG B 777 36.32 22.08 22.16
CA ARG B 777 37.38 22.86 21.53
C ARG B 777 38.33 22.00 20.71
N SER B 778 38.80 20.90 21.29
CA SER B 778 39.73 20.00 20.63
C SER B 778 39.10 19.36 19.39
N VAL B 779 37.87 18.86 19.55
CA VAL B 779 37.15 18.22 18.46
C VAL B 779 36.90 19.19 17.31
N SER B 780 36.39 20.38 17.65
CA SER B 780 36.17 21.44 16.68
C SER B 780 37.45 21.78 15.93
N ARG B 781 38.52 21.95 16.69
CA ARG B 781 39.84 22.24 16.14
C ARG B 781 40.29 21.19 15.12
N GLN B 782 40.06 19.93 15.45
CA GLN B 782 40.49 18.83 14.59
C GLN B 782 39.62 18.71 13.35
N LEU B 783 38.30 18.82 13.54
CA LEU B 783 37.36 18.71 12.44
C LEU B 783 37.58 19.80 11.40
N TYR B 784 37.49 21.06 11.83
CA TYR B 784 37.49 22.19 10.92
C TYR B 784 38.89 22.72 10.64
N GLY B 785 39.84 22.29 11.46
CA GLY B 785 41.21 22.73 11.32
C GLY B 785 41.51 23.97 12.12
N GLU B 786 42.81 24.27 12.28
CA GLU B 786 43.25 25.46 13.00
C GLU B 786 43.13 26.65 12.07
N ARG B 787 43.28 26.38 10.77
CA ARG B 787 42.98 27.36 9.74
C ARG B 787 41.76 26.89 8.98
N ILE B 788 40.79 27.77 8.83
CA ILE B 788 39.57 27.41 8.13
C ILE B 788 39.58 27.98 6.72
N GLN B 789 39.67 27.08 5.74
CA GLN B 789 39.53 27.43 4.33
C GLN B 789 38.08 27.28 3.94
N GLY B 790 37.50 28.36 3.42
CA GLY B 790 36.09 28.34 3.13
C GLY B 790 35.67 29.01 1.85
N SER B 791 34.38 28.88 1.56
CA SER B 791 33.74 29.58 0.47
C SER B 791 32.58 30.38 1.06
N VAL B 792 32.11 31.39 0.34
CA VAL B 792 30.98 32.17 0.80
C VAL B 792 29.78 31.25 1.06
N SER B 793 29.62 30.25 0.19
CA SER B 793 28.51 29.31 0.29
C SER B 793 28.49 28.55 1.62
N ARG B 794 29.67 28.20 2.12
CA ARG B 794 29.79 27.52 3.41
C ARG B 794 29.24 28.40 4.52
N MET B 795 29.62 29.67 4.50
CA MET B 795 29.12 30.64 5.48
C MET B 795 27.61 30.78 5.41
N GLU B 796 27.10 30.89 4.18
CA GLU B 796 25.67 30.99 3.92
C GLU B 796 24.94 29.78 4.49
N THR B 797 25.51 28.60 4.27
CA THR B 797 24.96 27.37 4.84
C THR B 797 24.84 27.46 6.35
N PHE B 798 25.89 27.96 6.99
CA PHE B 798 25.92 28.10 8.44
C PHE B 798 24.86 29.07 8.93
N ASN B 799 24.71 30.18 8.21
CA ASN B 799 23.73 31.20 8.59
C ASN B 799 22.31 30.73 8.37
N ALA B 800 22.13 29.69 7.55
CA ALA B 800 20.82 29.10 7.32
C ALA B 800 20.46 28.19 8.49
N CYS B 801 21.45 27.42 8.92
CA CYS B 801 21.32 26.48 10.01
C CYS B 801 22.69 25.92 10.37
N PRO B 802 23.13 26.13 11.62
CA PRO B 802 24.44 25.63 12.05
C PRO B 802 24.59 24.12 11.87
N PHE B 803 23.57 23.36 12.24
CA PHE B 803 23.65 21.91 12.17
C PHE B 803 23.82 21.42 10.73
N SER B 804 23.15 22.08 9.80
CA SER B 804 23.28 21.71 8.39
C SER B 804 24.73 21.88 7.97
N HIS B 805 25.35 22.96 8.41
CA HIS B 805 26.76 23.22 8.13
C HIS B 805 27.64 22.17 8.82
N PHE B 806 27.16 21.64 9.95
CA PHE B 806 27.91 20.64 10.68
C PHE B 806 27.89 19.31 9.94
N ALA B 807 26.72 18.88 9.50
CA ALA B 807 26.60 17.65 8.73
C ALA B 807 27.37 17.80 7.42
N SER B 808 27.25 18.98 6.82
CA SER B 808 27.90 19.24 5.55
C SER B 808 29.43 19.33 5.71
N HIS B 809 29.92 20.44 6.23
CA HIS B 809 31.36 20.72 6.20
C HIS B 809 32.11 20.14 7.40
N GLY B 810 31.36 19.61 8.36
CA GLY B 810 31.98 18.96 9.50
C GLY B 810 32.13 17.48 9.25
N LEU B 811 31.00 16.77 9.20
CA LEU B 811 31.00 15.32 9.05
C LEU B 811 31.26 14.89 7.61
N HIS B 812 31.07 15.81 6.67
CA HIS B 812 31.22 15.55 5.24
C HIS B 812 30.34 14.39 4.80
N LEU B 813 29.06 14.47 5.16
CA LEU B 813 28.08 13.47 4.77
C LEU B 813 27.64 13.71 3.33
N LYS B 814 27.82 12.70 2.49
CA LYS B 814 27.45 12.80 1.09
C LYS B 814 26.16 12.02 0.82
N GLU B 815 25.29 12.58 -0.01
CA GLU B 815 24.09 11.85 -0.41
C GLU B 815 24.43 10.92 -1.57
N ARG B 816 23.67 9.83 -1.65
CA ARG B 816 23.83 8.82 -2.70
C ARG B 816 23.66 9.45 -4.07
N GLN B 817 24.67 9.32 -4.93
CA GLN B 817 24.66 9.93 -6.26
C GLN B 817 23.75 9.21 -7.23
N PHE B 818 23.05 9.97 -8.07
CA PHE B 818 22.15 9.36 -9.04
C PHE B 818 22.45 9.77 -10.47
N PHE B 819 22.38 8.82 -11.41
CA PHE B 819 22.56 9.12 -12.83
C PHE B 819 21.39 9.97 -13.31
N LYS B 820 21.49 11.27 -13.07
CA LYS B 820 20.38 12.18 -13.28
C LYS B 820 20.89 13.62 -13.40
N LEU B 821 20.36 14.35 -14.38
CA LEU B 821 20.79 15.72 -14.61
C LEU B 821 20.01 16.68 -13.72
N GLU B 822 20.68 17.21 -12.70
CA GLU B 822 20.04 18.17 -11.79
C GLU B 822 20.34 19.59 -12.24
N ALA B 823 19.90 20.57 -11.45
CA ALA B 823 20.09 21.97 -11.79
C ALA B 823 21.54 22.45 -11.73
N PRO B 824 22.28 22.12 -10.64
CA PRO B 824 23.66 22.59 -10.58
C PRO B 824 24.53 22.16 -11.76
N ASP B 825 24.36 20.93 -12.20
CA ASP B 825 25.11 20.41 -13.35
C ASP B 825 24.88 21.27 -14.58
N ILE B 826 23.63 21.65 -14.79
CA ILE B 826 23.25 22.50 -15.92
C ILE B 826 23.85 23.91 -15.76
N GLY B 827 23.86 24.39 -14.53
CA GLY B 827 24.46 25.68 -14.22
C GLY B 827 25.94 25.69 -14.56
N GLN B 828 26.65 24.66 -14.10
CA GLN B 828 28.06 24.50 -14.44
C GLN B 828 28.27 24.48 -15.95
N LEU B 829 27.37 23.81 -16.66
CA LEU B 829 27.44 23.71 -18.10
C LEU B 829 27.35 25.09 -18.74
N PHE B 830 26.41 25.90 -18.26
CA PHE B 830 26.20 27.25 -18.78
C PHE B 830 27.44 28.12 -18.55
N HIS B 831 27.91 28.13 -17.31
CA HIS B 831 29.12 28.88 -16.93
C HIS B 831 30.30 28.52 -17.82
N SER B 832 30.65 27.23 -17.83
CA SER B 832 31.77 26.74 -18.60
C SER B 832 31.64 27.06 -20.09
N SER B 833 30.41 26.97 -20.59
CA SER B 833 30.13 27.23 -21.99
C SER B 833 30.43 28.67 -22.36
N LEU B 834 29.91 29.59 -21.55
CA LEU B 834 30.15 31.01 -21.77
C LEU B 834 31.64 31.33 -21.66
N LYS B 835 32.34 30.56 -20.83
CA LYS B 835 33.78 30.75 -20.66
C LYS B 835 34.49 30.36 -21.95
N LEU B 836 34.21 29.15 -22.44
CA LEU B 836 34.81 28.66 -23.67
C LEU B 836 34.56 29.60 -24.83
N ILE B 837 33.34 30.13 -24.92
CA ILE B 837 32.99 31.06 -25.99
C ILE B 837 33.82 32.34 -25.88
N SER B 838 33.92 32.88 -24.66
CA SER B 838 34.67 34.10 -24.42
C SER B 838 36.13 33.91 -24.80
N ASP B 839 36.72 32.81 -24.37
CA ASP B 839 38.11 32.50 -24.70
C ASP B 839 38.32 32.42 -26.21
N ARG B 840 37.44 31.69 -26.89
CA ARG B 840 37.53 31.57 -28.34
C ARG B 840 37.39 32.94 -28.99
N LEU B 841 36.55 33.79 -28.41
CA LEU B 841 36.36 35.13 -28.92
C LEU B 841 37.65 35.94 -28.88
N ARG B 842 38.40 35.82 -27.79
CA ARG B 842 39.65 36.57 -27.64
C ARG B 842 40.73 35.99 -28.53
N ASP B 843 40.64 34.70 -28.80
CA ASP B 843 41.66 34.01 -29.59
C ASP B 843 41.51 34.30 -31.08
N GLU B 844 40.34 34.80 -31.48
CA GLU B 844 40.11 35.15 -32.88
C GLU B 844 39.94 36.65 -33.04
N LYS B 845 40.46 37.39 -32.06
CA LYS B 845 40.41 38.86 -32.05
C LYS B 845 38.99 39.39 -32.24
N LEU B 846 38.02 38.61 -31.77
CA LEU B 846 36.61 38.98 -31.90
C LEU B 846 36.07 39.50 -30.58
N ASP B 847 35.08 40.39 -30.66
CA ASP B 847 34.42 40.90 -29.48
C ASP B 847 32.93 40.55 -29.52
N TRP B 848 32.31 40.46 -28.35
CA TRP B 848 30.90 40.12 -28.23
C TRP B 848 30.01 40.98 -29.13
N ARG B 849 30.41 42.23 -29.34
CA ARG B 849 29.68 43.15 -30.21
C ARG B 849 29.66 42.65 -31.65
N ASP B 850 30.79 42.13 -32.12
CA ASP B 850 30.95 41.77 -33.53
C ASP B 850 30.38 40.40 -33.86
N LEU B 851 29.67 39.80 -32.92
CA LEU B 851 29.10 38.48 -33.16
C LEU B 851 27.88 38.57 -34.06
N THR B 852 27.77 37.60 -34.97
CA THR B 852 26.57 37.44 -35.79
C THR B 852 25.72 36.30 -35.23
N LYS B 853 24.48 36.20 -35.70
CA LYS B 853 23.60 35.13 -35.25
C LYS B 853 24.21 33.78 -35.57
N GLU B 854 24.71 33.65 -36.79
CA GLU B 854 25.39 32.42 -37.22
C GLU B 854 26.52 32.05 -36.28
N GLN B 855 27.32 33.05 -35.91
CA GLN B 855 28.47 32.83 -35.03
C GLN B 855 28.03 32.41 -33.63
N CYS B 856 26.97 33.03 -33.12
CA CYS B 856 26.41 32.66 -31.83
C CYS B 856 26.03 31.18 -31.81
N GLU B 857 25.31 30.76 -32.85
CA GLU B 857 24.86 29.37 -32.97
C GLU B 857 26.03 28.41 -33.04
N LEU B 858 26.95 28.67 -33.96
CA LEU B 858 28.13 27.82 -34.15
C LEU B 858 28.93 27.65 -32.87
N PHE B 859 29.29 28.76 -32.24
CA PHE B 859 30.13 28.74 -31.04
C PHE B 859 29.43 28.00 -29.90
N SER B 860 28.15 28.33 -29.72
CA SER B 860 27.35 27.77 -28.63
C SER B 860 27.27 26.26 -28.75
N TYR B 861 26.89 25.78 -29.92
CA TYR B 861 26.79 24.34 -30.17
C TYR B 861 28.12 23.64 -29.95
N ASP B 862 29.20 24.28 -30.40
CA ASP B 862 30.54 23.73 -30.26
C ASP B 862 30.93 23.63 -28.78
N ALA B 863 30.62 24.66 -28.02
CA ALA B 863 30.96 24.69 -26.60
C ALA B 863 30.26 23.58 -25.83
N VAL B 864 28.96 23.42 -26.06
CA VAL B 864 28.17 22.39 -25.39
C VAL B 864 28.64 21.00 -25.83
N GLU B 865 29.01 20.90 -27.11
CA GLU B 865 29.58 19.66 -27.64
C GLU B 865 30.83 19.28 -26.87
N ARG B 866 31.74 20.25 -26.70
CA ARG B 866 32.96 20.03 -25.95
C ARG B 866 32.70 19.53 -24.54
N LEU B 867 31.78 20.19 -23.85
CA LEU B 867 31.57 19.98 -22.42
C LEU B 867 30.71 18.76 -22.09
N ALA B 868 29.95 18.28 -23.07
CA ALA B 868 28.98 17.21 -22.84
C ALA B 868 29.60 15.92 -22.26
N PRO B 869 30.69 15.41 -22.86
CA PRO B 869 31.23 14.16 -22.32
C PRO B 869 31.74 14.29 -20.88
N LYS B 870 31.94 15.51 -20.42
CA LYS B 870 32.44 15.75 -19.07
C LYS B 870 31.32 15.93 -18.05
N LEU B 871 30.10 16.16 -18.53
CA LEU B 871 29.00 16.53 -17.65
C LEU B 871 28.20 15.33 -17.13
N GLN B 872 28.26 15.16 -15.81
CA GLN B 872 27.49 14.14 -15.09
C GLN B 872 27.60 12.75 -15.71
N LYS B 873 28.82 12.22 -15.74
CA LYS B 873 29.05 10.83 -16.11
C LYS B 873 28.54 10.52 -17.51
N GLU B 874 28.69 11.51 -18.40
CA GLU B 874 28.29 11.39 -19.81
C GLU B 874 26.79 11.12 -19.98
N ILE B 875 25.97 11.77 -19.16
CA ILE B 875 24.54 11.51 -19.17
C ILE B 875 23.84 12.09 -20.40
N LEU B 876 24.44 13.12 -21.00
CA LEU B 876 23.83 13.73 -22.17
C LEU B 876 24.01 12.86 -23.41
N LEU B 877 24.86 11.85 -23.29
CA LEU B 877 25.09 10.90 -24.37
C LEU B 877 24.38 9.58 -24.06
N SER B 878 23.69 9.54 -22.92
CA SER B 878 23.15 8.29 -22.38
C SER B 878 21.96 7.74 -23.16
N SER B 879 21.20 8.62 -23.80
CA SER B 879 20.00 8.22 -24.50
C SER B 879 19.57 9.27 -25.53
N ASN B 880 18.55 8.96 -26.31
CA ASN B 880 18.06 9.90 -27.32
C ASN B 880 17.40 11.08 -26.67
N ARG B 881 16.61 10.81 -25.63
CA ARG B 881 15.96 11.84 -24.84
C ARG B 881 16.97 12.85 -24.33
N HIS B 882 18.12 12.37 -23.89
CA HIS B 882 19.16 13.23 -23.37
C HIS B 882 19.91 13.96 -24.48
N TYR B 883 19.92 13.36 -25.67
CA TYR B 883 20.42 14.05 -26.85
C TYR B 883 19.59 15.31 -27.04
N TYR B 884 18.28 15.19 -26.87
CA TYR B 884 17.39 16.32 -27.08
C TYR B 884 17.58 17.35 -25.97
N VAL B 885 17.90 16.87 -24.78
CA VAL B 885 18.22 17.75 -23.67
C VAL B 885 19.43 18.59 -24.05
N LYS B 886 20.43 17.92 -24.60
CA LYS B 886 21.65 18.59 -25.05
C LYS B 886 21.35 19.67 -26.08
N GLU B 887 20.43 19.37 -27.00
CA GLU B 887 20.04 20.33 -28.04
C GLU B 887 19.35 21.53 -27.41
N LYS B 888 18.48 21.27 -26.44
CA LYS B 888 17.79 22.33 -25.71
C LYS B 888 18.79 23.28 -25.09
N LEU B 889 19.75 22.72 -24.36
CA LEU B 889 20.80 23.50 -23.70
C LEU B 889 21.60 24.33 -24.71
N GLN B 890 21.82 23.75 -25.89
CA GLN B 890 22.52 24.43 -26.97
C GLN B 890 21.75 25.66 -27.42
N LYS B 891 20.44 25.50 -27.57
CA LYS B 891 19.57 26.60 -27.97
C LYS B 891 19.61 27.72 -26.93
N ILE B 892 19.61 27.35 -25.66
CA ILE B 892 19.69 28.32 -24.56
C ILE B 892 20.97 29.14 -24.69
N VAL B 893 22.11 28.45 -24.74
CA VAL B 893 23.41 29.08 -24.81
C VAL B 893 23.49 30.00 -26.02
N THR B 894 22.88 29.57 -27.13
CA THR B 894 22.83 30.39 -28.32
C THR B 894 22.16 31.72 -28.05
N ARG B 895 20.95 31.70 -27.50
CA ARG B 895 20.20 32.93 -27.27
C ARG B 895 20.95 33.83 -26.28
N VAL B 896 21.53 33.22 -25.25
CA VAL B 896 22.28 33.96 -24.24
C VAL B 896 23.49 34.63 -24.89
N SER B 897 24.15 33.93 -25.80
CA SER B 897 25.26 34.51 -26.54
C SER B 897 24.82 35.78 -27.26
N GLY B 898 23.70 35.69 -27.96
CA GLY B 898 23.13 36.82 -28.68
C GLY B 898 22.78 37.97 -27.75
N ILE B 899 22.21 37.64 -26.59
CA ILE B 899 21.83 38.64 -25.61
C ILE B 899 23.03 39.40 -25.07
N LEU B 900 24.08 38.65 -24.70
CA LEU B 900 25.31 39.26 -24.22
C LEU B 900 25.93 40.15 -25.31
N SER B 901 25.75 39.75 -26.55
CA SER B 901 26.25 40.52 -27.68
C SER B 901 25.53 41.86 -27.79
N GLU B 902 24.23 41.84 -27.53
CA GLU B 902 23.42 43.05 -27.59
C GLU B 902 23.72 43.95 -26.40
N HIS B 903 23.90 43.35 -25.24
CA HIS B 903 24.23 44.11 -24.04
C HIS B 903 25.60 44.77 -24.17
N ALA B 904 26.52 44.10 -24.86
CA ALA B 904 27.87 44.61 -25.05
C ALA B 904 27.86 45.83 -25.96
N LYS B 905 26.94 45.85 -26.91
CA LYS B 905 26.85 46.96 -27.85
C LYS B 905 26.22 48.19 -27.23
N ALA B 906 25.70 48.04 -26.01
CA ALA B 906 25.02 49.15 -25.33
C ALA B 906 25.61 49.43 -23.95
N SER B 907 26.67 48.74 -23.59
CA SER B 907 27.30 48.94 -22.29
C SER B 907 28.70 49.53 -22.40
N GLY B 908 28.99 50.51 -21.54
CA GLY B 908 30.32 51.10 -21.49
C GLY B 908 31.23 50.30 -20.58
N PHE B 909 30.68 49.28 -19.95
CA PHE B 909 31.44 48.39 -19.09
C PHE B 909 32.10 47.28 -19.89
N VAL B 910 33.38 47.05 -19.64
CA VAL B 910 34.13 46.00 -20.31
C VAL B 910 34.52 44.90 -19.33
N PRO B 911 34.16 43.65 -19.64
CA PRO B 911 34.57 42.50 -18.83
C PRO B 911 36.09 42.37 -18.71
N ILE B 912 36.58 42.44 -17.48
CA ILE B 912 38.00 42.25 -17.21
C ILE B 912 38.35 40.77 -17.10
N GLY B 913 37.89 40.14 -16.03
CA GLY B 913 38.15 38.74 -15.77
C GLY B 913 36.87 37.93 -15.62
N LEU B 914 36.79 36.83 -16.35
CA LEU B 914 35.67 35.91 -16.24
C LEU B 914 36.08 34.69 -15.43
N GLU B 915 35.17 34.23 -14.57
CA GLU B 915 35.43 33.11 -13.67
C GLU B 915 36.72 33.32 -12.90
N LEU B 916 36.88 34.53 -12.37
CA LEU B 916 38.09 34.93 -11.67
C LEU B 916 38.19 34.29 -10.30
N GLY B 917 39.39 33.84 -9.93
CA GLY B 917 39.61 33.19 -8.67
C GLY B 917 40.32 34.05 -7.66
N PHE B 918 39.74 34.17 -6.47
CA PHE B 918 40.43 34.79 -5.34
C PHE B 918 40.70 33.73 -4.30
N GLY B 919 41.90 33.76 -3.72
CA GLY B 919 42.31 32.72 -2.80
C GLY B 919 42.77 31.49 -3.54
N GLY B 920 43.41 30.56 -2.83
CA GLY B 920 43.89 29.33 -3.41
C GLY B 920 44.80 29.56 -4.60
N LYS B 921 44.46 28.93 -5.72
CA LYS B 921 45.27 29.03 -6.94
C LYS B 921 45.11 30.37 -7.65
N GLY B 922 43.88 30.90 -7.64
CA GLY B 922 43.55 32.13 -8.36
C GLY B 922 44.45 33.30 -8.06
N PRO B 923 44.51 34.27 -9.00
CA PRO B 923 45.43 35.41 -8.89
C PRO B 923 45.14 36.31 -7.70
N LEU B 924 43.88 36.66 -7.47
CA LEU B 924 43.52 37.50 -6.35
C LEU B 924 43.77 36.78 -5.02
N PRO B 925 44.25 37.51 -4.02
CA PRO B 925 44.53 36.94 -2.70
C PRO B 925 43.25 36.65 -1.91
N PRO B 926 43.28 35.62 -1.06
CA PRO B 926 42.11 35.34 -0.22
C PRO B 926 41.89 36.42 0.82
N LEU B 927 40.65 36.88 0.96
CA LEU B 927 40.31 37.74 2.07
C LEU B 927 40.47 36.88 3.33
N THR B 928 40.90 37.49 4.43
CA THR B 928 41.18 36.70 5.62
C THR B 928 40.60 37.32 6.88
N PHE B 929 40.33 36.47 7.86
CA PHE B 929 39.80 36.92 9.14
C PHE B 929 40.55 36.31 10.32
N GLN B 930 40.65 37.05 11.41
CA GLN B 930 41.32 36.58 12.62
C GLN B 930 40.27 36.32 13.70
N LEU B 931 40.52 35.33 14.54
CA LEU B 931 39.52 34.91 15.52
C LEU B 931 40.04 34.94 16.96
N LYS B 932 39.13 34.92 17.92
CA LYS B 932 39.47 34.79 19.33
C LYS B 932 40.27 33.51 19.54
N ASN B 933 39.83 32.46 18.85
CA ASN B 933 40.47 31.15 18.91
C ASN B 933 41.96 31.21 18.54
N GLY B 934 42.34 32.26 17.82
CA GLY B 934 43.69 32.38 17.31
C GLY B 934 43.74 31.79 15.92
N CYS B 935 42.64 31.15 15.55
CA CYS B 935 42.47 30.58 14.22
C CYS B 935 42.33 31.66 13.16
N THR B 936 42.81 31.37 11.96
CA THR B 936 42.58 32.25 10.82
C THR B 936 41.56 31.61 9.89
N MET B 937 40.59 32.38 9.45
CA MET B 937 39.64 31.92 8.45
C MET B 937 39.86 32.64 7.13
N GLU B 938 40.38 31.92 6.15
CA GLU B 938 40.54 32.47 4.81
C GLU B 938 39.41 31.94 3.92
N LEU B 939 38.82 32.81 3.13
CA LEU B 939 37.74 32.40 2.23
C LEU B 939 38.17 32.55 0.78
N VAL B 940 38.05 31.46 0.03
CA VAL B 940 38.46 31.40 -1.37
C VAL B 940 37.25 31.11 -2.26
N GLY B 941 37.09 31.87 -3.34
CA GLY B 941 35.96 31.69 -4.23
C GLY B 941 36.20 32.17 -5.64
N ARG B 942 35.15 32.07 -6.47
CA ARG B 942 35.28 32.42 -7.88
C ARG B 942 34.18 33.39 -8.35
N ILE B 943 34.58 34.59 -8.72
CA ILE B 943 33.64 35.57 -9.27
C ILE B 943 33.29 35.24 -10.71
N ASP B 944 32.00 35.31 -11.05
CA ASP B 944 31.56 35.00 -12.40
C ASP B 944 32.08 36.03 -13.40
N ARG B 945 31.69 37.30 -13.23
CA ARG B 945 32.20 38.35 -14.10
C ARG B 945 32.44 39.66 -13.35
N VAL B 946 33.47 40.39 -13.79
CA VAL B 946 33.76 41.73 -13.29
C VAL B 946 33.94 42.68 -14.47
N ASP B 947 33.28 43.83 -14.41
CA ASP B 947 33.36 44.80 -15.50
C ASP B 947 33.97 46.11 -15.03
N LYS B 948 34.82 46.70 -15.86
CA LYS B 948 35.38 48.01 -15.55
C LYS B 948 34.86 49.07 -16.50
N ALA B 949 34.69 50.27 -15.98
CA ALA B 949 34.24 51.40 -16.78
C ALA B 949 35.03 52.66 -16.43
N GLU B 950 35.04 53.62 -17.34
CA GLU B 950 35.74 54.88 -17.13
C GLU B 950 34.73 56.00 -16.96
N SER B 951 34.81 56.72 -15.85
CA SER B 951 33.85 57.77 -15.56
C SER B 951 34.48 58.99 -14.91
N SER B 952 33.67 60.02 -14.71
CA SER B 952 34.12 61.26 -14.08
C SER B 952 34.43 61.05 -12.61
N LYS B 953 33.66 60.18 -11.96
CA LYS B 953 33.86 59.89 -10.54
C LYS B 953 35.11 59.03 -10.34
N GLY B 954 35.55 58.37 -11.40
CA GLY B 954 36.76 57.56 -11.36
C GLY B 954 36.64 56.27 -12.15
N LEU B 955 37.48 55.30 -11.84
CA LEU B 955 37.32 53.96 -12.39
C LEU B 955 36.16 53.27 -11.71
N LEU B 956 35.32 52.59 -12.47
CA LEU B 956 34.15 51.92 -11.90
C LEU B 956 34.22 50.41 -12.09
N LEU B 957 33.78 49.68 -11.08
CA LEU B 957 33.75 48.22 -11.12
C LEU B 957 32.38 47.68 -10.75
N ARG B 958 31.91 46.70 -11.52
CA ARG B 958 30.66 46.02 -11.22
C ARG B 958 30.84 44.51 -11.30
N ILE B 959 29.98 43.79 -10.60
CA ILE B 959 30.03 42.33 -10.57
C ILE B 959 28.77 41.73 -11.21
N VAL B 960 28.97 40.80 -12.14
CA VAL B 960 27.86 40.14 -12.82
C VAL B 960 27.86 38.65 -12.52
N ALA B 961 26.70 38.14 -12.13
CA ALA B 961 26.56 36.71 -11.83
C ALA B 961 25.52 36.06 -12.71
N TYR B 962 25.90 34.95 -13.35
CA TYR B 962 25.00 34.18 -14.19
C TYR B 962 24.13 33.25 -13.36
N LYS B 963 22.85 33.58 -13.25
CA LYS B 963 21.92 32.79 -12.45
C LYS B 963 20.79 32.24 -13.31
N SER B 964 20.10 31.22 -12.80
CA SER B 964 19.04 30.55 -13.54
C SER B 964 17.66 30.87 -12.96
N SER B 965 17.59 31.98 -12.22
CA SER B 965 16.33 32.44 -11.65
C SER B 965 16.14 33.93 -11.96
N ASP B 966 14.88 34.35 -12.07
CA ASP B 966 14.59 35.74 -12.38
C ASP B 966 14.91 36.67 -11.21
N LYS B 967 14.80 36.15 -9.99
CA LYS B 967 15.02 36.93 -8.79
C LYS B 967 16.44 37.49 -8.72
N GLY B 968 16.57 38.67 -8.14
CA GLY B 968 17.86 39.33 -8.01
C GLY B 968 18.45 39.25 -6.61
N LEU B 969 18.55 40.41 -5.95
CA LEU B 969 19.17 40.49 -4.64
C LEU B 969 18.21 41.07 -3.59
N ASP B 970 17.95 40.29 -2.54
CA ASP B 970 17.09 40.73 -1.45
C ASP B 970 17.94 41.14 -0.24
N LEU B 971 17.87 42.43 0.12
CA LEU B 971 18.67 42.97 1.21
C LEU B 971 18.35 42.31 2.55
N ALA B 972 17.11 41.83 2.68
CA ALA B 972 16.71 41.11 3.89
C ALA B 972 17.55 39.86 4.05
N GLU B 973 17.73 39.13 2.95
CA GLU B 973 18.55 37.92 2.96
C GLU B 973 20.01 38.25 3.19
N VAL B 974 20.41 39.45 2.78
CA VAL B 974 21.78 39.91 3.01
C VAL B 974 22.01 40.16 4.50
N TYR B 975 21.01 40.75 5.15
CA TYR B 975 21.10 41.10 6.57
C TYR B 975 21.21 39.86 7.46
N TYR B 976 20.57 38.78 7.05
CA TYR B 976 20.58 37.55 7.85
C TYR B 976 21.69 36.59 7.41
N GLY B 977 22.48 37.01 6.44
CA GLY B 977 23.62 36.23 5.99
C GLY B 977 23.26 35.07 5.09
N LEU B 978 22.15 35.21 4.36
CA LEU B 978 21.71 34.16 3.45
C LEU B 978 22.18 34.42 2.02
N ALA B 979 22.48 35.68 1.72
CA ALA B 979 22.97 36.07 0.40
C ALA B 979 24.19 36.97 0.54
N LEU B 980 25.37 36.38 0.42
CA LEU B 980 26.61 37.10 0.68
C LEU B 980 27.59 37.10 -0.49
N GLN B 981 27.32 36.27 -1.49
CA GLN B 981 28.27 36.04 -2.58
C GLN B 981 28.59 37.31 -3.37
N MET B 982 27.55 38.01 -3.81
CA MET B 982 27.72 39.18 -4.67
C MET B 982 28.47 40.32 -3.99
N LEU B 983 28.02 40.71 -2.81
CA LEU B 983 28.64 41.82 -2.10
C LEU B 983 30.07 41.47 -1.67
N THR B 984 30.33 40.19 -1.45
CA THR B 984 31.68 39.73 -1.18
C THR B 984 32.57 39.94 -2.41
N TYR B 985 32.06 39.52 -3.56
CA TYR B 985 32.78 39.67 -4.83
C TYR B 985 33.10 41.13 -5.10
N LEU B 986 32.11 42.00 -4.85
CA LEU B 986 32.28 43.43 -5.04
C LEU B 986 33.34 43.97 -4.07
N ASP B 987 33.26 43.54 -2.82
CA ASP B 987 34.21 43.93 -1.79
C ASP B 987 35.65 43.64 -2.23
N LEU B 988 35.88 42.41 -2.65
CA LEU B 988 37.20 41.97 -3.10
C LEU B 988 37.66 42.73 -4.34
N SER B 989 36.73 42.95 -5.27
CA SER B 989 37.05 43.62 -6.52
C SER B 989 37.47 45.07 -6.29
N ILE B 990 36.83 45.72 -5.32
CA ILE B 990 37.14 47.11 -5.01
C ILE B 990 38.40 47.26 -4.16
N THR B 991 38.49 46.43 -3.12
CA THR B 991 39.60 46.52 -2.17
C THR B 991 40.95 46.25 -2.85
N HIS B 992 40.95 45.36 -3.83
CA HIS B 992 42.18 44.99 -4.53
C HIS B 992 42.34 45.72 -5.85
N SER B 993 41.34 46.53 -6.21
CA SER B 993 41.30 47.20 -7.51
C SER B 993 42.57 47.98 -7.84
N ALA B 994 43.07 48.74 -6.86
CA ALA B 994 44.28 49.53 -7.04
C ALA B 994 45.49 48.64 -7.27
N ASP B 995 45.62 47.61 -6.45
CA ASP B 995 46.74 46.68 -6.55
C ASP B 995 46.61 45.79 -7.79
N TRP B 996 45.44 45.21 -7.97
CA TRP B 996 45.22 44.16 -8.97
C TRP B 996 45.49 44.61 -10.41
N LEU B 997 44.91 45.73 -10.83
CA LEU B 997 45.06 46.13 -12.24
C LEU B 997 45.65 47.53 -12.43
N GLY B 998 45.60 48.36 -11.40
CA GLY B 998 46.22 49.68 -11.51
C GLY B 998 45.78 50.75 -10.54
N MET B 999 44.49 51.09 -10.56
CA MET B 999 44.00 52.21 -9.77
C MET B 999 42.78 51.84 -8.93
N ARG B 1000 42.55 52.60 -7.87
CA ARG B 1000 41.41 52.40 -6.97
C ARG B 1000 40.09 52.70 -7.68
N ALA B 1001 39.10 51.84 -7.46
CA ALA B 1001 37.82 51.97 -8.15
C ALA B 1001 36.66 52.26 -7.19
N THR B 1002 35.47 52.41 -7.77
CA THR B 1002 34.26 52.70 -7.02
C THR B 1002 33.14 51.75 -7.40
N PRO B 1003 32.50 51.10 -6.41
CA PRO B 1003 31.39 50.16 -6.62
C PRO B 1003 30.31 50.69 -7.56
N ALA B 1004 30.21 50.08 -8.74
CA ALA B 1004 29.21 50.48 -9.72
C ALA B 1004 27.89 49.75 -9.50
N GLY B 1005 27.98 48.47 -9.17
CA GLY B 1005 26.79 47.69 -8.88
C GLY B 1005 27.00 46.18 -8.93
N VAL B 1006 26.00 45.45 -8.45
CA VAL B 1006 26.02 43.99 -8.51
C VAL B 1006 24.82 43.48 -9.30
N LEU B 1007 25.10 42.75 -10.39
CA LEU B 1007 24.04 42.39 -11.33
C LEU B 1007 23.89 40.89 -11.53
N TYR B 1008 22.64 40.44 -11.59
CA TYR B 1008 22.33 39.05 -11.94
C TYR B 1008 21.87 38.95 -13.38
N PHE B 1009 22.36 37.93 -14.08
CA PHE B 1009 21.96 37.67 -15.46
C PHE B 1009 21.25 36.32 -15.53
N HIS B 1010 19.95 36.36 -15.84
CA HIS B 1010 19.13 35.15 -15.94
C HIS B 1010 19.39 34.39 -17.24
N ILE B 1011 20.04 33.23 -17.12
CA ILE B 1011 20.32 32.41 -18.29
C ILE B 1011 19.13 31.50 -18.59
N HIS B 1012 18.45 31.77 -19.70
CA HIS B 1012 17.30 30.99 -20.12
C HIS B 1012 16.84 31.31 -21.54
N ASP B 1013 15.92 30.51 -22.05
CA ASP B 1013 15.33 30.73 -23.36
C ASP B 1013 13.84 31.03 -23.19
N PRO B 1014 13.51 32.31 -23.00
CA PRO B 1014 12.18 32.73 -22.56
C PRO B 1014 11.10 32.58 -23.63
N MET B 1015 9.87 32.38 -23.17
CA MET B 1015 8.70 32.38 -24.06
C MET B 1015 7.91 33.68 -23.85
N ILE B 1016 7.50 34.31 -24.94
CA ILE B 1016 6.80 35.58 -24.86
C ILE B 1016 5.28 35.37 -24.84
N GLN B 1017 4.63 35.90 -23.81
CA GLN B 1017 3.19 35.78 -23.67
C GLN B 1017 2.51 37.11 -24.00
N SER B 1018 2.15 37.28 -25.26
CA SER B 1018 1.60 38.54 -25.74
C SER B 1018 0.14 38.41 -26.19
N ASN B 1019 -0.68 39.37 -25.80
CA ASN B 1019 -2.06 39.38 -26.27
C ASN B 1019 -2.17 40.20 -27.55
N LEU B 1020 -1.21 41.09 -27.76
CA LEU B 1020 -1.15 41.90 -28.97
C LEU B 1020 -0.31 41.22 -30.03
N PRO B 1021 -0.74 41.29 -31.30
CA PRO B 1021 0.03 40.74 -32.42
C PRO B 1021 1.34 41.49 -32.61
N LEU B 1022 2.46 40.76 -32.64
CA LEU B 1022 3.75 41.41 -32.69
C LEU B 1022 4.51 41.09 -33.98
N GLY B 1023 5.06 42.13 -34.60
CA GLY B 1023 5.96 41.95 -35.73
C GLY B 1023 7.25 41.34 -35.21
N LEU B 1024 8.10 40.88 -36.13
CA LEU B 1024 9.31 40.18 -35.74
C LEU B 1024 10.22 41.03 -34.88
N ASP B 1025 10.35 42.30 -35.24
CA ASP B 1025 11.19 43.23 -34.48
C ASP B 1025 10.66 43.43 -33.06
N GLU B 1026 9.34 43.46 -32.93
CA GLU B 1026 8.71 43.66 -31.65
C GLU B 1026 8.88 42.44 -30.75
N ILE B 1027 8.78 41.25 -31.35
CA ILE B 1027 9.04 40.00 -30.65
C ILE B 1027 10.47 39.98 -30.12
N GLU B 1028 11.41 40.25 -31.02
CA GLU B 1028 12.83 40.28 -30.68
C GLU B 1028 13.08 41.23 -29.52
N GLN B 1029 12.36 42.34 -29.52
CA GLN B 1029 12.48 43.35 -28.46
C GLN B 1029 11.95 42.85 -27.13
N GLU B 1030 10.85 42.10 -27.17
CA GLU B 1030 10.25 41.54 -25.96
C GLU B 1030 11.18 40.47 -25.37
N ILE B 1031 11.68 39.59 -26.23
CA ILE B 1031 12.67 38.60 -25.82
C ILE B 1031 13.86 39.27 -25.15
N PHE B 1032 14.32 40.36 -25.76
CA PHE B 1032 15.42 41.15 -25.23
C PHE B 1032 15.08 41.68 -23.84
N LYS B 1033 13.86 42.20 -23.69
CA LYS B 1033 13.42 42.77 -22.42
C LYS B 1033 13.41 41.74 -21.31
N LYS B 1034 13.25 40.46 -21.67
CA LYS B 1034 13.19 39.39 -20.69
C LYS B 1034 14.54 39.17 -20.01
N PHE B 1035 15.58 39.79 -20.56
CA PHE B 1035 16.92 39.62 -20.01
C PHE B 1035 17.39 40.86 -19.25
N LYS B 1036 16.45 41.69 -18.82
CA LYS B 1036 16.78 42.86 -17.99
C LYS B 1036 17.34 42.40 -16.65
N MET B 1037 18.55 42.87 -16.32
CA MET B 1037 19.26 42.38 -15.15
C MET B 1037 18.74 42.98 -13.84
N LYS B 1038 18.46 42.12 -12.87
CA LYS B 1038 18.14 42.56 -11.52
C LYS B 1038 19.41 42.64 -10.68
N GLY B 1039 19.34 43.34 -9.54
CA GLY B 1039 20.48 43.50 -8.68
C GLY B 1039 20.45 44.84 -7.97
N LEU B 1040 21.63 45.42 -7.73
CA LEU B 1040 21.74 46.69 -7.03
C LEU B 1040 22.73 47.62 -7.74
N LEU B 1041 22.40 48.91 -7.76
CA LEU B 1041 23.23 49.89 -8.46
C LEU B 1041 23.62 51.07 -7.58
N LEU B 1042 24.53 51.89 -8.09
CA LEU B 1042 24.88 53.16 -7.46
C LEU B 1042 24.20 54.30 -8.21
N GLY B 1043 23.33 55.03 -7.51
CA GLY B 1043 22.53 56.08 -8.11
C GLY B 1043 23.32 57.24 -8.69
N ASP B 1044 23.64 57.14 -9.97
CA ASP B 1044 24.28 58.23 -10.70
C ASP B 1044 23.73 58.29 -12.11
N GLN B 1045 23.65 59.51 -12.66
CA GLN B 1045 23.34 59.65 -14.08
C GLN B 1045 24.42 58.92 -14.85
N GLU B 1046 25.67 59.12 -14.43
CA GLU B 1046 26.83 58.53 -15.09
C GLU B 1046 26.82 56.99 -15.05
N VAL B 1047 26.50 56.43 -13.90
CA VAL B 1047 26.53 54.97 -13.73
C VAL B 1047 25.51 54.29 -14.62
N VAL B 1048 24.24 54.69 -14.51
CA VAL B 1048 23.17 54.10 -15.31
C VAL B 1048 23.43 54.29 -16.81
N ARG B 1049 23.79 55.51 -17.21
CA ARG B 1049 24.07 55.81 -18.61
C ARG B 1049 25.22 54.96 -19.13
N LEU B 1050 26.19 54.68 -18.27
CA LEU B 1050 27.31 53.84 -18.67
C LEU B 1050 26.84 52.39 -18.87
N MET B 1051 25.93 51.92 -18.03
CA MET B 1051 25.43 50.56 -18.12
C MET B 1051 24.44 50.40 -19.27
N ASP B 1052 23.76 51.48 -19.62
CA ASP B 1052 22.85 51.47 -20.75
C ASP B 1052 22.98 52.74 -21.57
N THR B 1053 23.82 52.68 -22.60
CA THR B 1053 24.13 53.85 -23.43
C THR B 1053 23.02 54.18 -24.42
N THR B 1054 22.03 53.29 -24.52
CA THR B 1054 20.87 53.54 -25.36
C THR B 1054 19.85 54.43 -24.64
N LEU B 1055 19.77 54.26 -23.33
CA LEU B 1055 18.81 55.00 -22.50
C LEU B 1055 19.01 56.50 -22.56
N GLN B 1056 18.00 57.20 -23.05
CA GLN B 1056 18.01 58.66 -23.11
C GLN B 1056 16.97 59.21 -22.15
N GLU B 1057 15.81 58.54 -22.12
CA GLU B 1057 14.71 58.93 -21.26
C GLU B 1057 13.78 57.73 -21.06
N GLY B 1058 13.25 57.58 -19.85
CA GLY B 1058 12.34 56.49 -19.56
C GLY B 1058 13.03 55.31 -18.91
N ARG B 1059 12.44 54.13 -19.06
CA ARG B 1059 12.96 52.91 -18.43
C ARG B 1059 13.99 52.21 -19.31
N SER B 1060 14.85 51.42 -18.68
CA SER B 1060 15.88 50.68 -19.39
C SER B 1060 15.46 49.23 -19.58
N ASN B 1061 15.98 48.59 -20.62
CA ASN B 1061 15.67 47.20 -20.92
C ASN B 1061 16.84 46.29 -20.58
N ILE B 1062 17.91 46.87 -20.04
CA ILE B 1062 19.10 46.11 -19.67
C ILE B 1062 19.28 46.11 -18.15
N ILE B 1063 19.18 47.29 -17.55
CA ILE B 1063 19.38 47.44 -16.12
C ILE B 1063 18.09 47.94 -15.48
N ASN B 1064 17.82 47.49 -14.26
CA ASN B 1064 16.61 47.88 -13.55
C ASN B 1064 16.71 49.31 -13.02
N ALA B 1065 16.85 50.27 -13.92
CA ALA B 1065 16.90 51.68 -13.55
C ALA B 1065 16.46 52.53 -14.73
N GLY B 1066 16.12 53.79 -14.47
CA GLY B 1066 15.63 54.66 -15.51
C GLY B 1066 15.99 56.12 -15.36
N LEU B 1067 15.87 56.87 -16.45
CA LEU B 1067 16.10 58.31 -16.43
C LEU B 1067 14.84 59.04 -16.83
N LYS B 1068 14.43 60.01 -16.02
CA LYS B 1068 13.24 60.80 -16.32
C LYS B 1068 13.55 61.90 -17.31
N LYS B 1069 12.51 62.64 -17.71
CA LYS B 1069 12.66 63.78 -18.60
C LYS B 1069 13.55 64.84 -17.96
N ASP B 1070 13.43 64.99 -16.63
CA ASP B 1070 14.25 65.94 -15.90
C ASP B 1070 15.72 65.50 -15.94
N GLY B 1071 15.94 64.20 -16.03
CA GLY B 1071 17.27 63.65 -16.15
C GLY B 1071 17.72 62.89 -14.91
N SER B 1072 17.10 63.18 -13.77
CA SER B 1072 17.45 62.50 -12.53
C SER B 1072 17.04 61.04 -12.56
N LEU B 1073 17.75 60.21 -11.79
CA LEU B 1073 17.40 58.81 -11.65
C LEU B 1073 16.00 58.69 -11.05
N ARG B 1074 15.15 57.87 -11.66
CA ARG B 1074 13.78 57.74 -11.18
C ARG B 1074 13.68 56.77 -10.02
N SER B 1075 12.75 57.05 -9.11
CA SER B 1075 12.66 56.39 -7.81
C SER B 1075 12.51 54.88 -7.83
N ASP B 1076 11.89 54.34 -8.88
CA ASP B 1076 11.66 52.90 -8.94
C ASP B 1076 12.94 52.11 -9.26
N SER B 1077 14.02 52.83 -9.52
CA SER B 1077 15.30 52.20 -9.82
C SER B 1077 15.86 51.43 -8.62
N ALA B 1078 16.50 50.31 -8.89
CA ALA B 1078 17.18 49.55 -7.85
C ALA B 1078 18.60 50.08 -7.65
N ALA B 1079 18.69 51.32 -7.19
CA ALA B 1079 19.97 51.96 -6.93
C ALA B 1079 20.03 52.52 -5.51
N VAL B 1080 21.24 52.56 -4.97
CA VAL B 1080 21.45 53.10 -3.62
C VAL B 1080 22.69 53.98 -3.59
N GLY B 1081 22.86 54.71 -2.50
CA GLY B 1081 24.02 55.58 -2.36
C GLY B 1081 25.32 54.82 -2.15
N GLU B 1082 26.41 55.47 -2.52
CA GLU B 1082 27.76 54.93 -2.30
C GLU B 1082 27.93 54.52 -0.85
N LYS B 1083 27.42 55.37 0.04
CA LYS B 1083 27.42 55.12 1.48
C LYS B 1083 26.65 53.85 1.82
N GLU B 1084 25.50 53.66 1.17
CA GLU B 1084 24.69 52.46 1.37
C GLU B 1084 25.47 51.21 0.99
N PHE B 1085 26.12 51.25 -0.16
CA PHE B 1085 26.98 50.17 -0.61
C PHE B 1085 28.02 49.83 0.44
N ASP B 1086 28.64 50.87 0.99
CA ASP B 1086 29.67 50.73 2.02
C ASP B 1086 29.10 50.08 3.27
N LEU B 1087 27.85 50.42 3.59
CA LEU B 1087 27.19 49.86 4.76
C LEU B 1087 26.99 48.35 4.61
N LEU B 1088 26.39 47.94 3.49
CA LEU B 1088 26.16 46.53 3.19
C LEU B 1088 27.48 45.76 3.15
N THR B 1089 28.47 46.33 2.47
CA THR B 1089 29.75 45.66 2.28
C THR B 1089 30.50 45.46 3.59
N LYS B 1090 30.41 46.45 4.48
CA LYS B 1090 30.98 46.30 5.81
C LYS B 1090 30.22 45.22 6.57
N HIS B 1091 28.90 45.22 6.41
CA HIS B 1091 28.02 44.28 7.11
C HIS B 1091 28.34 42.82 6.78
N VAL B 1092 28.64 42.53 5.51
CA VAL B 1092 28.96 41.17 5.10
C VAL B 1092 30.13 40.63 5.90
N ARG B 1093 31.19 41.44 6.00
CA ARG B 1093 32.38 41.06 6.74
C ARG B 1093 32.09 40.85 8.22
N ARG B 1094 31.13 41.62 8.72
CA ARG B 1094 30.65 41.46 10.09
C ARG B 1094 30.11 40.04 10.24
N THR B 1095 29.25 39.65 9.30
CA THR B 1095 28.65 38.31 9.30
C THR B 1095 29.70 37.20 9.21
N PHE B 1096 30.65 37.38 8.29
CA PHE B 1096 31.71 36.40 8.11
C PHE B 1096 32.50 36.19 9.39
N GLN B 1097 32.92 37.29 10.00
CA GLN B 1097 33.69 37.25 11.24
C GLN B 1097 32.94 36.48 12.33
N GLU B 1098 31.71 36.88 12.60
CA GLU B 1098 30.90 36.25 13.64
C GLU B 1098 30.62 34.78 13.33
N ALA B 1099 30.28 34.49 12.07
CA ALA B 1099 29.95 33.12 11.67
C ALA B 1099 31.15 32.20 11.87
N GLY B 1100 32.31 32.63 11.39
CA GLY B 1100 33.53 31.87 11.53
C GLY B 1100 33.87 31.63 12.98
N GLU B 1101 33.62 32.65 13.81
CA GLU B 1101 33.90 32.56 15.24
C GLU B 1101 33.01 31.52 15.89
N GLN B 1102 31.72 31.53 15.54
CA GLN B 1102 30.78 30.57 16.08
C GLN B 1102 31.08 29.17 15.55
N ILE B 1103 31.57 29.09 14.32
CA ILE B 1103 31.96 27.82 13.72
C ILE B 1103 33.11 27.18 14.49
N THR B 1104 34.13 27.97 14.82
CA THR B 1104 35.28 27.50 15.59
C THR B 1104 34.89 27.20 17.05
N ASP B 1105 33.95 27.97 17.57
CA ASP B 1105 33.51 27.80 18.95
C ASP B 1105 32.82 26.45 19.16
N GLY B 1106 32.44 25.80 18.07
CA GLY B 1106 31.85 24.48 18.13
C GLY B 1106 30.33 24.49 18.05
N ARG B 1107 29.77 25.57 17.55
CA ARG B 1107 28.32 25.73 17.46
C ARG B 1107 27.75 24.92 16.30
N VAL B 1108 26.90 23.97 16.63
CA VAL B 1108 26.30 23.08 15.63
C VAL B 1108 24.80 22.93 15.86
N SER B 1109 24.18 23.96 16.46
CA SER B 1109 22.79 23.89 16.90
C SER B 1109 21.79 23.88 15.75
N ILE B 1110 20.68 23.18 15.96
CA ILE B 1110 19.62 23.07 14.95
C ILE B 1110 18.71 24.29 14.99
N GLU B 1111 19.01 25.28 14.15
CA GLU B 1111 18.28 26.53 14.15
C GLU B 1111 17.80 26.92 12.76
N PRO B 1112 16.75 26.25 12.25
CA PRO B 1112 16.19 26.54 10.93
C PRO B 1112 15.45 27.88 10.94
N TYR B 1113 15.66 28.71 9.93
CA TYR B 1113 14.95 29.98 9.86
C TYR B 1113 13.62 29.82 9.14
N LYS B 1114 12.73 30.77 9.32
CA LYS B 1114 11.47 30.81 8.59
C LYS B 1114 11.16 32.24 8.16
N MET B 1115 11.30 32.50 6.86
CA MET B 1115 11.07 33.85 6.32
C MET B 1115 10.23 33.78 5.06
N LYS B 1116 9.05 34.41 5.12
CA LYS B 1116 8.06 34.38 4.03
C LYS B 1116 7.66 32.94 3.73
N ASN B 1117 7.37 32.19 4.79
CA ASN B 1117 6.99 30.78 4.68
C ASN B 1117 8.06 29.89 4.05
N LYS B 1118 9.24 30.46 3.81
CA LYS B 1118 10.34 29.72 3.20
C LYS B 1118 11.36 29.28 4.25
N THR B 1119 11.65 27.98 4.25
CA THR B 1119 12.60 27.39 5.18
C THR B 1119 13.71 26.64 4.45
N PRO B 1120 14.92 26.58 5.04
CA PRO B 1120 16.03 25.82 4.46
C PRO B 1120 15.71 24.34 4.34
N CYS B 1121 14.89 23.85 5.28
CA CYS B 1121 14.66 22.42 5.49
C CYS B 1121 14.25 21.66 4.23
N THR B 1122 13.41 22.30 3.41
CA THR B 1122 12.94 21.67 2.19
C THR B 1122 14.08 21.36 1.23
N TYR B 1123 15.07 22.25 1.16
CA TYR B 1123 16.18 22.09 0.24
C TYR B 1123 17.38 21.40 0.89
N CYS B 1124 17.17 20.79 2.05
CA CYS B 1124 18.26 20.22 2.84
C CYS B 1124 18.16 18.70 2.96
N ALA B 1125 19.27 18.02 2.75
CA ALA B 1125 19.30 16.56 2.72
C ALA B 1125 19.42 15.92 4.10
N PHE B 1126 19.69 16.74 5.12
CA PHE B 1126 19.99 16.21 6.45
C PHE B 1126 18.81 16.24 7.40
N LYS B 1127 17.60 16.27 6.84
CA LYS B 1127 16.39 16.33 7.66
C LYS B 1127 16.25 15.12 8.57
N SER B 1128 16.75 13.97 8.11
CA SER B 1128 16.65 12.75 8.89
C SER B 1128 17.76 12.63 9.92
N VAL B 1129 18.81 13.44 9.77
CA VAL B 1129 19.90 13.45 10.72
C VAL B 1129 19.56 14.35 11.92
N CYS B 1130 19.08 15.55 11.60
CA CYS B 1130 18.70 16.50 12.64
C CYS B 1130 17.51 15.99 13.44
N GLN B 1131 16.57 15.37 12.74
CA GLN B 1131 15.35 14.85 13.36
C GLN B 1131 14.59 15.97 14.05
N PHE B 1132 14.61 17.13 13.40
CA PHE B 1132 13.88 18.31 13.83
C PHE B 1132 12.40 18.01 14.07
N ASP B 1133 11.90 18.44 15.21
CA ASP B 1133 10.53 18.14 15.63
C ASP B 1133 9.91 19.35 16.30
N GLU B 1134 9.12 20.11 15.55
CA GLU B 1134 8.55 21.35 16.05
C GLU B 1134 7.69 21.12 17.28
N SER B 1135 6.86 20.07 17.24
CA SER B 1135 6.00 19.69 18.37
C SER B 1135 6.82 19.51 19.63
N LEU B 1136 7.91 18.75 19.50
CA LEU B 1136 8.88 18.58 20.56
C LEU B 1136 9.44 19.94 20.97
N GLU B 1137 9.47 20.20 22.27
CA GLU B 1137 9.83 21.54 22.77
C GLU B 1137 11.33 21.82 22.62
N GLU B 1138 11.66 23.11 22.62
CA GLU B 1138 13.03 23.62 22.41
C GLU B 1138 13.51 23.28 21.00
N ASN B 1139 12.57 23.07 20.09
CA ASN B 1139 12.86 22.82 18.69
C ASN B 1139 12.00 23.72 17.79
N GLU B 1140 12.43 24.97 17.62
CA GLU B 1140 11.58 25.93 16.90
C GLU B 1140 12.30 26.64 15.77
N TYR B 1141 11.53 27.03 14.76
CA TYR B 1141 12.04 27.83 13.65
C TYR B 1141 12.46 29.22 14.14
N ARG B 1142 13.49 29.78 13.51
CA ARG B 1142 13.87 31.16 13.72
C ARG B 1142 13.06 32.09 12.83
N PRO B 1143 12.07 32.79 13.40
CA PRO B 1143 11.29 33.69 12.56
C PRO B 1143 12.13 34.84 11.99
N LEU B 1144 12.26 34.89 10.67
CA LEU B 1144 12.94 35.99 10.03
C LEU B 1144 11.94 36.85 9.29
N LYS B 1145 11.98 38.15 9.56
CA LYS B 1145 10.99 39.07 9.03
C LYS B 1145 11.29 39.44 7.59
N ALA B 1146 10.24 39.57 6.78
CA ALA B 1146 10.37 40.02 5.40
C ALA B 1146 10.44 41.53 5.33
N GLU B 1147 11.42 42.09 6.05
CA GLU B 1147 11.47 43.54 6.23
C GLU B 1147 11.79 44.26 4.92
N LYS B 1148 11.28 45.48 4.83
CA LYS B 1148 11.45 46.33 3.67
C LYS B 1148 12.89 46.83 3.59
N ASP B 1149 13.43 46.85 2.36
CA ASP B 1149 14.83 47.17 2.11
C ASP B 1149 15.29 48.40 2.86
N LYS B 1150 14.44 49.42 2.88
CA LYS B 1150 14.72 50.66 3.59
C LYS B 1150 15.02 50.41 5.06
N THR B 1151 14.18 49.61 5.70
CA THR B 1151 14.39 49.24 7.11
C THR B 1151 15.72 48.55 7.31
N ILE B 1152 15.96 47.50 6.51
CA ILE B 1152 17.22 46.76 6.57
C ILE B 1152 18.41 47.71 6.63
N LEU B 1153 18.38 48.73 5.77
CA LEU B 1153 19.42 49.73 5.72
C LEU B 1153 19.52 50.53 7.01
N GLU B 1154 18.37 50.86 7.59
CA GLU B 1154 18.33 51.55 8.88
C GLU B 1154 19.03 50.73 9.94
N TRP B 1155 18.72 49.44 9.97
CA TRP B 1155 19.26 48.53 10.99
C TRP B 1155 20.76 48.39 10.80
N ILE B 1156 21.20 48.38 9.54
CA ILE B 1156 22.62 48.33 9.23
C ILE B 1156 23.31 49.57 9.78
N LYS B 1157 22.67 50.72 9.61
CA LYS B 1157 23.16 51.99 10.13
C LYS B 1157 23.39 51.91 11.63
N LYS B 1158 22.36 51.46 12.35
CA LYS B 1158 22.42 51.30 13.80
C LYS B 1158 23.56 50.38 14.21
N GLU B 1159 23.64 49.22 13.59
CA GLU B 1159 24.67 48.25 13.89
C GLU B 1159 26.00 48.61 13.24
PG ANP D . -28.96 13.21 2.12
O1G ANP D . -29.61 13.93 0.99
O2G ANP D . -28.35 11.86 1.60
O3G ANP D . -27.83 14.13 2.71
PB ANP D . -31.21 11.76 2.81
O1B ANP D . -30.52 10.58 2.24
O2B ANP D . -32.10 12.40 1.71
N3B ANP D . -30.10 12.89 3.34
PA ANP D . -31.61 10.45 5.20
O1A ANP D . -31.91 9.02 4.96
O2A ANP D . -30.12 10.79 5.42
O3A ANP D . -32.12 11.33 3.99
O5' ANP D . -32.52 10.93 6.42
C5' ANP D . -32.14 12.07 7.22
C4' ANP D . -32.47 11.79 8.68
O4' ANP D . -33.89 11.97 8.90
C3' ANP D . -32.11 10.40 9.18
O3' ANP D . -31.48 10.45 10.46
C2' ANP D . -33.45 9.67 9.23
O2' ANP D . -33.52 8.75 10.31
C1' ANP D . -34.47 10.80 9.43
N9 ANP D . -35.72 10.57 8.77
C8 ANP D . -35.95 10.45 7.40
N7 ANP D . -37.19 10.26 7.07
C5 ANP D . -37.85 10.27 8.27
C6 ANP D . -39.22 10.12 8.61
N6 ANP D . -40.19 9.93 7.70
N1 ANP D . -39.56 10.18 9.92
C2 ANP D . -38.61 10.37 10.82
N3 ANP D . -37.28 10.53 10.63
C4 ANP D . -36.99 10.47 9.32
MG MG E . -28.64 9.82 1.93
FE1 SF4 F . 18.76 22.51 9.93
FE2 SF4 F . 16.11 22.00 8.38
FE3 SF4 F . 17.54 19.65 9.86
FE4 SF4 F . 18.78 20.88 7.31
S1 SF4 F . 16.83 20.02 7.81
S2 SF4 F . 19.49 20.52 9.36
S3 SF4 F . 18.07 22.86 7.89
S4 SF4 F . 16.80 21.64 10.43
PG ANP G . -17.05 -34.19 18.16
O1G ANP G . -16.85 -32.72 18.18
O2G ANP G . -15.75 -34.87 17.62
O3G ANP G . -18.27 -34.55 17.23
PB ANP G . -17.17 -36.34 19.96
O1B ANP G . -16.25 -36.89 18.96
O2B ANP G . -18.53 -37.08 19.81
N3B ANP G . -17.36 -34.69 19.75
PA ANP G . -15.07 -36.76 21.67
O1A ANP G . -14.71 -38.19 21.68
O2A ANP G . -14.35 -35.92 20.62
O3A ANP G . -16.62 -36.58 21.39
O5' ANP G . -14.82 -36.19 23.13
C5' ANP G . -14.74 -34.76 23.33
C4' ANP G . -14.29 -34.45 24.74
O4' ANP G . -15.03 -35.24 25.68
C3' ANP G . -12.80 -34.71 25.02
O3' ANP G . -12.24 -33.61 25.75
C2' ANP G . -12.81 -35.98 25.86
O2' ANP G . -11.73 -36.04 26.77
C1' ANP G . -14.14 -35.86 26.59
N9 ANP G . -14.72 -37.12 27.00
C8 ANP G . -14.80 -38.28 26.24
N7 ANP G . -15.39 -39.27 26.84
C5 ANP G . -15.74 -38.75 28.11
C6 ANP G . -16.39 -39.31 29.20
N6 ANP G . -16.82 -40.57 29.25
N1 ANP G . -16.57 -38.52 30.28
C2 ANP G . -16.13 -37.26 30.22
N3 ANP G . -15.51 -36.62 29.24
C4 ANP G . -15.33 -37.44 28.17
MG MG H . -14.79 -36.71 17.53
#